data_1IIY
# 
_entry.id   1IIY 
# 
_audit_conform.dict_name       mmcif_pdbx.dic 
_audit_conform.dict_version    5.398 
_audit_conform.dict_location   http://mmcif.pdb.org/dictionaries/ascii/mmcif_pdbx.dic 
# 
loop_
_database_2.database_id 
_database_2.database_code 
_database_2.pdbx_database_accession 
_database_2.pdbx_DOI 
PDB   1IIY         pdb_00001iiy 10.2210/pdb1iiy/pdb 
RCSB  RCSB013314   ?            ?                   
WWPDB D_1000013314 ?            ?                   
# 
loop_
_pdbx_audit_revision_history.ordinal 
_pdbx_audit_revision_history.data_content_type 
_pdbx_audit_revision_history.major_revision 
_pdbx_audit_revision_history.minor_revision 
_pdbx_audit_revision_history.revision_date 
1 'Structure model' 1 0 2001-10-24 
2 'Structure model' 1 1 2007-10-21 
3 'Structure model' 1 2 2011-07-13 
4 'Structure model' 2 0 2020-07-29 
5 'Structure model' 2 1 2024-11-13 
# 
loop_
_pdbx_audit_revision_details.ordinal 
_pdbx_audit_revision_details.revision_ordinal 
_pdbx_audit_revision_details.data_content_type 
_pdbx_audit_revision_details.provider 
_pdbx_audit_revision_details.type 
_pdbx_audit_revision_details.description 
_pdbx_audit_revision_details.details 
1 1 'Structure model' repository 'Initial release' ?                          ? 
2 4 'Structure model' repository Remediation       'Carbohydrate remediation' ? 
# 
loop_
_pdbx_audit_revision_group.ordinal 
_pdbx_audit_revision_group.revision_ordinal 
_pdbx_audit_revision_group.data_content_type 
_pdbx_audit_revision_group.group 
1 2 'Structure model' 'Version format compliance' 
2 3 'Structure model' 'Version format compliance' 
3 4 'Structure model' 'Atomic model'              
4 4 'Structure model' 'Data collection'           
5 4 'Structure model' 'Derived calculations'      
6 4 'Structure model' 'Structure summary'         
7 5 'Structure model' 'Data collection'           
8 5 'Structure model' 'Database references'       
9 5 'Structure model' 'Structure summary'         
# 
loop_
_pdbx_audit_revision_category.ordinal 
_pdbx_audit_revision_category.revision_ordinal 
_pdbx_audit_revision_category.data_content_type 
_pdbx_audit_revision_category.category 
1  4 'Structure model' atom_site                     
2  4 'Structure model' chem_comp                     
3  4 'Structure model' entity                        
4  4 'Structure model' entity_name_com               
5  4 'Structure model' pdbx_branch_scheme            
6  4 'Structure model' pdbx_chem_comp_identifier     
7  4 'Structure model' pdbx_entity_branch            
8  4 'Structure model' pdbx_entity_branch_descriptor 
9  4 'Structure model' pdbx_entity_branch_link       
10 4 'Structure model' pdbx_entity_branch_list       
11 4 'Structure model' pdbx_entity_nonpoly           
12 4 'Structure model' pdbx_molecule_features        
13 4 'Structure model' pdbx_nonpoly_scheme           
14 4 'Structure model' pdbx_struct_assembly          
15 4 'Structure model' pdbx_struct_oper_list         
16 4 'Structure model' struct_asym                   
17 4 'Structure model' struct_conn                   
18 4 'Structure model' struct_site                   
19 4 'Structure model' struct_site_gen               
20 5 'Structure model' chem_comp                     
21 5 'Structure model' chem_comp_atom                
22 5 'Structure model' chem_comp_bond                
23 5 'Structure model' database_2                    
24 5 'Structure model' pdbx_entry_details            
25 5 'Structure model' pdbx_modification_feature     
# 
loop_
_pdbx_audit_revision_item.ordinal 
_pdbx_audit_revision_item.revision_ordinal 
_pdbx_audit_revision_item.data_content_type 
_pdbx_audit_revision_item.item 
1  4 'Structure model' '_atom_site.auth_asym_id'                      
2  4 'Structure model' '_atom_site.auth_seq_id'                       
3  4 'Structure model' '_atom_site.label_asym_id'                     
4  4 'Structure model' '_chem_comp.name'                              
5  4 'Structure model' '_chem_comp.type'                              
6  4 'Structure model' '_entity.formula_weight'                       
7  4 'Structure model' '_entity.pdbx_description'                     
8  4 'Structure model' '_entity.pdbx_number_of_molecules'             
9  4 'Structure model' '_entity.type'                                 
10 4 'Structure model' '_struct_conn.pdbx_leaving_atom_flag'          
11 4 'Structure model' '_struct_conn.ptnr1_auth_asym_id'              
12 4 'Structure model' '_struct_conn.ptnr1_auth_seq_id'               
13 4 'Structure model' '_struct_conn.ptnr1_label_asym_id'             
14 4 'Structure model' '_struct_conn.ptnr2_auth_asym_id'              
15 4 'Structure model' '_struct_conn.ptnr2_auth_seq_id'               
16 4 'Structure model' '_struct_conn.ptnr2_label_asym_id'             
17 5 'Structure model' '_chem_comp.pdbx_synonyms'                     
18 5 'Structure model' '_database_2.pdbx_DOI'                         
19 5 'Structure model' '_database_2.pdbx_database_accession'          
20 5 'Structure model' '_pdbx_entry_details.has_protein_modification' 
# 
_pdbx_database_status.status_code                     REL 
_pdbx_database_status.entry_id                        1IIY 
_pdbx_database_status.recvd_initial_deposition_date   2001-04-24 
_pdbx_database_status.deposit_site                    RCSB 
_pdbx_database_status.process_site                    RCSB 
_pdbx_database_status.SG_entry                        . 
_pdbx_database_status.pdb_format_compatible           Y 
_pdbx_database_status.status_code_mr                  ? 
_pdbx_database_status.status_code_sf                  ? 
_pdbx_database_status.status_code_cs                  ? 
_pdbx_database_status.status_code_nmr_data            ? 
_pdbx_database_status.methods_development_category    ? 
# 
_audit_author.name           'Bewley, C.A.' 
_audit_author.pdbx_ordinal   1 
# 
_citation.id                        primary 
_citation.title                     
;Solution Structure of a Cyanovirin-N:Man alpha 1-2Man alpha Complex. Structural Basis for High Affinity Carbohydrate-Mediated Binding to gp120
;
_citation.journal_abbrev            Structure 
_citation.journal_volume            9 
_citation.page_first                931 
_citation.page_last                 940 
_citation.year                      2001 
_citation.journal_id_ASTM           STRUE6 
_citation.country                   UK 
_citation.journal_id_ISSN           0969-2126 
_citation.journal_id_CSD            2005 
_citation.book_publisher            ? 
_citation.pdbx_database_id_PubMed   11591348 
_citation.pdbx_database_id_DOI      '10.1016/S0969-2126(01)00653-0' 
# 
_citation_author.citation_id        primary 
_citation_author.name               'Bewley, C.A.' 
_citation_author.ordinal            1 
_citation_author.identifier_ORCID   ? 
# 
loop_
_entity.id 
_entity.type 
_entity.src_method 
_entity.pdbx_description 
_entity.formula_weight 
_entity.pdbx_number_of_molecules 
_entity.pdbx_ec 
_entity.pdbx_mutation 
_entity.pdbx_fragment 
_entity.details 
1 polymer  nat CYANOVIRIN-N                                        11022.090 1 ? ? ? ? 
2 branched man 'alpha-D-mannopyranose-(1-2)-alpha-D-mannopyranose' 342.297   2 ? ? ? ? 
# 
_entity_name_com.entity_id   2 
_entity_name_com.name        2alpha-alpha-mannobiose 
# 
_entity_poly.entity_id                      1 
_entity_poly.type                           'polypeptide(L)' 
_entity_poly.nstd_linkage                   no 
_entity_poly.nstd_monomer                   no 
_entity_poly.pdbx_seq_one_letter_code       
;LGKFSQTCYNSAIQGSVLTSTCERTNGGYNTSSIDLNSVIENVDGSLKWQPSNFIETCRNTQLAGSSELAAECKTRAQQF
VSTKINLDDHIANIDGTLKYE
;
_entity_poly.pdbx_seq_one_letter_code_can   
;LGKFSQTCYNSAIQGSVLTSTCERTNGGYNTSSIDLNSVIENVDGSLKWQPSNFIETCRNTQLAGSSELAAECKTRAQQF
VSTKINLDDHIANIDGTLKYE
;
_entity_poly.pdbx_strand_id                 A 
_entity_poly.pdbx_target_identifier         ? 
# 
loop_
_entity_poly_seq.entity_id 
_entity_poly_seq.num 
_entity_poly_seq.mon_id 
_entity_poly_seq.hetero 
1 1   LEU n 
1 2   GLY n 
1 3   LYS n 
1 4   PHE n 
1 5   SER n 
1 6   GLN n 
1 7   THR n 
1 8   CYS n 
1 9   TYR n 
1 10  ASN n 
1 11  SER n 
1 12  ALA n 
1 13  ILE n 
1 14  GLN n 
1 15  GLY n 
1 16  SER n 
1 17  VAL n 
1 18  LEU n 
1 19  THR n 
1 20  SER n 
1 21  THR n 
1 22  CYS n 
1 23  GLU n 
1 24  ARG n 
1 25  THR n 
1 26  ASN n 
1 27  GLY n 
1 28  GLY n 
1 29  TYR n 
1 30  ASN n 
1 31  THR n 
1 32  SER n 
1 33  SER n 
1 34  ILE n 
1 35  ASP n 
1 36  LEU n 
1 37  ASN n 
1 38  SER n 
1 39  VAL n 
1 40  ILE n 
1 41  GLU n 
1 42  ASN n 
1 43  VAL n 
1 44  ASP n 
1 45  GLY n 
1 46  SER n 
1 47  LEU n 
1 48  LYS n 
1 49  TRP n 
1 50  GLN n 
1 51  PRO n 
1 52  SER n 
1 53  ASN n 
1 54  PHE n 
1 55  ILE n 
1 56  GLU n 
1 57  THR n 
1 58  CYS n 
1 59  ARG n 
1 60  ASN n 
1 61  THR n 
1 62  GLN n 
1 63  LEU n 
1 64  ALA n 
1 65  GLY n 
1 66  SER n 
1 67  SER n 
1 68  GLU n 
1 69  LEU n 
1 70  ALA n 
1 71  ALA n 
1 72  GLU n 
1 73  CYS n 
1 74  LYS n 
1 75  THR n 
1 76  ARG n 
1 77  ALA n 
1 78  GLN n 
1 79  GLN n 
1 80  PHE n 
1 81  VAL n 
1 82  SER n 
1 83  THR n 
1 84  LYS n 
1 85  ILE n 
1 86  ASN n 
1 87  LEU n 
1 88  ASP n 
1 89  ASP n 
1 90  HIS n 
1 91  ILE n 
1 92  ALA n 
1 93  ASN n 
1 94  ILE n 
1 95  ASP n 
1 96  GLY n 
1 97  THR n 
1 98  LEU n 
1 99  LYS n 
1 100 TYR n 
1 101 GLU n 
# 
_entity_src_nat.entity_id                  1 
_entity_src_nat.pdbx_src_id                1 
_entity_src_nat.pdbx_alt_source_flag       sample 
_entity_src_nat.pdbx_beg_seq_num           ? 
_entity_src_nat.pdbx_end_seq_num           ? 
_entity_src_nat.common_name                ? 
_entity_src_nat.pdbx_organism_scientific   'Nostoc ellipsosporum' 
_entity_src_nat.pdbx_ncbi_taxonomy_id      45916 
_entity_src_nat.genus                      Nostoc 
_entity_src_nat.species                    ? 
_entity_src_nat.strain                     ? 
_entity_src_nat.tissue                     ? 
_entity_src_nat.tissue_fraction            ? 
_entity_src_nat.pdbx_secretion             ? 
_entity_src_nat.pdbx_fragment              ? 
_entity_src_nat.pdbx_variant               ? 
_entity_src_nat.pdbx_cell_line             ? 
_entity_src_nat.pdbx_atcc                  ? 
_entity_src_nat.pdbx_cellular_location     ? 
_entity_src_nat.pdbx_organ                 ? 
_entity_src_nat.pdbx_organelle             ? 
_entity_src_nat.pdbx_cell                  ? 
_entity_src_nat.pdbx_plasmid_name          ? 
_entity_src_nat.pdbx_plasmid_details       ? 
_entity_src_nat.details                    ? 
# 
_pdbx_entity_branch.entity_id   2 
_pdbx_entity_branch.type        oligosaccharide 
# 
loop_
_pdbx_entity_branch_descriptor.ordinal 
_pdbx_entity_branch_descriptor.entity_id 
_pdbx_entity_branch_descriptor.descriptor 
_pdbx_entity_branch_descriptor.type 
_pdbx_entity_branch_descriptor.program 
_pdbx_entity_branch_descriptor.program_version 
1 2 DManpa1-2DManpa1-ROH                        'Glycam Condensed Sequence' GMML       1.0   
2 2 'WURCS=2.0/1,2,1/[a1122h-1a_1-5]/1-1/a2-b1' WURCS                       PDB2Glycan 1.1.0 
3 2 '[][a-D-Manp]{[(2+1)][a-D-Manp]{}}'         LINUCS                      PDB-CARE   ?     
# 
_pdbx_entity_branch_link.link_id                    1 
_pdbx_entity_branch_link.entity_id                  2 
_pdbx_entity_branch_link.entity_branch_list_num_1   2 
_pdbx_entity_branch_link.comp_id_1                  MAN 
_pdbx_entity_branch_link.atom_id_1                  C1 
_pdbx_entity_branch_link.leaving_atom_id_1          O1 
_pdbx_entity_branch_link.entity_branch_list_num_2   1 
_pdbx_entity_branch_link.comp_id_2                  MAN 
_pdbx_entity_branch_link.atom_id_2                  O2 
_pdbx_entity_branch_link.leaving_atom_id_2          HO2 
_pdbx_entity_branch_link.value_order                sing 
_pdbx_entity_branch_link.details                    ? 
# 
loop_
_chem_comp.id 
_chem_comp.type 
_chem_comp.mon_nstd_flag 
_chem_comp.name 
_chem_comp.pdbx_synonyms 
_chem_comp.formula 
_chem_comp.formula_weight 
ALA 'L-peptide linking'           y ALANINE               ?                                     'C3 H7 N O2'     89.093  
ARG 'L-peptide linking'           y ARGININE              ?                                     'C6 H15 N4 O2 1' 175.209 
ASN 'L-peptide linking'           y ASPARAGINE            ?                                     'C4 H8 N2 O3'    132.118 
ASP 'L-peptide linking'           y 'ASPARTIC ACID'       ?                                     'C4 H7 N O4'     133.103 
CYS 'L-peptide linking'           y CYSTEINE              ?                                     'C3 H7 N O2 S'   121.158 
GLN 'L-peptide linking'           y GLUTAMINE             ?                                     'C5 H10 N2 O3'   146.144 
GLU 'L-peptide linking'           y 'GLUTAMIC ACID'       ?                                     'C5 H9 N O4'     147.129 
GLY 'peptide linking'             y GLYCINE               ?                                     'C2 H5 N O2'     75.067  
HIS 'L-peptide linking'           y HISTIDINE             ?                                     'C6 H10 N3 O2 1' 156.162 
ILE 'L-peptide linking'           y ISOLEUCINE            ?                                     'C6 H13 N O2'    131.173 
LEU 'L-peptide linking'           y LEUCINE               ?                                     'C6 H13 N O2'    131.173 
LYS 'L-peptide linking'           y LYSINE                ?                                     'C6 H15 N2 O2 1' 147.195 
MAN 'D-saccharide, alpha linking' . alpha-D-mannopyranose 'alpha-D-mannose; D-mannose; mannose' 'C6 H12 O6'      180.156 
PHE 'L-peptide linking'           y PHENYLALANINE         ?                                     'C9 H11 N O2'    165.189 
PRO 'L-peptide linking'           y PROLINE               ?                                     'C5 H9 N O2'     115.130 
SER 'L-peptide linking'           y SERINE                ?                                     'C3 H7 N O3'     105.093 
THR 'L-peptide linking'           y THREONINE             ?                                     'C4 H9 N O3'     119.119 
TRP 'L-peptide linking'           y TRYPTOPHAN            ?                                     'C11 H12 N2 O2'  204.225 
TYR 'L-peptide linking'           y TYROSINE              ?                                     'C9 H11 N O3'    181.189 
VAL 'L-peptide linking'           y VALINE                ?                                     'C5 H11 N O2'    117.146 
# 
loop_
_pdbx_chem_comp_identifier.comp_id 
_pdbx_chem_comp_identifier.type 
_pdbx_chem_comp_identifier.program 
_pdbx_chem_comp_identifier.program_version 
_pdbx_chem_comp_identifier.identifier 
MAN 'CONDENSED IUPAC CARBOHYDRATE SYMBOL' GMML     1.0 DManpa            
MAN 'COMMON NAME'                         GMML     1.0 a-D-mannopyranose 
MAN 'IUPAC CARBOHYDRATE SYMBOL'           PDB-CARE 1.0 a-D-Manp          
MAN 'SNFG CARBOHYDRATE SYMBOL'            GMML     1.0 Man               
# 
loop_
_pdbx_poly_seq_scheme.asym_id 
_pdbx_poly_seq_scheme.entity_id 
_pdbx_poly_seq_scheme.seq_id 
_pdbx_poly_seq_scheme.mon_id 
_pdbx_poly_seq_scheme.ndb_seq_num 
_pdbx_poly_seq_scheme.pdb_seq_num 
_pdbx_poly_seq_scheme.auth_seq_num 
_pdbx_poly_seq_scheme.pdb_mon_id 
_pdbx_poly_seq_scheme.auth_mon_id 
_pdbx_poly_seq_scheme.pdb_strand_id 
_pdbx_poly_seq_scheme.pdb_ins_code 
_pdbx_poly_seq_scheme.hetero 
A 1 1   LEU 1   1   1   LEU LEU A . n 
A 1 2   GLY 2   2   2   GLY GLY A . n 
A 1 3   LYS 3   3   3   LYS LYS A . n 
A 1 4   PHE 4   4   4   PHE PHE A . n 
A 1 5   SER 5   5   5   SER SER A . n 
A 1 6   GLN 6   6   6   GLN GLN A . n 
A 1 7   THR 7   7   7   THR THR A . n 
A 1 8   CYS 8   8   8   CYS CYS A . n 
A 1 9   TYR 9   9   9   TYR TYR A . n 
A 1 10  ASN 10  10  10  ASN ASN A . n 
A 1 11  SER 11  11  11  SER SER A . n 
A 1 12  ALA 12  12  12  ALA ALA A . n 
A 1 13  ILE 13  13  13  ILE ILE A . n 
A 1 14  GLN 14  14  14  GLN GLN A . n 
A 1 15  GLY 15  15  15  GLY GLY A . n 
A 1 16  SER 16  16  16  SER SER A . n 
A 1 17  VAL 17  17  17  VAL VAL A . n 
A 1 18  LEU 18  18  18  LEU LEU A . n 
A 1 19  THR 19  19  19  THR THR A . n 
A 1 20  SER 20  20  20  SER SER A . n 
A 1 21  THR 21  21  21  THR THR A . n 
A 1 22  CYS 22  22  22  CYS CYS A . n 
A 1 23  GLU 23  23  23  GLU GLU A . n 
A 1 24  ARG 24  24  24  ARG ARG A . n 
A 1 25  THR 25  25  25  THR THR A . n 
A 1 26  ASN 26  26  26  ASN ASN A . n 
A 1 27  GLY 27  27  27  GLY GLY A . n 
A 1 28  GLY 28  28  28  GLY GLY A . n 
A 1 29  TYR 29  29  29  TYR TYR A . n 
A 1 30  ASN 30  30  30  ASN ASN A . n 
A 1 31  THR 31  31  31  THR THR A . n 
A 1 32  SER 32  32  32  SER SER A . n 
A 1 33  SER 33  33  33  SER SER A . n 
A 1 34  ILE 34  34  34  ILE ILE A . n 
A 1 35  ASP 35  35  35  ASP ASP A . n 
A 1 36  LEU 36  36  36  LEU LEU A . n 
A 1 37  ASN 37  37  37  ASN ASN A . n 
A 1 38  SER 38  38  38  SER SER A . n 
A 1 39  VAL 39  39  39  VAL VAL A . n 
A 1 40  ILE 40  40  40  ILE ILE A . n 
A 1 41  GLU 41  41  41  GLU GLU A . n 
A 1 42  ASN 42  42  42  ASN ASN A . n 
A 1 43  VAL 43  43  43  VAL VAL A . n 
A 1 44  ASP 44  44  44  ASP ASP A . n 
A 1 45  GLY 45  45  45  GLY GLY A . n 
A 1 46  SER 46  46  46  SER SER A . n 
A 1 47  LEU 47  47  47  LEU LEU A . n 
A 1 48  LYS 48  48  48  LYS LYS A . n 
A 1 49  TRP 49  49  49  TRP TRP A . n 
A 1 50  GLN 50  50  50  GLN GLN A . n 
A 1 51  PRO 51  51  51  PRO PRO A . n 
A 1 52  SER 52  52  52  SER SER A . n 
A 1 53  ASN 53  53  53  ASN ASN A . n 
A 1 54  PHE 54  54  54  PHE PHE A . n 
A 1 55  ILE 55  55  55  ILE ILE A . n 
A 1 56  GLU 56  56  56  GLU GLU A . n 
A 1 57  THR 57  57  57  THR THR A . n 
A 1 58  CYS 58  58  58  CYS CYS A . n 
A 1 59  ARG 59  59  59  ARG ARG A . n 
A 1 60  ASN 60  60  60  ASN ASN A . n 
A 1 61  THR 61  61  61  THR THR A . n 
A 1 62  GLN 62  62  62  GLN GLN A . n 
A 1 63  LEU 63  63  63  LEU LEU A . n 
A 1 64  ALA 64  64  64  ALA ALA A . n 
A 1 65  GLY 65  65  65  GLY GLY A . n 
A 1 66  SER 66  66  66  SER SER A . n 
A 1 67  SER 67  67  67  SER SER A . n 
A 1 68  GLU 68  68  68  GLU GLU A . n 
A 1 69  LEU 69  69  69  LEU LEU A . n 
A 1 70  ALA 70  70  70  ALA ALA A . n 
A 1 71  ALA 71  71  71  ALA ALA A . n 
A 1 72  GLU 72  72  72  GLU GLU A . n 
A 1 73  CYS 73  73  73  CYS CYS A . n 
A 1 74  LYS 74  74  74  LYS LYS A . n 
A 1 75  THR 75  75  75  THR THR A . n 
A 1 76  ARG 76  76  76  ARG ARG A . n 
A 1 77  ALA 77  77  77  ALA ALA A . n 
A 1 78  GLN 78  78  78  GLN GLN A . n 
A 1 79  GLN 79  79  79  GLN GLN A . n 
A 1 80  PHE 80  80  80  PHE PHE A . n 
A 1 81  VAL 81  81  81  VAL VAL A . n 
A 1 82  SER 82  82  82  SER SER A . n 
A 1 83  THR 83  83  83  THR THR A . n 
A 1 84  LYS 84  84  84  LYS LYS A . n 
A 1 85  ILE 85  85  85  ILE ILE A . n 
A 1 86  ASN 86  86  86  ASN ASN A . n 
A 1 87  LEU 87  87  87  LEU LEU A . n 
A 1 88  ASP 88  88  88  ASP ASP A . n 
A 1 89  ASP 89  89  89  ASP ASP A . n 
A 1 90  HIS 90  90  90  HIS HIS A . n 
A 1 91  ILE 91  91  91  ILE ILE A . n 
A 1 92  ALA 92  92  92  ALA ALA A . n 
A 1 93  ASN 93  93  93  ASN ASN A . n 
A 1 94  ILE 94  94  94  ILE ILE A . n 
A 1 95  ASP 95  95  95  ASP ASP A . n 
A 1 96  GLY 96  96  96  GLY GLY A . n 
A 1 97  THR 97  97  97  THR THR A . n 
A 1 98  LEU 98  98  98  LEU LEU A . n 
A 1 99  LYS 99  99  99  LYS LYS A . n 
A 1 100 TYR 100 100 100 TYR TYR A . n 
A 1 101 GLU 101 101 101 GLU GLU A . n 
# 
loop_
_pdbx_branch_scheme.asym_id 
_pdbx_branch_scheme.entity_id 
_pdbx_branch_scheme.mon_id 
_pdbx_branch_scheme.num 
_pdbx_branch_scheme.pdb_asym_id 
_pdbx_branch_scheme.pdb_mon_id 
_pdbx_branch_scheme.pdb_seq_num 
_pdbx_branch_scheme.auth_asym_id 
_pdbx_branch_scheme.auth_mon_id 
_pdbx_branch_scheme.auth_seq_num 
_pdbx_branch_scheme.hetero 
B 2 MAN 1 B MAN 1 ? MAN 201 n 
B 2 MAN 2 B MAN 2 ? MAN 201 n 
C 2 MAN 1 C MAN 1 ? MAN 202 n 
C 2 MAN 2 C MAN 2 ? MAN 202 n 
# 
_exptl.entry_id          1IIY 
_exptl.method            'SOLUTION NMR' 
_exptl.crystals_number   ? 
# 
_struct.entry_id                  1IIY 
_struct.title                     
'Solution NMR Structure of Complex of 1:2 Cyanovirin-N:Man-Alpha1,2-Man-Alpha Restrained Regularized Mean Coordinates' 
_struct.pdbx_model_details        ? 
_struct.pdbx_CASP_flag            ? 
_struct.pdbx_model_type_details   ? 
# 
_struct_keywords.entry_id        1IIY 
_struct_keywords.pdbx_keywords   'ANTIVIRAL PROTEIN' 
_struct_keywords.text            'HIV-INACTIVATING PROTEIN, MAN-ALPHA1, 2-MAN-ALPHA, ANTIVIRAL PROTEIN' 
# 
loop_
_struct_asym.id 
_struct_asym.pdbx_blank_PDB_chainid_flag 
_struct_asym.pdbx_modified 
_struct_asym.entity_id 
_struct_asym.details 
A N N 1 ? 
B N N 2 ? 
C N N 2 ? 
# 
_struct_ref.id                         1 
_struct_ref.db_name                    UNP 
_struct_ref.db_code                    CVN_NOSEL 
_struct_ref.entity_id                  1 
_struct_ref.pdbx_seq_one_letter_code   
;LGKFSQTCYNSAIQGSVLTSTCERTNGGYNTSSIDLNSVIENVDGSLKWQPSNFIETCRNTQLAGSSELAAECKTRAQQF
VSTKINLDDHIANIDGTLKYE
;
_struct_ref.pdbx_align_begin           1 
_struct_ref.pdbx_db_accession          P81180 
_struct_ref.pdbx_db_isoform            ? 
# 
_struct_ref_seq.align_id                      1 
_struct_ref_seq.ref_id                        1 
_struct_ref_seq.pdbx_PDB_id_code              1IIY 
_struct_ref_seq.pdbx_strand_id                A 
_struct_ref_seq.seq_align_beg                 1 
_struct_ref_seq.pdbx_seq_align_beg_ins_code   ? 
_struct_ref_seq.seq_align_end                 101 
_struct_ref_seq.pdbx_seq_align_end_ins_code   ? 
_struct_ref_seq.pdbx_db_accession             P81180 
_struct_ref_seq.db_align_beg                  1 
_struct_ref_seq.pdbx_db_align_beg_ins_code    ? 
_struct_ref_seq.db_align_end                  101 
_struct_ref_seq.pdbx_db_align_end_ins_code    ? 
_struct_ref_seq.pdbx_auth_seq_align_beg       1 
_struct_ref_seq.pdbx_auth_seq_align_end       101 
# 
_pdbx_struct_assembly.id                   1 
_pdbx_struct_assembly.details              author_defined_assembly 
_pdbx_struct_assembly.method_details       ? 
_pdbx_struct_assembly.oligomeric_details   monomeric 
_pdbx_struct_assembly.oligomeric_count     1 
# 
_pdbx_struct_assembly_gen.assembly_id       1 
_pdbx_struct_assembly_gen.oper_expression   1 
_pdbx_struct_assembly_gen.asym_id_list      A,B,C 
# 
_pdbx_struct_oper_list.id                   1 
_pdbx_struct_oper_list.type                 'identity operation' 
_pdbx_struct_oper_list.name                 1_555 
_pdbx_struct_oper_list.symmetry_operation   x,y,z 
_pdbx_struct_oper_list.matrix[1][1]         1.0000000000 
_pdbx_struct_oper_list.matrix[1][2]         0.0000000000 
_pdbx_struct_oper_list.matrix[1][3]         0.0000000000 
_pdbx_struct_oper_list.vector[1]            0.0000000000 
_pdbx_struct_oper_list.matrix[2][1]         0.0000000000 
_pdbx_struct_oper_list.matrix[2][2]         1.0000000000 
_pdbx_struct_oper_list.matrix[2][3]         0.0000000000 
_pdbx_struct_oper_list.vector[2]            0.0000000000 
_pdbx_struct_oper_list.matrix[3][1]         0.0000000000 
_pdbx_struct_oper_list.matrix[3][2]         0.0000000000 
_pdbx_struct_oper_list.matrix[3][3]         1.0000000000 
_pdbx_struct_oper_list.vector[3]            0.0000000000 
# 
_struct_biol.id   1 
# 
loop_
_struct_conf.conf_type_id 
_struct_conf.id 
_struct_conf.pdbx_PDB_helix_id 
_struct_conf.beg_label_comp_id 
_struct_conf.beg_label_asym_id 
_struct_conf.beg_label_seq_id 
_struct_conf.pdbx_beg_PDB_ins_code 
_struct_conf.end_label_comp_id 
_struct_conf.end_label_asym_id 
_struct_conf.end_label_seq_id 
_struct_conf.pdbx_end_PDB_ins_code 
_struct_conf.beg_auth_comp_id 
_struct_conf.beg_auth_asym_id 
_struct_conf.beg_auth_seq_id 
_struct_conf.end_auth_comp_id 
_struct_conf.end_auth_asym_id 
_struct_conf.end_auth_seq_id 
_struct_conf.pdbx_PDB_helix_class 
_struct_conf.details 
_struct_conf.pdbx_PDB_helix_length 
HELX_P HELX_P1 1 LYS A 3  ? GLN A 6  ? LYS A 3  GLN A 6  5 ? 4 
HELX_P HELX_P2 2 ASN A 53 ? GLU A 56 ? ASN A 53 GLU A 56 5 ? 4 
# 
_struct_conf_type.id          HELX_P 
_struct_conf_type.criteria    ? 
_struct_conf_type.reference   ? 
# 
loop_
_struct_conn.id 
_struct_conn.conn_type_id 
_struct_conn.pdbx_leaving_atom_flag 
_struct_conn.pdbx_PDB_id 
_struct_conn.ptnr1_label_asym_id 
_struct_conn.ptnr1_label_comp_id 
_struct_conn.ptnr1_label_seq_id 
_struct_conn.ptnr1_label_atom_id 
_struct_conn.pdbx_ptnr1_label_alt_id 
_struct_conn.pdbx_ptnr1_PDB_ins_code 
_struct_conn.pdbx_ptnr1_standard_comp_id 
_struct_conn.ptnr1_symmetry 
_struct_conn.ptnr2_label_asym_id 
_struct_conn.ptnr2_label_comp_id 
_struct_conn.ptnr2_label_seq_id 
_struct_conn.ptnr2_label_atom_id 
_struct_conn.pdbx_ptnr2_label_alt_id 
_struct_conn.pdbx_ptnr2_PDB_ins_code 
_struct_conn.ptnr1_auth_asym_id 
_struct_conn.ptnr1_auth_comp_id 
_struct_conn.ptnr1_auth_seq_id 
_struct_conn.ptnr2_auth_asym_id 
_struct_conn.ptnr2_auth_comp_id 
_struct_conn.ptnr2_auth_seq_id 
_struct_conn.ptnr2_symmetry 
_struct_conn.pdbx_ptnr3_label_atom_id 
_struct_conn.pdbx_ptnr3_label_seq_id 
_struct_conn.pdbx_ptnr3_label_comp_id 
_struct_conn.pdbx_ptnr3_label_asym_id 
_struct_conn.pdbx_ptnr3_label_alt_id 
_struct_conn.pdbx_ptnr3_PDB_ins_code 
_struct_conn.details 
_struct_conn.pdbx_dist_value 
_struct_conn.pdbx_value_order 
_struct_conn.pdbx_role 
disulf1 disulf ?    ? A CYS 8  SG ? ? ? 1_555 A CYS 22 SG ? ? A CYS 8  A CYS 22 1_555 ? ? ? ? ? ? ? 2.023 ? ? 
disulf2 disulf ?    ? A CYS 58 SG ? ? ? 1_555 A CYS 73 SG ? ? A CYS 58 A CYS 73 1_555 ? ? ? ? ? ? ? 2.019 ? ? 
covale1 covale both ? B MAN .  O2 ? ? ? 1_555 B MAN .  C1 ? ? B MAN 1  B MAN 2  1_555 ? ? ? ? ? ? ? 1.443 ? ? 
covale2 covale both ? C MAN .  O2 ? ? ? 1_555 C MAN .  C1 ? ? C MAN 1  C MAN 2  1_555 ? ? ? ? ? ? ? 1.442 ? ? 
# 
loop_
_struct_conn_type.id 
_struct_conn_type.criteria 
_struct_conn_type.reference 
disulf ? ? 
covale ? ? 
# 
loop_
_pdbx_modification_feature.ordinal 
_pdbx_modification_feature.label_comp_id 
_pdbx_modification_feature.label_asym_id 
_pdbx_modification_feature.label_seq_id 
_pdbx_modification_feature.label_alt_id 
_pdbx_modification_feature.modified_residue_label_comp_id 
_pdbx_modification_feature.modified_residue_label_asym_id 
_pdbx_modification_feature.modified_residue_label_seq_id 
_pdbx_modification_feature.modified_residue_label_alt_id 
_pdbx_modification_feature.auth_comp_id 
_pdbx_modification_feature.auth_asym_id 
_pdbx_modification_feature.auth_seq_id 
_pdbx_modification_feature.PDB_ins_code 
_pdbx_modification_feature.symmetry 
_pdbx_modification_feature.modified_residue_auth_comp_id 
_pdbx_modification_feature.modified_residue_auth_asym_id 
_pdbx_modification_feature.modified_residue_auth_seq_id 
_pdbx_modification_feature.modified_residue_PDB_ins_code 
_pdbx_modification_feature.modified_residue_symmetry 
_pdbx_modification_feature.comp_id_linking_atom 
_pdbx_modification_feature.modified_residue_id_linking_atom 
_pdbx_modification_feature.modified_residue_id 
_pdbx_modification_feature.ref_pcm_id 
_pdbx_modification_feature.ref_comp_id 
_pdbx_modification_feature.type 
_pdbx_modification_feature.category 
1 CYS A 8  ? CYS A 22 ? CYS A 8  ? 1_555 CYS A 22 ? 1_555 SG SG . . . None 'Disulfide bridge' 
2 CYS A 58 ? CYS A 73 ? CYS A 58 ? 1_555 CYS A 73 ? 1_555 SG SG . . . None 'Disulfide bridge' 
# 
loop_
_struct_sheet.id 
_struct_sheet.type 
_struct_sheet.number_strands 
_struct_sheet.details 
A ? 3 ? 
B ? 2 ? 
C ? 3 ? 
D ? 2 ? 
# 
loop_
_struct_sheet_order.sheet_id 
_struct_sheet_order.range_id_1 
_struct_sheet_order.range_id_2 
_struct_sheet_order.offset 
_struct_sheet_order.sense 
A 1 2 ? anti-parallel 
A 2 3 ? anti-parallel 
B 1 2 ? anti-parallel 
C 1 2 ? anti-parallel 
C 2 3 ? anti-parallel 
D 1 2 ? anti-parallel 
# 
loop_
_struct_sheet_range.sheet_id 
_struct_sheet_range.id 
_struct_sheet_range.beg_label_comp_id 
_struct_sheet_range.beg_label_asym_id 
_struct_sheet_range.beg_label_seq_id 
_struct_sheet_range.pdbx_beg_PDB_ins_code 
_struct_sheet_range.end_label_comp_id 
_struct_sheet_range.end_label_asym_id 
_struct_sheet_range.end_label_seq_id 
_struct_sheet_range.pdbx_end_PDB_ins_code 
_struct_sheet_range.beg_auth_comp_id 
_struct_sheet_range.beg_auth_asym_id 
_struct_sheet_range.beg_auth_seq_id 
_struct_sheet_range.end_auth_comp_id 
_struct_sheet_range.end_auth_asym_id 
_struct_sheet_range.end_auth_seq_id 
A 1 CYS A 8  ? GLN A 14  ? CYS A 8  GLN A 14  
A 2 VAL A 17 ? GLU A 23  ? VAL A 17 GLU A 23  
A 3 TYR A 29 ? ASP A 35  ? TYR A 29 ASP A 35  
B 1 ILE A 40 ? VAL A 43  ? ILE A 40 VAL A 43  
B 2 SER A 46 ? TRP A 49  ? SER A 46 TRP A 49  
C 1 CYS A 58 ? ALA A 64  ? CYS A 58 ALA A 64  
C 2 GLU A 68 ? LYS A 74  ? GLU A 68 LYS A 74  
C 3 PHE A 80 ? ASN A 86  ? PHE A 80 ASN A 86  
D 1 ILE A 91 ? ILE A 94  ? ILE A 91 ILE A 94  
D 2 THR A 97 ? TYR A 100 ? THR A 97 TYR A 100 
# 
loop_
_pdbx_struct_sheet_hbond.sheet_id 
_pdbx_struct_sheet_hbond.range_id_1 
_pdbx_struct_sheet_hbond.range_id_2 
_pdbx_struct_sheet_hbond.range_1_label_atom_id 
_pdbx_struct_sheet_hbond.range_1_label_comp_id 
_pdbx_struct_sheet_hbond.range_1_label_asym_id 
_pdbx_struct_sheet_hbond.range_1_label_seq_id 
_pdbx_struct_sheet_hbond.range_1_PDB_ins_code 
_pdbx_struct_sheet_hbond.range_1_auth_atom_id 
_pdbx_struct_sheet_hbond.range_1_auth_comp_id 
_pdbx_struct_sheet_hbond.range_1_auth_asym_id 
_pdbx_struct_sheet_hbond.range_1_auth_seq_id 
_pdbx_struct_sheet_hbond.range_2_label_atom_id 
_pdbx_struct_sheet_hbond.range_2_label_comp_id 
_pdbx_struct_sheet_hbond.range_2_label_asym_id 
_pdbx_struct_sheet_hbond.range_2_label_seq_id 
_pdbx_struct_sheet_hbond.range_2_PDB_ins_code 
_pdbx_struct_sheet_hbond.range_2_auth_atom_id 
_pdbx_struct_sheet_hbond.range_2_auth_comp_id 
_pdbx_struct_sheet_hbond.range_2_auth_asym_id 
_pdbx_struct_sheet_hbond.range_2_auth_seq_id 
A 1 2 O GLN A 14 ? O GLN A 14 N VAL A 17 ? N VAL A 17 
A 2 3 O CYS A 22 ? O CYS A 22 N ASN A 30 ? N ASN A 30 
B 1 2 N VAL A 43 ? N VAL A 43 O SER A 46 ? O SER A 46 
C 1 2 N ALA A 64 ? N ALA A 64 O GLU A 68 ? O GLU A 68 
C 2 3 O CYS A 73 ? O CYS A 73 N VAL A 81 ? N VAL A 81 
D 1 2 N ILE A 94 ? N ILE A 94 O THR A 97 ? O THR A 97 
# 
_pdbx_entry_details.entry_id                   1IIY 
_pdbx_entry_details.compound_details           ? 
_pdbx_entry_details.source_details             ? 
_pdbx_entry_details.nonpolymer_details         
;RESIDUE NUMBERING:
CVN:1-101
MAN:201/202 (CHAIN B) CORRESPONDS TO 
MAN-ALPHA-1,2-MAN-ALPHA BOUND THROUGH THE 
HIGH AFFINITY SITE WITH C1-C6 of MAN 201 CORRESPONDING
TO THE REDUCING MANNOPYRANOSE RING AND C1-C6 of MAN 202
CORRESPONDING TO C1-C6 OF THE NONREDUCING PYRANOSE.
MAN:203/204 (CHAIN C)  CORRESPONDS TO 
MAN-ALPHA-1,2-MAN-ALPHA BOUND THROUGH THE LOW AFFINITY 
SITE WITH C1-C6 of MAN 203 CORRESPONDING TO THE REDUCING 
MANNOPYRANOSE RING AND C1-C6 of MAN 204 CORRESPONDING
TO C1-C6 OF THE NONREDUCING PYRANOSE.
;
_pdbx_entry_details.sequence_details           ? 
_pdbx_entry_details.has_ligand_of_interest     ? 
_pdbx_entry_details.has_protein_modification   Y 
# 
_pdbx_validate_torsion.id              1 
_pdbx_validate_torsion.PDB_model_num   1 
_pdbx_validate_torsion.auth_comp_id    SER 
_pdbx_validate_torsion.auth_asym_id    A 
_pdbx_validate_torsion.auth_seq_id     52 
_pdbx_validate_torsion.PDB_ins_code    ? 
_pdbx_validate_torsion.label_alt_id    ? 
_pdbx_validate_torsion.phi             174.41 
_pdbx_validate_torsion.psi             12.36 
# 
_pdbx_molecule_features.prd_id    PRD_900111 
_pdbx_molecule_features.name      2alpha-alpha-mannobiose 
_pdbx_molecule_features.type      Oligosaccharide 
_pdbx_molecule_features.class     Metabolism 
_pdbx_molecule_features.details   oligosaccharide 
# 
loop_
_pdbx_molecule.instance_id 
_pdbx_molecule.prd_id 
_pdbx_molecule.asym_id 
1 PRD_900111 B 
2 PRD_900111 C 
# 
_pdbx_nmr_ensemble.entry_id                                      1IIY 
_pdbx_nmr_ensemble.conformers_calculated_total_number            50 
_pdbx_nmr_ensemble.conformers_submitted_total_number             1 
_pdbx_nmr_ensemble.conformer_selection_criteria                  ? 
_pdbx_nmr_ensemble.average_constraints_per_residue               ? 
_pdbx_nmr_ensemble.average_constraint_violations_per_residue     ? 
_pdbx_nmr_ensemble.maximum_distance_constraint_violation         ? 
_pdbx_nmr_ensemble.average_distance_constraint_violation         ? 
_pdbx_nmr_ensemble.maximum_upper_distance_constraint_violation   ? 
_pdbx_nmr_ensemble.maximum_lower_distance_constraint_violation   ? 
_pdbx_nmr_ensemble.distance_constraint_violation_method          ? 
_pdbx_nmr_ensemble.maximum_torsion_angle_constraint_violation    ? 
_pdbx_nmr_ensemble.average_torsion_angle_constraint_violation    ? 
_pdbx_nmr_ensemble.torsion_angle_constraint_violation_method     ? 
# 
_pdbx_nmr_exptl_sample_conditions.conditions_id       1 
_pdbx_nmr_exptl_sample_conditions.temperature         300 
_pdbx_nmr_exptl_sample_conditions.pressure            ? 
_pdbx_nmr_exptl_sample_conditions.pH                  6.4 
_pdbx_nmr_exptl_sample_conditions.ionic_strength      ? 
_pdbx_nmr_exptl_sample_conditions.pressure_units      ? 
_pdbx_nmr_exptl_sample_conditions.temperature_units   K 
# 
loop_
_pdbx_nmr_exptl.experiment_id 
_pdbx_nmr_exptl.conditions_id 
_pdbx_nmr_exptl.type 
_pdbx_nmr_exptl.solution_id 
1 1 'TRIPLE RESONANCE FOR ASSIGNMENT OF PROTEIN: CBCA(CO)NH' 1 
2 1 CBCANH 1 
3 1 HCCH-COSY 1 
4 1 HCCH-TOCSY 1 
5 1 '15N-SEPARATED HOHAHA' 1 
6 1 'QUANTITATIVE J CORRELATION FOR COUPLING CONSTANTS' 1 
7 1 
;DIPOLAR COUPLINGS OBTAINED BY TAKING THE DIFFERENCE IN THE J SPLITTINGS IN ISOTROPIC MEDIUM AND IN A LIQUID CRYSTALLINE MEDIUM (5% C12E5, R=0.96) (RUCKERT & OTTING (2000) J.AM.CHEM.SOC. 122, 7793-7797) MEASURED IN 2D IPAP (15N, 1H)-HSQC EXPERIMENTS (OTTIGER ET AL (1998) J.AM.CHEM.SOC. 131, 373-378)
;
1 
8 1 
;INTERMOLECULAR DISTANCE RESTRAINTS OBTAINED FROM 12C-FILTERED/13C-SEPARATED AND 15N-SEPARATED NOE EXPERIMENTS ON COMPLEXES COMPRISING 1:1 AND 1:2 CVN:MAN-ALPHA-(1,2)-MAN-ALPHA
;
1 
9 1 
;INTRA-DISACCHARIDE AND INTER-MANNOPYRANOSE DISTANCE RESTRAINTS OBTAINED FROM 12C-FILTERED NOE AND HOHAHA EXPERIMENTS ON COMPLEXES COMPRISING 1:1 AND 1:2 CVN:MAN-ALPHA-(1,2)-MAN-ALPHA.
;
1 
# 
_pdbx_nmr_details.entry_id   1IIY 
_pdbx_nmr_details.text       
;This structure is the restrained regularized mean structure.


IN THIS ENTRY THE ELEVENTH COLUMN OF THE COORDINATES (with "atom" as the first column) REPRESENTS THE AVERAGE RMS
DIFFERENCE BETWEEN THE 50 INDIVIDUAL SIMULATED ANNEALING
STRUCTURES HAVING ZERO DISTANCE VIOLATIONS GREATER THAN
0.2 A AND ZERO DIHEDRAL ANGLE VIOLATIONS GREATER THAN 5 DEG.
THE AVERAGE STRUCTURE WAS GENERATED BY BEST FITTING TO
THE BACKBONE OF RESIDUES 1-101.  NOTE THE OCCUPANCY FIELD in the tenth column has no meaning.
   AVE.RMS DIFF. TO MEAN FOR INTERFACIAL SIDE CHAINS AND
DISACCHARIDE OF THE HIGH AFFINITY SITE=0.36.
   AVE.RMS DIFF. TO MEAN FOR INTERFACIAL SIDE CHAINS AND
DISACCHARIDE OF THE LOW AFFINITY SITE=0.58.
   RMS DEVIATIONS FOR BONDS, ANGLES, IMPROPERS, NOE, CDIH
6.389414E-03 0.717363 0.693234 8.897236E-03 9.181435E-02.
;
# 
_pdbx_nmr_refine.entry_id           1IIY 
_pdbx_nmr_refine.method             'CONJOINED RIGID BODY/TORSION ANGLE DYNAMICS' 
_pdbx_nmr_refine.details            
;THE STRUCTURE OF THE 1:1 COMPLEX IN WHICH DISACCHARIDE IS BOUND EXCLUSIVELY THROUGH THE HIGH AFFINITY SITE WAS CALCULATED USING CONJOINED RIGID BODY/TORSION ANGLE DYNAMICS (BEWLEY AND CLORE (2000) J.AM.CHEM.SOC. 122, 6009-6016; WANG ET AL. (2001) EMBO. J., 19, 5635-5649 & REFS THEREIN) IN WHICH THE PROTEIN BACKBONE AND NON-INTERFACIAL SIDE CHAINS ARE HELD FIXED AND THE DISACCHARIDE AND INTERFACIAL SIDE CHAINS ARE FREE TO TRANSLATE AND ROTATE SUBJECT TO EXPERIMENTAL DISTANCE AND TORSION ANGLE RESTRAINTS. THE STRUCTURE OF THE DISACCHARIDE BOUND THROUGH THE LOW AFFINITY SITE IS A MODEL CALCULATED FROM A COMBINATION OF EXPERIMENTAL DISTANCE AND TORSION ANGLE RESTRAINTS, AND ADDITIONAL RESTRAINTS INTRODUCED ON THE BASIS OF SYMMETRY PRESENT BETWEEN THE TWO DOMAINS (HIGH AND LOW AFFINITY). THE NMR COORDINATES FOR MONOMERIC CVN (PDB ACC. 2EZM) WERE USED FOR THE STARTING COORDINATES WITH 2 EQ. OF MAN-ALPHA-1,2-MAN-ALPHA POSITIONED WITHIN 10 A OF THE PREVIOUSLY MAPPED CARBOHYDRATE BINDING SITES (BEWLEY & OTERO-QUINTERO (2001) J.AM.CHEM.SOC. IN PRESS).
;
_pdbx_nmr_refine.software_ordinal   1 
# 
_pdbx_nmr_software.classification   refinement 
_pdbx_nmr_software.name             X-PLOR 
_pdbx_nmr_software.version          NIH 
_pdbx_nmr_software.authors          BRUNGER 
_pdbx_nmr_software.ordinal          1 
# 
loop_
_chem_comp_atom.comp_id 
_chem_comp_atom.atom_id 
_chem_comp_atom.type_symbol 
_chem_comp_atom.pdbx_aromatic_flag 
_chem_comp_atom.pdbx_stereo_config 
_chem_comp_atom.pdbx_ordinal 
ALA N    N N N 1   
ALA CA   C N S 2   
ALA C    C N N 3   
ALA O    O N N 4   
ALA CB   C N N 5   
ALA OXT  O N N 6   
ALA H    H N N 7   
ALA H2   H N N 8   
ALA HA   H N N 9   
ALA HB1  H N N 10  
ALA HB2  H N N 11  
ALA HB3  H N N 12  
ALA HXT  H N N 13  
ARG N    N N N 14  
ARG CA   C N S 15  
ARG C    C N N 16  
ARG O    O N N 17  
ARG CB   C N N 18  
ARG CG   C N N 19  
ARG CD   C N N 20  
ARG NE   N N N 21  
ARG CZ   C N N 22  
ARG NH1  N N N 23  
ARG NH2  N N N 24  
ARG OXT  O N N 25  
ARG H    H N N 26  
ARG H2   H N N 27  
ARG HA   H N N 28  
ARG HB2  H N N 29  
ARG HB3  H N N 30  
ARG HG2  H N N 31  
ARG HG3  H N N 32  
ARG HD2  H N N 33  
ARG HD3  H N N 34  
ARG HE   H N N 35  
ARG HH11 H N N 36  
ARG HH12 H N N 37  
ARG HH21 H N N 38  
ARG HH22 H N N 39  
ARG HXT  H N N 40  
ASN N    N N N 41  
ASN CA   C N S 42  
ASN C    C N N 43  
ASN O    O N N 44  
ASN CB   C N N 45  
ASN CG   C N N 46  
ASN OD1  O N N 47  
ASN ND2  N N N 48  
ASN OXT  O N N 49  
ASN H    H N N 50  
ASN H2   H N N 51  
ASN HA   H N N 52  
ASN HB2  H N N 53  
ASN HB3  H N N 54  
ASN HD21 H N N 55  
ASN HD22 H N N 56  
ASN HXT  H N N 57  
ASP N    N N N 58  
ASP CA   C N S 59  
ASP C    C N N 60  
ASP O    O N N 61  
ASP CB   C N N 62  
ASP CG   C N N 63  
ASP OD1  O N N 64  
ASP OD2  O N N 65  
ASP OXT  O N N 66  
ASP H    H N N 67  
ASP H2   H N N 68  
ASP HA   H N N 69  
ASP HB2  H N N 70  
ASP HB3  H N N 71  
ASP HD2  H N N 72  
ASP HXT  H N N 73  
CYS N    N N N 74  
CYS CA   C N R 75  
CYS C    C N N 76  
CYS O    O N N 77  
CYS CB   C N N 78  
CYS SG   S N N 79  
CYS OXT  O N N 80  
CYS H    H N N 81  
CYS H2   H N N 82  
CYS HA   H N N 83  
CYS HB2  H N N 84  
CYS HB3  H N N 85  
CYS HG   H N N 86  
CYS HXT  H N N 87  
GLN N    N N N 88  
GLN CA   C N S 89  
GLN C    C N N 90  
GLN O    O N N 91  
GLN CB   C N N 92  
GLN CG   C N N 93  
GLN CD   C N N 94  
GLN OE1  O N N 95  
GLN NE2  N N N 96  
GLN OXT  O N N 97  
GLN H    H N N 98  
GLN H2   H N N 99  
GLN HA   H N N 100 
GLN HB2  H N N 101 
GLN HB3  H N N 102 
GLN HG2  H N N 103 
GLN HG3  H N N 104 
GLN HE21 H N N 105 
GLN HE22 H N N 106 
GLN HXT  H N N 107 
GLU N    N N N 108 
GLU CA   C N S 109 
GLU C    C N N 110 
GLU O    O N N 111 
GLU CB   C N N 112 
GLU CG   C N N 113 
GLU CD   C N N 114 
GLU OE1  O N N 115 
GLU OE2  O N N 116 
GLU OXT  O N N 117 
GLU H    H N N 118 
GLU H2   H N N 119 
GLU HA   H N N 120 
GLU HB2  H N N 121 
GLU HB3  H N N 122 
GLU HG2  H N N 123 
GLU HG3  H N N 124 
GLU HE2  H N N 125 
GLU HXT  H N N 126 
GLY N    N N N 127 
GLY CA   C N N 128 
GLY C    C N N 129 
GLY O    O N N 130 
GLY OXT  O N N 131 
GLY H    H N N 132 
GLY H2   H N N 133 
GLY HA2  H N N 134 
GLY HA3  H N N 135 
GLY HXT  H N N 136 
HIS N    N N N 137 
HIS CA   C N S 138 
HIS C    C N N 139 
HIS O    O N N 140 
HIS CB   C N N 141 
HIS CG   C Y N 142 
HIS ND1  N Y N 143 
HIS CD2  C Y N 144 
HIS CE1  C Y N 145 
HIS NE2  N Y N 146 
HIS OXT  O N N 147 
HIS H    H N N 148 
HIS H2   H N N 149 
HIS HA   H N N 150 
HIS HB2  H N N 151 
HIS HB3  H N N 152 
HIS HD1  H N N 153 
HIS HD2  H N N 154 
HIS HE1  H N N 155 
HIS HE2  H N N 156 
HIS HXT  H N N 157 
ILE N    N N N 158 
ILE CA   C N S 159 
ILE C    C N N 160 
ILE O    O N N 161 
ILE CB   C N S 162 
ILE CG1  C N N 163 
ILE CG2  C N N 164 
ILE CD1  C N N 165 
ILE OXT  O N N 166 
ILE H    H N N 167 
ILE H2   H N N 168 
ILE HA   H N N 169 
ILE HB   H N N 170 
ILE HG12 H N N 171 
ILE HG13 H N N 172 
ILE HG21 H N N 173 
ILE HG22 H N N 174 
ILE HG23 H N N 175 
ILE HD11 H N N 176 
ILE HD12 H N N 177 
ILE HD13 H N N 178 
ILE HXT  H N N 179 
LEU N    N N N 180 
LEU CA   C N S 181 
LEU C    C N N 182 
LEU O    O N N 183 
LEU CB   C N N 184 
LEU CG   C N N 185 
LEU CD1  C N N 186 
LEU CD2  C N N 187 
LEU OXT  O N N 188 
LEU H    H N N 189 
LEU H2   H N N 190 
LEU HA   H N N 191 
LEU HB2  H N N 192 
LEU HB3  H N N 193 
LEU HG   H N N 194 
LEU HD11 H N N 195 
LEU HD12 H N N 196 
LEU HD13 H N N 197 
LEU HD21 H N N 198 
LEU HD22 H N N 199 
LEU HD23 H N N 200 
LEU HXT  H N N 201 
LYS N    N N N 202 
LYS CA   C N S 203 
LYS C    C N N 204 
LYS O    O N N 205 
LYS CB   C N N 206 
LYS CG   C N N 207 
LYS CD   C N N 208 
LYS CE   C N N 209 
LYS NZ   N N N 210 
LYS OXT  O N N 211 
LYS H    H N N 212 
LYS H2   H N N 213 
LYS HA   H N N 214 
LYS HB2  H N N 215 
LYS HB3  H N N 216 
LYS HG2  H N N 217 
LYS HG3  H N N 218 
LYS HD2  H N N 219 
LYS HD3  H N N 220 
LYS HE2  H N N 221 
LYS HE3  H N N 222 
LYS HZ1  H N N 223 
LYS HZ2  H N N 224 
LYS HZ3  H N N 225 
LYS HXT  H N N 226 
MAN C1   C N S 227 
MAN C2   C N S 228 
MAN C3   C N S 229 
MAN C4   C N S 230 
MAN C5   C N R 231 
MAN C6   C N N 232 
MAN O1   O N N 233 
MAN O2   O N N 234 
MAN O3   O N N 235 
MAN O4   O N N 236 
MAN O5   O N N 237 
MAN O6   O N N 238 
MAN H1   H N N 239 
MAN H2   H N N 240 
MAN H3   H N N 241 
MAN H4   H N N 242 
MAN H5   H N N 243 
MAN H61  H N N 244 
MAN H62  H N N 245 
MAN HO1  H N N 246 
MAN HO2  H N N 247 
MAN HO3  H N N 248 
MAN HO4  H N N 249 
MAN HO6  H N N 250 
PHE N    N N N 251 
PHE CA   C N S 252 
PHE C    C N N 253 
PHE O    O N N 254 
PHE CB   C N N 255 
PHE CG   C Y N 256 
PHE CD1  C Y N 257 
PHE CD2  C Y N 258 
PHE CE1  C Y N 259 
PHE CE2  C Y N 260 
PHE CZ   C Y N 261 
PHE OXT  O N N 262 
PHE H    H N N 263 
PHE H2   H N N 264 
PHE HA   H N N 265 
PHE HB2  H N N 266 
PHE HB3  H N N 267 
PHE HD1  H N N 268 
PHE HD2  H N N 269 
PHE HE1  H N N 270 
PHE HE2  H N N 271 
PHE HZ   H N N 272 
PHE HXT  H N N 273 
PRO N    N N N 274 
PRO CA   C N S 275 
PRO C    C N N 276 
PRO O    O N N 277 
PRO CB   C N N 278 
PRO CG   C N N 279 
PRO CD   C N N 280 
PRO OXT  O N N 281 
PRO H    H N N 282 
PRO HA   H N N 283 
PRO HB2  H N N 284 
PRO HB3  H N N 285 
PRO HG2  H N N 286 
PRO HG3  H N N 287 
PRO HD2  H N N 288 
PRO HD3  H N N 289 
PRO HXT  H N N 290 
SER N    N N N 291 
SER CA   C N S 292 
SER C    C N N 293 
SER O    O N N 294 
SER CB   C N N 295 
SER OG   O N N 296 
SER OXT  O N N 297 
SER H    H N N 298 
SER H2   H N N 299 
SER HA   H N N 300 
SER HB2  H N N 301 
SER HB3  H N N 302 
SER HG   H N N 303 
SER HXT  H N N 304 
THR N    N N N 305 
THR CA   C N S 306 
THR C    C N N 307 
THR O    O N N 308 
THR CB   C N R 309 
THR OG1  O N N 310 
THR CG2  C N N 311 
THR OXT  O N N 312 
THR H    H N N 313 
THR H2   H N N 314 
THR HA   H N N 315 
THR HB   H N N 316 
THR HG1  H N N 317 
THR HG21 H N N 318 
THR HG22 H N N 319 
THR HG23 H N N 320 
THR HXT  H N N 321 
TRP N    N N N 322 
TRP CA   C N S 323 
TRP C    C N N 324 
TRP O    O N N 325 
TRP CB   C N N 326 
TRP CG   C Y N 327 
TRP CD1  C Y N 328 
TRP CD2  C Y N 329 
TRP NE1  N Y N 330 
TRP CE2  C Y N 331 
TRP CE3  C Y N 332 
TRP CZ2  C Y N 333 
TRP CZ3  C Y N 334 
TRP CH2  C Y N 335 
TRP OXT  O N N 336 
TRP H    H N N 337 
TRP H2   H N N 338 
TRP HA   H N N 339 
TRP HB2  H N N 340 
TRP HB3  H N N 341 
TRP HD1  H N N 342 
TRP HE1  H N N 343 
TRP HE3  H N N 344 
TRP HZ2  H N N 345 
TRP HZ3  H N N 346 
TRP HH2  H N N 347 
TRP HXT  H N N 348 
TYR N    N N N 349 
TYR CA   C N S 350 
TYR C    C N N 351 
TYR O    O N N 352 
TYR CB   C N N 353 
TYR CG   C Y N 354 
TYR CD1  C Y N 355 
TYR CD2  C Y N 356 
TYR CE1  C Y N 357 
TYR CE2  C Y N 358 
TYR CZ   C Y N 359 
TYR OH   O N N 360 
TYR OXT  O N N 361 
TYR H    H N N 362 
TYR H2   H N N 363 
TYR HA   H N N 364 
TYR HB2  H N N 365 
TYR HB3  H N N 366 
TYR HD1  H N N 367 
TYR HD2  H N N 368 
TYR HE1  H N N 369 
TYR HE2  H N N 370 
TYR HH   H N N 371 
TYR HXT  H N N 372 
VAL N    N N N 373 
VAL CA   C N S 374 
VAL C    C N N 375 
VAL O    O N N 376 
VAL CB   C N N 377 
VAL CG1  C N N 378 
VAL CG2  C N N 379 
VAL OXT  O N N 380 
VAL H    H N N 381 
VAL H2   H N N 382 
VAL HA   H N N 383 
VAL HB   H N N 384 
VAL HG11 H N N 385 
VAL HG12 H N N 386 
VAL HG13 H N N 387 
VAL HG21 H N N 388 
VAL HG22 H N N 389 
VAL HG23 H N N 390 
VAL HXT  H N N 391 
# 
loop_
_chem_comp_bond.comp_id 
_chem_comp_bond.atom_id_1 
_chem_comp_bond.atom_id_2 
_chem_comp_bond.value_order 
_chem_comp_bond.pdbx_aromatic_flag 
_chem_comp_bond.pdbx_stereo_config 
_chem_comp_bond.pdbx_ordinal 
ALA N   CA   sing N N 1   
ALA N   H    sing N N 2   
ALA N   H2   sing N N 3   
ALA CA  C    sing N N 4   
ALA CA  CB   sing N N 5   
ALA CA  HA   sing N N 6   
ALA C   O    doub N N 7   
ALA C   OXT  sing N N 8   
ALA CB  HB1  sing N N 9   
ALA CB  HB2  sing N N 10  
ALA CB  HB3  sing N N 11  
ALA OXT HXT  sing N N 12  
ARG N   CA   sing N N 13  
ARG N   H    sing N N 14  
ARG N   H2   sing N N 15  
ARG CA  C    sing N N 16  
ARG CA  CB   sing N N 17  
ARG CA  HA   sing N N 18  
ARG C   O    doub N N 19  
ARG C   OXT  sing N N 20  
ARG CB  CG   sing N N 21  
ARG CB  HB2  sing N N 22  
ARG CB  HB3  sing N N 23  
ARG CG  CD   sing N N 24  
ARG CG  HG2  sing N N 25  
ARG CG  HG3  sing N N 26  
ARG CD  NE   sing N N 27  
ARG CD  HD2  sing N N 28  
ARG CD  HD3  sing N N 29  
ARG NE  CZ   sing N N 30  
ARG NE  HE   sing N N 31  
ARG CZ  NH1  sing N N 32  
ARG CZ  NH2  doub N N 33  
ARG NH1 HH11 sing N N 34  
ARG NH1 HH12 sing N N 35  
ARG NH2 HH21 sing N N 36  
ARG NH2 HH22 sing N N 37  
ARG OXT HXT  sing N N 38  
ASN N   CA   sing N N 39  
ASN N   H    sing N N 40  
ASN N   H2   sing N N 41  
ASN CA  C    sing N N 42  
ASN CA  CB   sing N N 43  
ASN CA  HA   sing N N 44  
ASN C   O    doub N N 45  
ASN C   OXT  sing N N 46  
ASN CB  CG   sing N N 47  
ASN CB  HB2  sing N N 48  
ASN CB  HB3  sing N N 49  
ASN CG  OD1  doub N N 50  
ASN CG  ND2  sing N N 51  
ASN ND2 HD21 sing N N 52  
ASN ND2 HD22 sing N N 53  
ASN OXT HXT  sing N N 54  
ASP N   CA   sing N N 55  
ASP N   H    sing N N 56  
ASP N   H2   sing N N 57  
ASP CA  C    sing N N 58  
ASP CA  CB   sing N N 59  
ASP CA  HA   sing N N 60  
ASP C   O    doub N N 61  
ASP C   OXT  sing N N 62  
ASP CB  CG   sing N N 63  
ASP CB  HB2  sing N N 64  
ASP CB  HB3  sing N N 65  
ASP CG  OD1  doub N N 66  
ASP CG  OD2  sing N N 67  
ASP OD2 HD2  sing N N 68  
ASP OXT HXT  sing N N 69  
CYS N   CA   sing N N 70  
CYS N   H    sing N N 71  
CYS N   H2   sing N N 72  
CYS CA  C    sing N N 73  
CYS CA  CB   sing N N 74  
CYS CA  HA   sing N N 75  
CYS C   O    doub N N 76  
CYS C   OXT  sing N N 77  
CYS CB  SG   sing N N 78  
CYS CB  HB2  sing N N 79  
CYS CB  HB3  sing N N 80  
CYS SG  HG   sing N N 81  
CYS OXT HXT  sing N N 82  
GLN N   CA   sing N N 83  
GLN N   H    sing N N 84  
GLN N   H2   sing N N 85  
GLN CA  C    sing N N 86  
GLN CA  CB   sing N N 87  
GLN CA  HA   sing N N 88  
GLN C   O    doub N N 89  
GLN C   OXT  sing N N 90  
GLN CB  CG   sing N N 91  
GLN CB  HB2  sing N N 92  
GLN CB  HB3  sing N N 93  
GLN CG  CD   sing N N 94  
GLN CG  HG2  sing N N 95  
GLN CG  HG3  sing N N 96  
GLN CD  OE1  doub N N 97  
GLN CD  NE2  sing N N 98  
GLN NE2 HE21 sing N N 99  
GLN NE2 HE22 sing N N 100 
GLN OXT HXT  sing N N 101 
GLU N   CA   sing N N 102 
GLU N   H    sing N N 103 
GLU N   H2   sing N N 104 
GLU CA  C    sing N N 105 
GLU CA  CB   sing N N 106 
GLU CA  HA   sing N N 107 
GLU C   O    doub N N 108 
GLU C   OXT  sing N N 109 
GLU CB  CG   sing N N 110 
GLU CB  HB2  sing N N 111 
GLU CB  HB3  sing N N 112 
GLU CG  CD   sing N N 113 
GLU CG  HG2  sing N N 114 
GLU CG  HG3  sing N N 115 
GLU CD  OE1  doub N N 116 
GLU CD  OE2  sing N N 117 
GLU OE2 HE2  sing N N 118 
GLU OXT HXT  sing N N 119 
GLY N   CA   sing N N 120 
GLY N   H    sing N N 121 
GLY N   H2   sing N N 122 
GLY CA  C    sing N N 123 
GLY CA  HA2  sing N N 124 
GLY CA  HA3  sing N N 125 
GLY C   O    doub N N 126 
GLY C   OXT  sing N N 127 
GLY OXT HXT  sing N N 128 
HIS N   CA   sing N N 129 
HIS N   H    sing N N 130 
HIS N   H2   sing N N 131 
HIS CA  C    sing N N 132 
HIS CA  CB   sing N N 133 
HIS CA  HA   sing N N 134 
HIS C   O    doub N N 135 
HIS C   OXT  sing N N 136 
HIS CB  CG   sing N N 137 
HIS CB  HB2  sing N N 138 
HIS CB  HB3  sing N N 139 
HIS CG  ND1  sing Y N 140 
HIS CG  CD2  doub Y N 141 
HIS ND1 CE1  doub Y N 142 
HIS ND1 HD1  sing N N 143 
HIS CD2 NE2  sing Y N 144 
HIS CD2 HD2  sing N N 145 
HIS CE1 NE2  sing Y N 146 
HIS CE1 HE1  sing N N 147 
HIS NE2 HE2  sing N N 148 
HIS OXT HXT  sing N N 149 
ILE N   CA   sing N N 150 
ILE N   H    sing N N 151 
ILE N   H2   sing N N 152 
ILE CA  C    sing N N 153 
ILE CA  CB   sing N N 154 
ILE CA  HA   sing N N 155 
ILE C   O    doub N N 156 
ILE C   OXT  sing N N 157 
ILE CB  CG1  sing N N 158 
ILE CB  CG2  sing N N 159 
ILE CB  HB   sing N N 160 
ILE CG1 CD1  sing N N 161 
ILE CG1 HG12 sing N N 162 
ILE CG1 HG13 sing N N 163 
ILE CG2 HG21 sing N N 164 
ILE CG2 HG22 sing N N 165 
ILE CG2 HG23 sing N N 166 
ILE CD1 HD11 sing N N 167 
ILE CD1 HD12 sing N N 168 
ILE CD1 HD13 sing N N 169 
ILE OXT HXT  sing N N 170 
LEU N   CA   sing N N 171 
LEU N   H    sing N N 172 
LEU N   H2   sing N N 173 
LEU CA  C    sing N N 174 
LEU CA  CB   sing N N 175 
LEU CA  HA   sing N N 176 
LEU C   O    doub N N 177 
LEU C   OXT  sing N N 178 
LEU CB  CG   sing N N 179 
LEU CB  HB2  sing N N 180 
LEU CB  HB3  sing N N 181 
LEU CG  CD1  sing N N 182 
LEU CG  CD2  sing N N 183 
LEU CG  HG   sing N N 184 
LEU CD1 HD11 sing N N 185 
LEU CD1 HD12 sing N N 186 
LEU CD1 HD13 sing N N 187 
LEU CD2 HD21 sing N N 188 
LEU CD2 HD22 sing N N 189 
LEU CD2 HD23 sing N N 190 
LEU OXT HXT  sing N N 191 
LYS N   CA   sing N N 192 
LYS N   H    sing N N 193 
LYS N   H2   sing N N 194 
LYS CA  C    sing N N 195 
LYS CA  CB   sing N N 196 
LYS CA  HA   sing N N 197 
LYS C   O    doub N N 198 
LYS C   OXT  sing N N 199 
LYS CB  CG   sing N N 200 
LYS CB  HB2  sing N N 201 
LYS CB  HB3  sing N N 202 
LYS CG  CD   sing N N 203 
LYS CG  HG2  sing N N 204 
LYS CG  HG3  sing N N 205 
LYS CD  CE   sing N N 206 
LYS CD  HD2  sing N N 207 
LYS CD  HD3  sing N N 208 
LYS CE  NZ   sing N N 209 
LYS CE  HE2  sing N N 210 
LYS CE  HE3  sing N N 211 
LYS NZ  HZ1  sing N N 212 
LYS NZ  HZ2  sing N N 213 
LYS NZ  HZ3  sing N N 214 
LYS OXT HXT  sing N N 215 
MAN C1  C2   sing N N 216 
MAN C1  O1   sing N N 217 
MAN C1  O5   sing N N 218 
MAN C1  H1   sing N N 219 
MAN C2  C3   sing N N 220 
MAN C2  O2   sing N N 221 
MAN C2  H2   sing N N 222 
MAN C3  C4   sing N N 223 
MAN C3  O3   sing N N 224 
MAN C3  H3   sing N N 225 
MAN C4  C5   sing N N 226 
MAN C4  O4   sing N N 227 
MAN C4  H4   sing N N 228 
MAN C5  C6   sing N N 229 
MAN C5  O5   sing N N 230 
MAN C5  H5   sing N N 231 
MAN C6  O6   sing N N 232 
MAN C6  H61  sing N N 233 
MAN C6  H62  sing N N 234 
MAN O1  HO1  sing N N 235 
MAN O2  HO2  sing N N 236 
MAN O3  HO3  sing N N 237 
MAN O4  HO4  sing N N 238 
MAN O6  HO6  sing N N 239 
PHE N   CA   sing N N 240 
PHE N   H    sing N N 241 
PHE N   H2   sing N N 242 
PHE CA  C    sing N N 243 
PHE CA  CB   sing N N 244 
PHE CA  HA   sing N N 245 
PHE C   O    doub N N 246 
PHE C   OXT  sing N N 247 
PHE CB  CG   sing N N 248 
PHE CB  HB2  sing N N 249 
PHE CB  HB3  sing N N 250 
PHE CG  CD1  doub Y N 251 
PHE CG  CD2  sing Y N 252 
PHE CD1 CE1  sing Y N 253 
PHE CD1 HD1  sing N N 254 
PHE CD2 CE2  doub Y N 255 
PHE CD2 HD2  sing N N 256 
PHE CE1 CZ   doub Y N 257 
PHE CE1 HE1  sing N N 258 
PHE CE2 CZ   sing Y N 259 
PHE CE2 HE2  sing N N 260 
PHE CZ  HZ   sing N N 261 
PHE OXT HXT  sing N N 262 
PRO N   CA   sing N N 263 
PRO N   CD   sing N N 264 
PRO N   H    sing N N 265 
PRO CA  C    sing N N 266 
PRO CA  CB   sing N N 267 
PRO CA  HA   sing N N 268 
PRO C   O    doub N N 269 
PRO C   OXT  sing N N 270 
PRO CB  CG   sing N N 271 
PRO CB  HB2  sing N N 272 
PRO CB  HB3  sing N N 273 
PRO CG  CD   sing N N 274 
PRO CG  HG2  sing N N 275 
PRO CG  HG3  sing N N 276 
PRO CD  HD2  sing N N 277 
PRO CD  HD3  sing N N 278 
PRO OXT HXT  sing N N 279 
SER N   CA   sing N N 280 
SER N   H    sing N N 281 
SER N   H2   sing N N 282 
SER CA  C    sing N N 283 
SER CA  CB   sing N N 284 
SER CA  HA   sing N N 285 
SER C   O    doub N N 286 
SER C   OXT  sing N N 287 
SER CB  OG   sing N N 288 
SER CB  HB2  sing N N 289 
SER CB  HB3  sing N N 290 
SER OG  HG   sing N N 291 
SER OXT HXT  sing N N 292 
THR N   CA   sing N N 293 
THR N   H    sing N N 294 
THR N   H2   sing N N 295 
THR CA  C    sing N N 296 
THR CA  CB   sing N N 297 
THR CA  HA   sing N N 298 
THR C   O    doub N N 299 
THR C   OXT  sing N N 300 
THR CB  OG1  sing N N 301 
THR CB  CG2  sing N N 302 
THR CB  HB   sing N N 303 
THR OG1 HG1  sing N N 304 
THR CG2 HG21 sing N N 305 
THR CG2 HG22 sing N N 306 
THR CG2 HG23 sing N N 307 
THR OXT HXT  sing N N 308 
TRP N   CA   sing N N 309 
TRP N   H    sing N N 310 
TRP N   H2   sing N N 311 
TRP CA  C    sing N N 312 
TRP CA  CB   sing N N 313 
TRP CA  HA   sing N N 314 
TRP C   O    doub N N 315 
TRP C   OXT  sing N N 316 
TRP CB  CG   sing N N 317 
TRP CB  HB2  sing N N 318 
TRP CB  HB3  sing N N 319 
TRP CG  CD1  doub Y N 320 
TRP CG  CD2  sing Y N 321 
TRP CD1 NE1  sing Y N 322 
TRP CD1 HD1  sing N N 323 
TRP CD2 CE2  doub Y N 324 
TRP CD2 CE3  sing Y N 325 
TRP NE1 CE2  sing Y N 326 
TRP NE1 HE1  sing N N 327 
TRP CE2 CZ2  sing Y N 328 
TRP CE3 CZ3  doub Y N 329 
TRP CE3 HE3  sing N N 330 
TRP CZ2 CH2  doub Y N 331 
TRP CZ2 HZ2  sing N N 332 
TRP CZ3 CH2  sing Y N 333 
TRP CZ3 HZ3  sing N N 334 
TRP CH2 HH2  sing N N 335 
TRP OXT HXT  sing N N 336 
TYR N   CA   sing N N 337 
TYR N   H    sing N N 338 
TYR N   H2   sing N N 339 
TYR CA  C    sing N N 340 
TYR CA  CB   sing N N 341 
TYR CA  HA   sing N N 342 
TYR C   O    doub N N 343 
TYR C   OXT  sing N N 344 
TYR CB  CG   sing N N 345 
TYR CB  HB2  sing N N 346 
TYR CB  HB3  sing N N 347 
TYR CG  CD1  doub Y N 348 
TYR CG  CD2  sing Y N 349 
TYR CD1 CE1  sing Y N 350 
TYR CD1 HD1  sing N N 351 
TYR CD2 CE2  doub Y N 352 
TYR CD2 HD2  sing N N 353 
TYR CE1 CZ   doub Y N 354 
TYR CE1 HE1  sing N N 355 
TYR CE2 CZ   sing Y N 356 
TYR CE2 HE2  sing N N 357 
TYR CZ  OH   sing N N 358 
TYR OH  HH   sing N N 359 
TYR OXT HXT  sing N N 360 
VAL N   CA   sing N N 361 
VAL N   H    sing N N 362 
VAL N   H2   sing N N 363 
VAL CA  C    sing N N 364 
VAL CA  CB   sing N N 365 
VAL CA  HA   sing N N 366 
VAL C   O    doub N N 367 
VAL C   OXT  sing N N 368 
VAL CB  CG1  sing N N 369 
VAL CB  CG2  sing N N 370 
VAL CB  HB   sing N N 371 
VAL CG1 HG11 sing N N 372 
VAL CG1 HG12 sing N N 373 
VAL CG1 HG13 sing N N 374 
VAL CG2 HG21 sing N N 375 
VAL CG2 HG22 sing N N 376 
VAL CG2 HG23 sing N N 377 
VAL OXT HXT  sing N N 378 
# 
loop_
_pdbx_entity_branch_list.entity_id 
_pdbx_entity_branch_list.comp_id 
_pdbx_entity_branch_list.num 
_pdbx_entity_branch_list.hetero 
2 MAN 1 n 
2 MAN 2 n 
# 
loop_
_pdbx_nmr_spectrometer.spectrometer_id 
_pdbx_nmr_spectrometer.model 
_pdbx_nmr_spectrometer.manufacturer 
_pdbx_nmr_spectrometer.field_strength 
_pdbx_nmr_spectrometer.type 
1 DMX500 Bruker 500 ? 
2 DMX600 Bruker 600 ? 
# 
_atom_sites.entry_id                    1IIY 
_atom_sites.fract_transf_matrix[1][1]   1.000000 
_atom_sites.fract_transf_matrix[1][2]   0.000000 
_atom_sites.fract_transf_matrix[1][3]   0.000000 
_atom_sites.fract_transf_matrix[2][1]   0.000000 
_atom_sites.fract_transf_matrix[2][2]   1.000000 
_atom_sites.fract_transf_matrix[2][3]   0.000000 
_atom_sites.fract_transf_matrix[3][1]   0.000000 
_atom_sites.fract_transf_matrix[3][2]   0.000000 
_atom_sites.fract_transf_matrix[3][3]   1.000000 
_atom_sites.fract_transf_vector[1]      0.00000 
_atom_sites.fract_transf_vector[2]      0.00000 
_atom_sites.fract_transf_vector[3]      0.00000 
# 
loop_
_atom_type.symbol 
C 
H 
N 
O 
S 
# 
loop_
_atom_site.group_PDB 
_atom_site.id 
_atom_site.type_symbol 
_atom_site.label_atom_id 
_atom_site.label_alt_id 
_atom_site.label_comp_id 
_atom_site.label_asym_id 
_atom_site.label_entity_id 
_atom_site.label_seq_id 
_atom_site.pdbx_PDB_ins_code 
_atom_site.Cartn_x 
_atom_site.Cartn_y 
_atom_site.Cartn_z 
_atom_site.occupancy 
_atom_site.B_iso_or_equiv 
_atom_site.pdbx_formal_charge 
_atom_site.auth_seq_id 
_atom_site.auth_comp_id 
_atom_site.auth_asym_id 
_atom_site.auth_atom_id 
_atom_site.pdbx_PDB_model_num 
ATOM   1    N N    . LEU A 1 1   ? -3.780  -3.529  -14.452 1.00 0.00 ? 1   LEU A N    1 
ATOM   2    C CA   . LEU A 1 1   ? -4.079  -2.544  -13.374 1.00 0.00 ? 1   LEU A CA   1 
ATOM   3    C C    . LEU A 1 1   ? -2.971  -2.571  -12.320 1.00 0.00 ? 1   LEU A C    1 
ATOM   4    O O    . LEU A 1 1   ? -2.503  -3.618  -11.918 1.00 0.00 ? 1   LEU A O    1 
ATOM   5    C CB   . LEU A 1 1   ? -5.403  -2.905  -12.695 1.00 0.00 ? 1   LEU A CB   1 
ATOM   6    C CG   . LEU A 1 1   ? -6.558  -2.834  -13.706 1.00 0.00 ? 1   LEU A CG   1 
ATOM   7    C CD1  . LEU A 1 1   ? -7.844  -3.338  -13.031 1.00 0.00 ? 1   LEU A CD1  1 
ATOM   8    C CD2  . LEU A 1 1   ? -6.755  -1.375  -14.200 1.00 0.00 ? 1   LEU A CD2  1 
ATOM   9    H H1   . LEU A 1 1   ? -2.754  -3.575  -14.606 1.00 0.00 ? 1   LEU A H1   1 
ATOM   10   H H2   . LEU A 1 1   ? -4.251  -3.232  -15.332 1.00 0.00 ? 1   LEU A H2   1 
ATOM   11   H H3   . LEU A 1 1   ? -4.129  -4.467  -14.172 1.00 0.00 ? 1   LEU A H3   1 
ATOM   12   H HA   . LEU A 1 1   ? -4.154  -1.552  -13.796 1.00 0.00 ? 1   LEU A HA   1 
ATOM   13   H HB2  . LEU A 1 1   ? -5.336  -3.909  -12.298 1.00 0.00 ? 1   LEU A HB2  1 
ATOM   14   H HB3  . LEU A 1 1   ? -5.591  -2.213  -11.887 1.00 0.00 ? 1   LEU A HB3  1 
ATOM   15   H HG   . LEU A 1 1   ? -6.328  -3.474  -14.548 1.00 0.00 ? 1   LEU A HG   1 
ATOM   16   H HD11 . LEU A 1 1   ? -8.212  -2.586  -12.348 1.00 0.00 ? 1   LEU A HD11 1 
ATOM   17   H HD12 . LEU A 1 1   ? -7.635  -4.247  -12.485 1.00 0.00 ? 1   LEU A HD12 1 
ATOM   18   H HD13 . LEU A 1 1   ? -8.591  -3.537  -13.786 1.00 0.00 ? 1   LEU A HD13 1 
ATOM   19   H HD21 . LEU A 1 1   ? -6.276  -1.252  -15.161 1.00 0.00 ? 1   LEU A HD21 1 
ATOM   20   H HD22 . LEU A 1 1   ? -6.317  -0.680  -13.495 1.00 0.00 ? 1   LEU A HD22 1 
ATOM   21   H HD23 . LEU A 1 1   ? -7.809  -1.156  -14.302 1.00 0.00 ? 1   LEU A HD23 1 
ATOM   22   N N    . GLY A 1 2   ? -2.548  -1.422  -11.872 1.00 0.00 ? 2   GLY A N    1 
ATOM   23   C CA   . GLY A 1 2   ? -1.474  -1.357  -10.839 1.00 0.00 ? 2   GLY A CA   1 
ATOM   24   C C    . GLY A 1 2   ? -0.160  -1.895  -11.404 1.00 0.00 ? 2   GLY A C    1 
ATOM   25   O O    . GLY A 1 2   ? 0.150   -1.662  -12.552 1.00 0.00 ? 2   GLY A O    1 
ATOM   26   H H    . GLY A 1 2   ? -2.937  -0.593  -12.221 1.00 0.00 ? 2   GLY A H    1 
ATOM   27   H HA2  . GLY A 1 2   ? -1.339  -0.333  -10.547 1.00 0.00 ? 2   GLY A HA2  1 
ATOM   28   H HA3  . GLY A 1 2   ? -1.762  -1.941  -9.981  1.00 0.00 ? 2   GLY A HA3  1 
ATOM   29   N N    . LYS A 1 3   ? 0.616   -2.604  -10.592 1.00 0.00 ? 3   LYS A N    1 
ATOM   30   C CA   . LYS A 1 3   ? 1.937   -3.187  -11.014 1.00 0.00 ? 3   LYS A CA   1 
ATOM   31   C C    . LYS A 1 3   ? 3.017   -2.105  -11.012 1.00 0.00 ? 3   LYS A C    1 
ATOM   32   O O    . LYS A 1 3   ? 4.065   -2.253  -11.611 1.00 0.00 ? 3   LYS A O    1 
ATOM   33   C CB   . LYS A 1 3   ? 1.801   -3.822  -12.399 1.00 0.00 ? 3   LYS A CB   1 
ATOM   34   C CG   . LYS A 1 3   ? 2.939   -4.814  -12.623 1.00 1.22 ? 3   LYS A CG   1 
ATOM   35   C CD   . LYS A 1 3   ? 2.715   -5.553  -13.944 1.00 1.30 ? 3   LYS A CD   1 
ATOM   36   C CE   . LYS A 1 3   ? 2.613   -4.541  -15.089 1.00 1.21 ? 3   LYS A CE   1 
ATOM   37   N NZ   . LYS A 1 3   ? 3.068   -5.178  -16.357 1.00 1.64 ? 3   LYS A NZ   1 
ATOM   38   H H    . LYS A 1 3   ? 0.330   -2.752  -9.675  1.00 0.00 ? 3   LYS A H    1 
ATOM   39   H HA   . LYS A 1 3   ? 2.232   -3.936  -10.291 1.00 0.00 ? 3   LYS A HA   1 
ATOM   40   H HB2  . LYS A 1 3   ? 0.855   -4.338  -12.468 1.00 0.86 ? 3   LYS A HB2  1 
ATOM   41   H HB3  . LYS A 1 3   ? 1.848   -3.053  -13.155 1.00 0.86 ? 3   LYS A HB3  1 
ATOM   42   H HG2  . LYS A 1 3   ? 3.875   -4.282  -12.657 1.00 1.79 ? 3   LYS A HG2  1 
ATOM   43   H HG3  . LYS A 1 3   ? 2.960   -5.528  -11.813 1.00 1.81 ? 3   LYS A HG3  1 
ATOM   44   H HD2  . LYS A 1 3   ? 3.544   -6.221  -14.126 1.00 1.94 ? 3   LYS A HD2  1 
ATOM   45   H HD3  . LYS A 1 3   ? 1.800   -6.121  -13.887 1.00 1.74 ? 3   LYS A HD3  1 
ATOM   46   H HE2  . LYS A 1 3   ? 1.586   -4.222  -15.195 1.00 1.74 ? 3   LYS A HE2  1 
ATOM   47   H HE3  . LYS A 1 3   ? 3.234   -3.684  -14.873 1.00 1.81 ? 3   LYS A HE3  1 
ATOM   48   H HZ1  . LYS A 1 3   ? 3.489   -4.457  -16.976 1.00 2.09 ? 3   LYS A HZ1  1 
ATOM   49   H HZ2  . LYS A 1 3   ? 2.256   -5.614  -16.837 1.00 2.11 ? 3   LYS A HZ2  1 
ATOM   50   H HZ3  . LYS A 1 3   ? 3.777   -5.909  -16.142 1.00 2.07 ? 3   LYS A HZ3  1 
ATOM   51   N N    . PHE A 1 4   ? 2.774   -1.023  -10.328 1.00 0.00 ? 4   PHE A N    1 
ATOM   52   C CA   . PHE A 1 4   ? 3.781   0.072   -10.259 1.00 0.00 ? 4   PHE A CA   1 
ATOM   53   C C    . PHE A 1 4   ? 5.170   -0.503  -9.952  1.00 0.00 ? 4   PHE A C    1 
ATOM   54   O O    . PHE A 1 4   ? 6.172   0.141   -10.187 1.00 0.00 ? 4   PHE A O    1 
ATOM   55   C CB   . PHE A 1 4   ? 3.379   1.055   -9.147  1.00 0.00 ? 4   PHE A CB   1 
ATOM   56   C CG   . PHE A 1 4   ? 3.714   0.469   -7.787  1.00 0.00 ? 4   PHE A CG   1 
ATOM   57   C CD1  . PHE A 1 4   ? 2.837   -0.441  -7.164  1.00 0.00 ? 4   PHE A CD1  1 
ATOM   58   C CD2  . PHE A 1 4   ? 4.918   0.833   -7.150  1.00 0.00 ? 4   PHE A CD2  1 
ATOM   59   C CE1  . PHE A 1 4   ? 3.163   -0.982  -5.905  1.00 0.00 ? 4   PHE A CE1  1 
ATOM   60   C CE2  . PHE A 1 4   ? 5.241   0.290   -5.893  1.00 0.00 ? 4   PHE A CE2  1 
ATOM   61   C CZ   . PHE A 1 4   ? 4.365   -0.616  -5.271  1.00 0.00 ? 4   PHE A CZ   1 
ATOM   62   H H    . PHE A 1 4   ? 1.915   -0.918  -9.867  1.00 0.00 ? 4   PHE A H    1 
ATOM   63   H HA   . PHE A 1 4   ? 3.850   0.594   -11.202 1.00 0.00 ? 4   PHE A HA   1 
ATOM   64   H HB2  . PHE A 1 4   ? 3.913   1.982   -9.278  1.00 0.00 ? 4   PHE A HB2  1 
ATOM   65   H HB3  . PHE A 1 4   ? 2.316   1.243   -9.204  1.00 0.00 ? 4   PHE A HB3  1 
ATOM   66   H HD1  . PHE A 1 4   ? 1.916   -0.722  -7.650  1.00 0.00 ? 4   PHE A HD1  1 
ATOM   67   H HD2  . PHE A 1 4   ? 5.590   1.531   -7.628  1.00 0.00 ? 4   PHE A HD2  1 
ATOM   68   H HE1  . PHE A 1 4   ? 2.491   -1.675  -5.420  1.00 0.00 ? 4   PHE A HE1  1 
ATOM   69   H HE2  . PHE A 1 4   ? 6.163   0.571   -5.406  1.00 0.00 ? 4   PHE A HE2  1 
ATOM   70   H HZ   . PHE A 1 4   ? 4.614   -1.033  -4.305  1.00 0.00 ? 4   PHE A HZ   1 
ATOM   71   N N    . SER A 1 5   ? 5.257   -1.684  -9.405  1.00 0.00 ? 5   SER A N    1 
ATOM   72   C CA   . SER A 1 5   ? 6.596   -2.241  -9.067  1.00 0.00 ? 5   SER A CA   1 
ATOM   73   C C    . SER A 1 5   ? 7.378   -2.602  -10.335 1.00 0.00 ? 5   SER A C    1 
ATOM   74   O O    . SER A 1 5   ? 8.571   -2.826  -10.285 1.00 0.00 ? 5   SER A O    1 
ATOM   75   C CB   . SER A 1 5   ? 6.407   -3.486  -8.203  1.00 0.00 ? 5   SER A CB   1 
ATOM   76   O OG   . SER A 1 5   ? 5.677   -4.461  -8.937  1.00 0.00 ? 5   SER A OG   1 
ATOM   77   H H    . SER A 1 5   ? 4.463   -2.204  -9.164  1.00 0.00 ? 5   SER A H    1 
ATOM   78   H HA   . SER A 1 5   ? 7.154   -1.505  -8.506  1.00 0.00 ? 5   SER A HA   1 
ATOM   79   H HB2  . SER A 1 5   ? 7.367   -3.891  -7.931  1.00 0.00 ? 5   SER A HB2  1 
ATOM   80   H HB3  . SER A 1 5   ? 5.864   -3.217  -7.304  1.00 0.00 ? 5   SER A HB3  1 
ATOM   81   H HG   . SER A 1 5   ? 6.306   -5.073  -9.325  1.00 0.00 ? 5   SER A HG   1 
ATOM   82   N N    . GLN A 1 6   ? 6.737   -2.646  -11.476 1.00 0.00 ? 6   GLN A N    1 
ATOM   83   C CA   . GLN A 1 6   ? 7.481   -2.975  -12.727 1.00 0.00 ? 6   GLN A CA   1 
ATOM   84   C C    . GLN A 1 6   ? 8.383   -1.810  -13.128 1.00 0.00 ? 6   GLN A C    1 
ATOM   85   O O    . GLN A 1 6   ? 9.393   -2.006  -13.775 1.00 0.00 ? 6   GLN A O    1 
ATOM   86   C CB   . GLN A 1 6   ? 6.505   -3.266  -13.868 1.00 0.00 ? 6   GLN A CB   1 
ATOM   87   C CG   . GLN A 1 6   ? 7.297   -3.592  -15.138 1.00 0.12 ? 6   GLN A CG   1 
ATOM   88   C CD   . GLN A 1 6   ? 6.335   -3.975  -16.263 1.00 0.12 ? 6   GLN A CD   1 
ATOM   89   O OE1  . GLN A 1 6   ? 5.151   -4.122  -16.041 1.00 0.73 ? 6   GLN A OE1  1 
ATOM   90   N NE2  . GLN A 1 6   ? 6.798   -4.146  -17.471 1.00 0.69 ? 6   GLN A NE2  1 
ATOM   91   H H    . GLN A 1 6   ? 5.784   -2.438  -11.524 1.00 0.00 ? 6   GLN A H    1 
ATOM   92   H HA   . GLN A 1 6   ? 8.104   -3.845  -12.571 1.00 0.00 ? 6   GLN A HA   1 
ATOM   93   H HB2  . GLN A 1 6   ? 5.891   -4.112  -13.605 1.00 0.08 ? 6   GLN A HB2  1 
ATOM   94   H HB3  . GLN A 1 6   ? 5.882   -2.404  -14.043 1.00 0.08 ? 6   GLN A HB3  1 
ATOM   95   H HG2  . GLN A 1 6   ? 7.870   -2.726  -15.437 1.00 0.19 ? 6   GLN A HG2  1 
ATOM   96   H HG3  . GLN A 1 6   ? 7.966   -4.417  -14.943 1.00 0.20 ? 6   GLN A HG3  1 
ATOM   97   H HE21 . GLN A 1 6   ? 7.754   -4.029  -17.651 1.00 1.23 ? 6   GLN A HE21 1 
ATOM   98   H HE22 . GLN A 1 6   ? 6.189   -4.392  -18.199 1.00 0.69 ? 6   GLN A HE22 1 
ATOM   99   N N    . THR A 1 7   ? 8.029   -0.598  -12.765 1.00 0.00 ? 7   THR A N    1 
ATOM   100  C CA   . THR A 1 7   ? 8.877   0.581   -13.150 1.00 0.00 ? 7   THR A CA   1 
ATOM   101  C C    . THR A 1 7   ? 9.239   1.414   -11.921 1.00 0.00 ? 7   THR A C    1 
ATOM   102  O O    . THR A 1 7   ? 9.627   2.559   -12.051 1.00 0.00 ? 7   THR A O    1 
ATOM   103  C CB   . THR A 1 7   ? 8.111   1.440   -14.155 1.00 0.00 ? 7   THR A CB   1 
ATOM   104  O OG1  . THR A 1 7   ? 7.180   2.261   -13.462 1.00 0.06 ? 7   THR A OG1  1 
ATOM   105  C CG2  . THR A 1 7   ? 7.362   0.535   -15.134 1.00 0.07 ? 7   THR A CG2  1 
ATOM   106  H H    . THR A 1 7   ? 7.208   -0.465  -12.246 1.00 0.00 ? 7   THR A H    1 
ATOM   107  H HA   . THR A 1 7   ? 9.796   0.232   -13.598 1.00 0.00 ? 7   THR A HA   1 
ATOM   108  H HB   . THR A 1 7   ? 8.801   2.055   -14.701 1.00 0.05 ? 7   THR A HB   1 
ATOM   109  H HG1  . THR A 1 7   ? 6.370   2.289   -13.977 1.00 0.92 ? 7   THR A HG1  1 
ATOM   110  H HG21 . THR A 1 7   ? 6.910   1.137   -15.907 1.00 0.94 ? 7   THR A HG21 1 
ATOM   111  H HG22 . THR A 1 7   ? 6.592   -0.008  -14.605 1.00 0.93 ? 7   THR A HG22 1 
ATOM   112  H HG23 . THR A 1 7   ? 8.054   -0.164  -15.579 1.00 0.95 ? 7   THR A HG23 1 
ATOM   113  N N    . CYS A 1 8   ? 9.143   0.862   -10.728 1.00 0.00 ? 8   CYS A N    1 
ATOM   114  C CA   . CYS A 1 8   ? 9.521   1.644   -9.501  1.00 0.00 ? 8   CYS A CA   1 
ATOM   115  C C    . CYS A 1 8   ? 10.471  0.791   -8.657  1.00 0.00 ? 8   CYS A C    1 
ATOM   116  O O    . CYS A 1 8   ? 10.455  -0.421  -8.736  1.00 0.00 ? 8   CYS A O    1 
ATOM   117  C CB   . CYS A 1 8   ? 8.264   2.006   -8.704  1.00 0.00 ? 8   CYS A CB   1 
ATOM   118  S SG   . CYS A 1 8   ? 7.131   2.943   -9.766  1.00 0.00 ? 8   CYS A SG   1 
ATOM   119  H H    . CYS A 1 8   ? 8.842   -0.067  -10.636 1.00 0.00 ? 8   CYS A H    1 
ATOM   120  H HA   . CYS A 1 8   ? 10.033  2.541   -9.810  1.00 0.00 ? 8   CYS A HA   1 
ATOM   121  H HB2  . CYS A 1 8   ? 7.777   1.104   -8.364  1.00 0.00 ? 8   CYS A HB2  1 
ATOM   122  H HB3  . CYS A 1 8   ? 8.539   2.610   -7.850  1.00 0.00 ? 8   CYS A HB3  1 
ATOM   123  N N    . TYR A 1 9   ? 11.316  1.404   -7.865  1.00 0.00 ? 9   TYR A N    1 
ATOM   124  C CA   . TYR A 1 9   ? 12.275  0.604   -7.038  1.00 0.00 ? 9   TYR A CA   1 
ATOM   125  C C    . TYR A 1 9   ? 12.551  1.320   -5.710  1.00 0.00 ? 9   TYR A C    1 
ATOM   126  O O    . TYR A 1 9   ? 12.112  2.433   -5.492  1.00 0.00 ? 9   TYR A O    1 
ATOM   127  C CB   . TYR A 1 9   ? 13.577  0.407   -7.820  1.00 0.00 ? 9   TYR A CB   1 
ATOM   128  C CG   . TYR A 1 9   ? 14.311  1.717   -7.948  1.00 0.00 ? 9   TYR A CG   1 
ATOM   129  C CD1  . TYR A 1 9   ? 13.991  2.609   -8.989  1.00 0.00 ? 9   TYR A CD1  1 
ATOM   130  C CD2  . TYR A 1 9   ? 15.320  2.042   -7.029  1.00 0.00 ? 9   TYR A CD2  1 
ATOM   131  C CE1  . TYR A 1 9   ? 14.684  3.828   -9.107  1.00 0.00 ? 9   TYR A CE1  1 
ATOM   132  C CE2  . TYR A 1 9   ? 16.017  3.260   -7.146  1.00 0.00 ? 9   TYR A CE2  1 
ATOM   133  C CZ   . TYR A 1 9   ? 15.697  4.155   -8.186  1.00 0.00 ? 9   TYR A CZ   1 
ATOM   134  O OH   . TYR A 1 9   ? 16.379  5.348   -8.306  1.00 0.00 ? 9   TYR A OH   1 
ATOM   135  H H    . TYR A 1 9   ? 11.333  2.384   -7.829  1.00 0.00 ? 9   TYR A H    1 
ATOM   136  H HA   . TYR A 1 9   ? 11.844  -0.369  -6.838  1.00 0.00 ? 9   TYR A HA   1 
ATOM   137  H HB2  . TYR A 1 9   ? 14.202  -0.302  -7.299  1.00 0.00 ? 9   TYR A HB2  1 
ATOM   138  H HB3  . TYR A 1 9   ? 13.348  0.026   -8.803  1.00 0.00 ? 9   TYR A HB3  1 
ATOM   139  H HD1  . TYR A 1 9   ? 13.212  2.358   -9.696  1.00 0.00 ? 9   TYR A HD1  1 
ATOM   140  H HD2  . TYR A 1 9   ? 15.559  1.352   -6.234  1.00 0.00 ? 9   TYR A HD2  1 
ATOM   141  H HE1  . TYR A 1 9   ? 14.435  4.514   -9.903  1.00 0.00 ? 9   TYR A HE1  1 
ATOM   142  H HE2  . TYR A 1 9   ? 16.794  3.509   -6.439  1.00 0.00 ? 9   TYR A HE2  1 
ATOM   143  H HH   . TYR A 1 9   ? 16.173  5.885   -7.538  1.00 0.00 ? 9   TYR A HH   1 
ATOM   144  N N    . ASN A 1 10  ? 13.245  0.674   -4.809  1.00 0.00 ? 10  ASN A N    1 
ATOM   145  C CA   . ASN A 1 10  ? 13.528  1.290   -3.473  1.00 0.00 ? 10  ASN A CA   1 
ATOM   146  C C    . ASN A 1 10  ? 12.209  1.679   -2.800  1.00 0.00 ? 10  ASN A C    1 
ATOM   147  O O    . ASN A 1 10  ? 12.120  2.678   -2.113  1.00 0.00 ? 10  ASN A O    1 
ATOM   148  C CB   . ASN A 1 10  ? 14.426  2.530   -3.627  1.00 0.00 ? 10  ASN A CB   1 
ATOM   149  C CG   . ASN A 1 10  ? 15.887  2.099   -3.790  1.00 0.00 ? 10  ASN A CG   1 
ATOM   150  O OD1  . ASN A 1 10  ? 16.204  0.931   -3.684  1.00 0.00 ? 10  ASN A OD1  1 
ATOM   151  N ND2  . ASN A 1 10  ? 16.797  2.999   -4.036  1.00 0.00 ? 10  ASN A ND2  1 
ATOM   152  H H    . ASN A 1 10  ? 13.562  -0.234  -4.998  1.00 0.00 ? 10  ASN A H    1 
ATOM   153  H HA   . ASN A 1 10  ? 14.030  0.561   -2.849  1.00 0.00 ? 10  ASN A HA   1 
ATOM   154  H HB2  . ASN A 1 10  ? 14.121  3.093   -4.495  1.00 0.00 ? 10  ASN A HB2  1 
ATOM   155  H HB3  . ASN A 1 10  ? 14.337  3.154   -2.748  1.00 0.00 ? 10  ASN A HB3  1 
ATOM   156  H HD21 . ASN A 1 10  ? 16.545  3.942   -4.117  1.00 0.00 ? 10  ASN A HD21 1 
ATOM   157  H HD22 . ASN A 1 10  ? 17.734  2.732   -4.142  1.00 0.00 ? 10  ASN A HD22 1 
ATOM   158  N N    . SER A 1 11  ? 11.185  0.895   -2.992  1.00 0.00 ? 11  SER A N    1 
ATOM   159  C CA   . SER A 1 11  ? 9.872   1.208   -2.361  1.00 0.00 ? 11  SER A CA   1 
ATOM   160  C C    . SER A 1 11  ? 9.979   1.052   -0.844  1.00 0.00 ? 11  SER A C    1 
ATOM   161  O O    . SER A 1 11  ? 10.675  0.195   -0.337  1.00 0.00 ? 11  SER A O    1 
ATOM   162  C CB   . SER A 1 11  ? 8.802   0.256   -2.895  1.00 0.00 ? 11  SER A CB   1 
ATOM   163  O OG   . SER A 1 11  ? 8.533   0.570   -4.255  1.00 0.00 ? 11  SER A OG   1 
ATOM   164  H H    . SER A 1 11  ? 11.278  0.102   -3.560  1.00 0.00 ? 11  SER A H    1 
ATOM   165  H HA   . SER A 1 11  ? 9.589   2.226   -2.578  1.00 0.00 ? 11  SER A HA   1 
ATOM   166  H HB2  . SER A 1 11  ? 9.153   -0.760  -2.828  1.00 0.00 ? 11  SER A HB2  1 
ATOM   167  H HB3  . SER A 1 11  ? 7.899   0.362   -2.305  1.00 0.00 ? 11  SER A HB3  1 
ATOM   168  H HG   . SER A 1 11  ? 8.046   -0.163  -4.639  1.00 0.00 ? 11  SER A HG   1 
ATOM   169  N N    . ALA A 1 12  ? 9.289   1.893   -0.126  1.00 0.00 ? 12  ALA A N    1 
ATOM   170  C CA   . ALA A 1 12  ? 9.341   1.830   1.367   1.00 0.00 ? 12  ALA A CA   1 
ATOM   171  C C    . ALA A 1 12  ? 7.968   2.193   1.942   1.00 0.00 ? 12  ALA A C    1 
ATOM   172  O O    . ALA A 1 12  ? 7.190   2.898   1.328   1.00 0.00 ? 12  ALA A O    1 
ATOM   173  C CB   . ALA A 1 12  ? 10.396  2.834   1.855   1.00 0.00 ? 12  ALA A CB   1 
ATOM   174  H H    . ALA A 1 12  ? 8.751   2.579   -0.574  1.00 0.00 ? 12  ALA A H    1 
ATOM   175  H HA   . ALA A 1 12  ? 9.616   0.833   1.682   1.00 0.00 ? 12  ALA A HA   1 
ATOM   176  H HB1  . ALA A 1 12  ? 11.209  2.871   1.144   1.00 0.00 ? 12  ALA A HB1  1 
ATOM   177  H HB2  . ALA A 1 12  ? 10.775  2.519   2.816   1.00 0.00 ? 12  ALA A HB2  1 
ATOM   178  H HB3  . ALA A 1 12  ? 9.957   3.817   1.947   1.00 0.00 ? 12  ALA A HB3  1 
ATOM   179  N N    . ILE A 1 13  ? 7.674   1.712   3.126   1.00 0.00 ? 13  ILE A N    1 
ATOM   180  C CA   . ILE A 1 13  ? 6.362   2.023   3.776   1.00 0.00 ? 13  ILE A CA   1 
ATOM   181  C C    . ILE A 1 13  ? 6.588   2.410   5.234   1.00 0.00 ? 13  ILE A C    1 
ATOM   182  O O    . ILE A 1 13  ? 7.309   1.762   5.965   1.00 0.00 ? 13  ILE A O    1 
ATOM   183  C CB   . ILE A 1 13  ? 5.412   0.807   3.690   1.00 0.00 ? 13  ILE A CB   1 
ATOM   184  C CG1  . ILE A 1 13  ? 4.919   0.670   2.238   1.00 0.00 ? 13  ILE A CG1  1 
ATOM   185  C CG2  . ILE A 1 13  ? 4.210   1.013   4.637   1.00 0.00 ? 13  ILE A CG2  1 
ATOM   186  C CD1  . ILE A 1 13  ? 4.304   -0.714  1.978   1.00 0.00 ? 13  ILE A CD1  1 
ATOM   187  H H    . ILE A 1 13  ? 8.333   1.152   3.588   1.00 0.00 ? 13  ILE A H    1 
ATOM   188  H HA   . ILE A 1 13  ? 5.895   2.860   3.275   1.00 0.00 ? 13  ILE A HA   1 
ATOM   189  H HB   . ILE A 1 13  ? 5.932   -0.092  4.002   1.00 0.00 ? 13  ILE A HB   1 
ATOM   190  H HG12 . ILE A 1 13  ? 4.173   1.426   2.052   1.00 0.00 ? 13  ILE A HG12 1 
ATOM   191  H HG13 . ILE A 1 13  ? 5.748   0.821   1.563   1.00 0.00 ? 13  ILE A HG13 1 
ATOM   192  H HG21 . ILE A 1 13  ? 3.361   0.447   4.285   1.00 0.00 ? 13  ILE A HG21 1 
ATOM   193  H HG22 . ILE A 1 13  ? 3.948   2.061   4.670   1.00 0.00 ? 13  ILE A HG22 1 
ATOM   194  H HG23 . ILE A 1 13  ? 4.472   0.679   5.632   1.00 0.00 ? 13  ILE A HG23 1 
ATOM   195  H HD11 . ILE A 1 13  ? 4.858   -1.469  2.513   1.00 0.00 ? 13  ILE A HD11 1 
ATOM   196  H HD12 . ILE A 1 13  ? 4.338   -0.927  0.919   1.00 0.00 ? 13  ILE A HD12 1 
ATOM   197  H HD13 . ILE A 1 13  ? 3.276   -0.723  2.307   1.00 0.00 ? 13  ILE A HD13 1 
ATOM   198  N N    . GLN A 1 14  ? 5.945   3.465   5.657   1.00 0.00 ? 14  GLN A N    1 
ATOM   199  C CA   . GLN A 1 14  ? 6.066   3.920   7.073   1.00 0.00 ? 14  GLN A CA   1 
ATOM   200  C C    . GLN A 1 14  ? 4.664   4.265   7.560   1.00 0.00 ? 14  GLN A C    1 
ATOM   201  O O    . GLN A 1 14  ? 4.045   5.201   7.095   1.00 0.00 ? 14  GLN A O    1 
ATOM   202  C CB   . GLN A 1 14  ? 6.955   5.162   7.153   1.00 0.00 ? 14  GLN A CB   1 
ATOM   203  C CG   . GLN A 1 14  ? 7.091   5.582   8.616   1.00 0.00 ? 14  GLN A CG   1 
ATOM   204  C CD   . GLN A 1 14  ? 8.162   6.665   8.746   1.00 0.00 ? 14  GLN A CD   1 
ATOM   205  O OE1  . GLN A 1 14  ? 8.857   6.965   7.797   1.00 0.00 ? 14  GLN A OE1  1 
ATOM   206  N NE2  . GLN A 1 14  ? 8.337   7.254   9.896   1.00 0.00 ? 14  GLN A NE2  1 
ATOM   207  H H    . GLN A 1 14  ? 5.354   3.952   5.044   1.00 0.00 ? 14  GLN A H    1 
ATOM   208  H HA   . GLN A 1 14  ? 6.483   3.132   7.687   1.00 0.00 ? 14  GLN A HA   1 
ATOM   209  H HB2  . GLN A 1 14  ? 7.930   4.936   6.746   1.00 0.00 ? 14  GLN A HB2  1 
ATOM   210  H HB3  . GLN A 1 14  ? 6.504   5.965   6.589   1.00 0.00 ? 14  GLN A HB3  1 
ATOM   211  H HG2  . GLN A 1 14  ? 6.146   5.967   8.968   1.00 0.00 ? 14  GLN A HG2  1 
ATOM   212  H HG3  . GLN A 1 14  ? 7.374   4.726   9.210   1.00 0.00 ? 14  GLN A HG3  1 
ATOM   213  H HE21 . GLN A 1 14  ? 7.786   7.001   10.666  1.00 0.00 ? 14  GLN A HE21 1 
ATOM   214  H HE22 . GLN A 1 14  ? 9.022   7.948   9.990   1.00 0.00 ? 14  GLN A HE22 1 
ATOM   215  N N    . GLY A 1 15  ? 4.146   3.501   8.467   1.00 0.00 ? 15  GLY A N    1 
ATOM   216  C CA   . GLY A 1 15  ? 2.768   3.781   8.936   1.00 0.00 ? 15  GLY A CA   1 
ATOM   217  C C    . GLY A 1 15  ? 1.804   3.435   7.797   1.00 0.00 ? 15  GLY A C    1 
ATOM   218  O O    . GLY A 1 15  ? 1.750   2.307   7.350   1.00 0.00 ? 15  GLY A O    1 
ATOM   219  H H    . GLY A 1 15  ? 4.647   2.727   8.817   1.00 0.00 ? 15  GLY A H    1 
ATOM   220  H HA2  . GLY A 1 15  ? 2.546   3.174   9.803   1.00 0.00 ? 15  GLY A HA2  1 
ATOM   221  H HA3  . GLY A 1 15  ? 2.669   4.826   9.183   1.00 0.00 ? 15  GLY A HA3  1 
ATOM   222  N N    . SER A 1 16  ? 1.068   4.400   7.299   1.00 0.00 ? 16  SER A N    1 
ATOM   223  C CA   . SER A 1 16  ? 0.125   4.139   6.160   1.00 0.00 ? 16  SER A CA   1 
ATOM   224  C C    . SER A 1 16  ? 0.625   4.852   4.892   1.00 0.00 ? 16  SER A C    1 
ATOM   225  O O    . SER A 1 16  ? -0.046  4.866   3.879   1.00 0.00 ? 16  SER A O    1 
ATOM   226  C CB   . SER A 1 16  ? -1.259  4.680   6.523   1.00 0.00 ? 16  SER A CB   1 
ATOM   227  O OG   . SER A 1 16  ? -1.187  6.093   6.669   1.00 0.00 ? 16  SER A OG   1 
ATOM   228  H H    . SER A 1 16  ? 1.162   5.310   7.648   1.00 0.00 ? 16  SER A H    1 
ATOM   229  H HA   . SER A 1 16  ? 0.049   3.076   5.970   1.00 0.00 ? 16  SER A HA   1 
ATOM   230  H HB2  . SER A 1 16  ? -1.959  4.439   5.740   1.00 0.00 ? 16  SER A HB2  1 
ATOM   231  H HB3  . SER A 1 16  ? -1.589  4.229   7.449   1.00 0.00 ? 16  SER A HB3  1 
ATOM   232  H HG   . SER A 1 16  ? -1.685  6.491   5.950   1.00 0.00 ? 16  SER A HG   1 
ATOM   233  N N    . VAL A 1 17  ? 1.778   5.476   4.947   1.00 0.00 ? 17  VAL A N    1 
ATOM   234  C CA   . VAL A 1 17  ? 2.288   6.231   3.749   1.00 0.00 ? 17  VAL A CA   1 
ATOM   235  C C    . VAL A 1 17  ? 3.200   5.365   2.862   1.00 0.00 ? 17  VAL A C    1 
ATOM   236  O O    . VAL A 1 17  ? 4.223   4.865   3.288   1.00 0.00 ? 17  VAL A O    1 
ATOM   237  C CB   . VAL A 1 17  ? 3.067   7.468   4.236   1.00 0.00 ? 17  VAL A CB   1 
ATOM   238  C CG1  . VAL A 1 17  ? 3.723   8.173   3.034   1.00 0.00 ? 17  VAL A CG1  1 
ATOM   239  C CG2  . VAL A 1 17  ? 2.104   8.439   4.974   1.00 0.00 ? 17  VAL A CG2  1 
ATOM   240  H H    . VAL A 1 17  ? 2.295   5.478   5.780   1.00 0.00 ? 17  VAL A H    1 
ATOM   241  H HA   . VAL A 1 17  ? 1.443   6.559   3.161   1.00 0.00 ? 17  VAL A HA   1 
ATOM   242  H HB   . VAL A 1 17  ? 3.838   7.143   4.921   1.00 0.00 ? 17  VAL A HB   1 
ATOM   243  H HG11 . VAL A 1 17  ? 2.988   8.315   2.255   1.00 0.00 ? 17  VAL A HG11 1 
ATOM   244  H HG12 . VAL A 1 17  ? 4.533   7.566   2.657   1.00 0.00 ? 17  VAL A HG12 1 
ATOM   245  H HG13 . VAL A 1 17  ? 4.114   9.131   3.338   1.00 0.00 ? 17  VAL A HG13 1 
ATOM   246  H HG21 . VAL A 1 17  ? 2.406   9.464   4.810   1.00 0.00 ? 17  VAL A HG21 1 
ATOM   247  H HG22 . VAL A 1 17  ? 2.130   8.231   6.036   1.00 0.00 ? 17  VAL A HG22 1 
ATOM   248  H HG23 . VAL A 1 17  ? 1.093   8.309   4.615   1.00 0.00 ? 17  VAL A HG23 1 
ATOM   249  N N    . LEU A 1 18  ? 2.847   5.246   1.612   1.00 0.00 ? 18  LEU A N    1 
ATOM   250  C CA   . LEU A 1 18  ? 3.697   4.487   0.643   1.00 0.00 ? 18  LEU A CA   1 
ATOM   251  C C    . LEU A 1 18  ? 4.610   5.501   -0.050  1.00 0.00 ? 18  LEU A C    1 
ATOM   252  O O    . LEU A 1 18  ? 4.158   6.499   -0.569  1.00 0.00 ? 18  LEU A O    1 
ATOM   253  C CB   . LEU A 1 18  ? 2.807   3.782   -0.393  1.00 0.00 ? 18  LEU A CB   1 
ATOM   254  C CG   . LEU A 1 18  ? 3.642   3.200   -1.547  1.00 0.00 ? 18  LEU A CG   1 
ATOM   255  C CD1  . LEU A 1 18  ? 4.648   2.177   -1.007  1.00 0.00 ? 18  LEU A CD1  1 
ATOM   256  C CD2  . LEU A 1 18  ? 2.702   2.508   -2.539  1.00 0.00 ? 18  LEU A CD2  1 
ATOM   257  H H    . LEU A 1 18  ? 2.036   5.703   1.280   1.00 0.00 ? 18  LEU A H    1 
ATOM   258  H HA   . LEU A 1 18  ? 4.325   3.769   1.147   1.00 0.00 ? 18  LEU A HA   1 
ATOM   259  H HB2  . LEU A 1 18  ? 2.276   2.984   0.094   1.00 0.00 ? 18  LEU A HB2  1 
ATOM   260  H HB3  . LEU A 1 18  ? 2.095   4.490   -0.795  1.00 0.00 ? 18  LEU A HB3  1 
ATOM   261  H HG   . LEU A 1 18  ? 4.172   3.992   -2.054  1.00 0.00 ? 18  LEU A HG   1 
ATOM   262  H HD11 . LEU A 1 18  ? 5.008   1.562   -1.819  1.00 0.00 ? 18  LEU A HD11 1 
ATOM   263  H HD12 . LEU A 1 18  ? 4.166   1.553   -0.271  1.00 0.00 ? 18  LEU A HD12 1 
ATOM   264  H HD13 . LEU A 1 18  ? 5.480   2.695   -0.555  1.00 0.00 ? 18  LEU A HD13 1 
ATOM   265  H HD21 . LEU A 1 18  ? 2.320   1.598   -2.100  1.00 0.00 ? 18  LEU A HD21 1 
ATOM   266  H HD22 . LEU A 1 18  ? 3.244   2.270   -3.443  1.00 0.00 ? 18  LEU A HD22 1 
ATOM   267  H HD23 . LEU A 1 18  ? 1.880   3.167   -2.776  1.00 0.00 ? 18  LEU A HD23 1 
ATOM   268  N N    . THR A 1 19  ? 5.895   5.243   -0.063  1.00 0.00 ? 19  THR A N    1 
ATOM   269  C CA   . THR A 1 19  ? 6.865   6.181   -0.713  1.00 0.00 ? 19  THR A CA   1 
ATOM   270  C C    . THR A 1 19  ? 7.743   5.389   -1.688  1.00 0.00 ? 19  THR A C    1 
ATOM   271  O O    . THR A 1 19  ? 8.281   4.356   -1.343  1.00 0.00 ? 19  THR A O    1 
ATOM   272  C CB   . THR A 1 19  ? 7.728   6.810   0.392   1.00 0.00 ? 19  THR A CB   1 
ATOM   273  O OG1  . THR A 1 19  ? 6.883   7.540   1.269   1.00 0.00 ? 19  THR A OG1  1 
ATOM   274  C CG2  . THR A 1 19  ? 8.808   7.763   -0.168  1.00 0.00 ? 19  THR A CG2  1 
ATOM   275  H H    . THR A 1 19  ? 6.239   4.424   0.350   1.00 0.00 ? 19  THR A H    1 
ATOM   276  H HA   . THR A 1 19  ? 6.336   6.956   -1.249  1.00 0.00 ? 19  THR A HA   1 
ATOM   277  H HB   . THR A 1 19  ? 8.210   6.018   0.950   1.00 0.00 ? 19  THR A HB   1 
ATOM   278  H HG1  . THR A 1 19  ? 6.633   6.961   1.993   1.00 0.00 ? 19  THR A HG1  1 
ATOM   279  H HG21 . THR A 1 19  ? 8.877   7.661   -1.242  1.00 0.00 ? 19  THR A HG21 1 
ATOM   280  H HG22 . THR A 1 19  ? 9.769   7.533   0.275   1.00 0.00 ? 19  THR A HG22 1 
ATOM   281  H HG23 . THR A 1 19  ? 8.542   8.781   0.073   1.00 0.00 ? 19  THR A HG23 1 
ATOM   282  N N    . SER A 1 20  ? 7.890   5.841   -2.897  1.00 0.00 ? 20  SER A N    1 
ATOM   283  C CA   . SER A 1 20  ? 8.738   5.053   -3.845  1.00 0.00 ? 20  SER A CA   1 
ATOM   284  C C    . SER A 1 20  ? 9.266   5.935   -4.978  1.00 0.00 ? 20  SER A C    1 
ATOM   285  O O    . SER A 1 20  ? 8.695   6.956   -5.311  1.00 0.00 ? 20  SER A O    1 
ATOM   286  C CB   . SER A 1 20  ? 7.891   3.926   -4.441  1.00 0.00 ? 20  SER A CB   1 
ATOM   287  O OG   . SER A 1 20  ? 8.738   3.002   -5.107  1.00 0.00 ? 20  SER A OG   1 
ATOM   288  H H    . SER A 1 20  ? 7.452   6.678   -3.197  1.00 0.00 ? 20  SER A H    1 
ATOM   289  H HA   . SER A 1 20  ? 9.567   4.616   -3.301  1.00 0.00 ? 20  SER A HA   1 
ATOM   290  H HB2  . SER A 1 20  ? 7.357   3.418   -3.656  1.00 0.00 ? 20  SER A HB2  1 
ATOM   291  H HB3  . SER A 1 20  ? 7.181   4.346   -5.141  1.00 0.00 ? 20  SER A HB3  1 
ATOM   292  H HG   . SER A 1 20  ? 9.360   3.499   -5.644  1.00 0.00 ? 20  SER A HG   1 
ATOM   293  N N    . THR A 1 21  ? 10.348  5.520   -5.587  1.00 0.00 ? 21  THR A N    1 
ATOM   294  C CA   . THR A 1 21  ? 10.923  6.299   -6.729  1.00 0.00 ? 21  THR A CA   1 
ATOM   295  C C    . THR A 1 21  ? 10.437  5.634   -8.017  1.00 0.00 ? 21  THR A C    1 
ATOM   296  O O    . THR A 1 21  ? 10.654  4.457   -8.224  1.00 0.00 ? 21  THR A O    1 
ATOM   297  C CB   . THR A 1 21  ? 12.454  6.258   -6.655  1.00 0.00 ? 21  THR A CB   1 
ATOM   298  O OG1  . THR A 1 21  ? 12.877  6.880   -5.450  1.00 0.00 ? 21  THR A OG1  1 
ATOM   299  C CG2  . THR A 1 21  ? 13.060  6.999   -7.851  1.00 0.00 ? 21  THR A CG2  1 
ATOM   300  H H    . THR A 1 21  ? 10.775  4.682   -5.311  1.00 0.00 ? 21  THR A H    1 
ATOM   301  H HA   . THR A 1 21  ? 10.572  7.321   -6.684  1.00 0.00 ? 21  THR A HA   1 
ATOM   302  H HB   . THR A 1 21  ? 12.784  5.231   -6.662  1.00 0.00 ? 21  THR A HB   1 
ATOM   303  H HG1  . THR A 1 21  ? 13.823  7.031   -5.510  1.00 0.00 ? 21  THR A HG1  1 
ATOM   304  H HG21 . THR A 1 21  ? 14.137  6.970   -7.781  1.00 0.00 ? 21  THR A HG21 1 
ATOM   305  H HG22 . THR A 1 21  ? 12.727  8.026   -7.844  1.00 0.00 ? 21  THR A HG22 1 
ATOM   306  H HG23 . THR A 1 21  ? 12.749  6.525   -8.769  1.00 0.00 ? 21  THR A HG23 1 
ATOM   307  N N    . CYS A 1 22  ? 9.766   6.369   -8.876  1.00 0.00 ? 22  CYS A N    1 
ATOM   308  C CA   . CYS A 1 22  ? 9.242   5.766   -10.146 1.00 0.00 ? 22  CYS A CA   1 
ATOM   309  C C    . CYS A 1 22  ? 9.826   6.467   -11.368 1.00 0.00 ? 22  CYS A C    1 
ATOM   310  O O    . CYS A 1 22  ? 10.208  7.621   -11.322 1.00 0.00 ? 22  CYS A O    1 
ATOM   311  C CB   . CYS A 1 22  ? 7.719   5.891   -10.164 1.00 0.00 ? 22  CYS A CB   1 
ATOM   312  S SG   . CYS A 1 22  ? 7.021   4.777   -8.918  1.00 0.00 ? 22  CYS A SG   1 
ATOM   313  H H    . CYS A 1 22  ? 9.598   7.314   -8.683  1.00 0.00 ? 22  CYS A H    1 
ATOM   314  H HA   . CYS A 1 22  ? 9.496   4.723   -10.186 1.00 0.00 ? 22  CYS A HA   1 
ATOM   315  H HB2  . CYS A 1 22  ? 7.438   6.910   -9.938  1.00 0.00 ? 22  CYS A HB2  1 
ATOM   316  H HB3  . CYS A 1 22  ? 7.346   5.622   -11.141 1.00 0.00 ? 22  CYS A HB3  1 
ATOM   317  N N    . GLU A 1 23  ? 9.893   5.766   -12.468 1.00 0.00 ? 23  GLU A N    1 
ATOM   318  C CA   . GLU A 1 23  ? 10.442  6.366   -13.711 1.00 0.00 ? 23  GLU A CA   1 
ATOM   319  C C    . GLU A 1 23  ? 9.357   7.137   -14.459 1.00 0.00 ? 23  GLU A C    1 
ATOM   320  O O    . GLU A 1 23  ? 8.215   6.731   -14.545 1.00 0.00 ? 23  GLU A O    1 
ATOM   321  C CB   . GLU A 1 23  ? 11.012  5.263   -14.614 1.00 0.00 ? 23  GLU A CB   1 
ATOM   322  C CG   . GLU A 1 23  ? 9.887   4.580   -15.398 1.00 0.01 ? 23  GLU A CG   1 
ATOM   323  C CD   . GLU A 1 23  ? 10.445  3.350   -16.118 1.00 0.01 ? 23  GLU A CD   1 
ATOM   324  O OE1  . GLU A 1 23  ? 11.641  3.130   -16.033 1.00 1.06 ? 23  GLU A OE1  1 
ATOM   325  O OE2  . GLU A 1 23  ? 9.665   2.651   -16.744 1.00 1.06 ? 23  GLU A OE2  1 
ATOM   326  H H    . GLU A 1 23  ? 9.578   4.840   -12.474 1.00 0.00 ? 23  GLU A H    1 
ATOM   327  H HA   . GLU A 1 23  ? 11.229  7.053   -13.466 1.00 0.00 ? 23  GLU A HA   1 
ATOM   328  H HB2  . GLU A 1 23  ? 11.716  5.699   -15.308 1.00 0.01 ? 23  GLU A HB2  1 
ATOM   329  H HB3  . GLU A 1 23  ? 11.520  4.530   -14.006 1.00 0.01 ? 23  GLU A HB3  1 
ATOM   330  H HG2  . GLU A 1 23  ? 9.105   4.282   -14.717 1.00 0.02 ? 23  GLU A HG2  1 
ATOM   331  H HG3  . GLU A 1 23  ? 9.487   5.265   -16.129 1.00 0.02 ? 23  GLU A HG3  1 
ATOM   332  N N    . ARG A 1 24  ? 9.743   8.245   -15.016 1.00 0.00 ? 24  ARG A N    1 
ATOM   333  C CA   . ARG A 1 24  ? 8.813   9.098   -15.801 1.00 0.00 ? 24  ARG A CA   1 
ATOM   334  C C    . ARG A 1 24  ? 8.662   8.550   -17.210 1.00 0.00 ? 24  ARG A C    1 
ATOM   335  O O    . ARG A 1 24  ? 9.532   7.884   -17.736 1.00 0.00 ? 24  ARG A O    1 
ATOM   336  C CB   . ARG A 1 24  ? 9.409   10.496  -15.920 1.00 0.00 ? 24  ARG A CB   1 
ATOM   337  C CG   . ARG A 1 24  ? 9.376   11.202  -14.563 1.00 0.00 ? 24  ARG A CG   1 
ATOM   338  C CD   . ARG A 1 24  ? 9.953   12.619  -14.711 1.00 0.00 ? 24  ARG A CD   1 
ATOM   339  N NE   . ARG A 1 24  ? 9.318   13.499  -13.697 1.00 0.00 ? 24  ARG A NE   1 
ATOM   340  C CZ   . ARG A 1 24  ? 9.761   14.709  -13.515 1.00 0.00 ? 24  ARG A CZ   1 
ATOM   341  N NH1  . ARG A 1 24  ? 10.763  15.149  -14.226 1.00 0.00 ? 24  ARG A NH1  1 
ATOM   342  N NH2  . ARG A 1 24  ? 9.196   15.484  -12.633 1.00 0.00 ? 24  ARG A NH2  1 
ATOM   343  H H    . ARG A 1 24  ? 10.680  8.519   -14.930 1.00 0.00 ? 24  ARG A H    1 
ATOM   344  H HA   . ARG A 1 24  ? 7.833   9.179   -15.354 1.00 0.00 ? 24  ARG A HA   1 
ATOM   345  H HB2  . ARG A 1 24  ? 10.429  10.421  -16.261 1.00 0.00 ? 24  ARG A HB2  1 
ATOM   346  H HB3  . ARG A 1 24  ? 8.835   11.071  -16.633 1.00 0.00 ? 24  ARG A HB3  1 
ATOM   347  H HG2  . ARG A 1 24  ? 8.355   11.260  -14.212 1.00 0.00 ? 24  ARG A HG2  1 
ATOM   348  H HG3  . ARG A 1 24  ? 9.969   10.644  -13.853 1.00 0.00 ? 24  ARG A HG3  1 
ATOM   349  H HD2  . ARG A 1 24  ? 11.016  12.601  -14.546 1.00 0.00 ? 24  ARG A HD2  1 
ATOM   350  H HD3  . ARG A 1 24  ? 9.757   12.999  -15.709 1.00 0.00 ? 24  ARG A HD3  1 
ATOM   351  H HE   . ARG A 1 24  ? 8.564   13.167  -13.169 1.00 0.00 ? 24  ARG A HE   1 
ATOM   352  H HH11 . ARG A 1 24  ? 11.189  14.555  -14.909 1.00 0.00 ? 24  ARG A HH11 1 
ATOM   353  H HH12 . ARG A 1 24  ? 11.103  16.079  -14.091 1.00 0.00 ? 24  ARG A HH12 1 
ATOM   354  H HH21 . ARG A 1 24  ? 8.422   15.147  -12.097 1.00 0.00 ? 24  ARG A HH21 1 
ATOM   355  H HH22 . ARG A 1 24  ? 9.531   16.416  -12.494 1.00 0.00 ? 24  ARG A HH22 1 
ATOM   356  N N    . THR A 1 25  ? 7.557   8.848   -17.832 1.00 0.00 ? 25  THR A N    1 
ATOM   357  C CA   . THR A 1 25  ? 7.331   8.377   -19.216 1.00 0.00 ? 25  THR A CA   1 
ATOM   358  C C    . THR A 1 25  ? 8.435   8.949   -20.100 1.00 0.00 ? 25  THR A C    1 
ATOM   359  O O    . THR A 1 25  ? 8.910   8.304   -21.013 1.00 0.00 ? 25  THR A O    1 
ATOM   360  C CB   . THR A 1 25  ? 5.972   8.879   -19.713 1.00 0.00 ? 25  THR A CB   1 
ATOM   361  O OG1  . THR A 1 25  ? 4.962   8.495   -18.792 1.00 0.03 ? 25  THR A OG1  1 
ATOM   362  C CG2  . THR A 1 25  ? 5.673   8.273   -21.085 1.00 0.03 ? 25  THR A CG2  1 
ATOM   363  H H    . THR A 1 25  ? 6.879   9.398   -17.385 1.00 0.00 ? 25  THR A H    1 
ATOM   364  H HA   . THR A 1 25  ? 7.354   7.301   -19.244 1.00 0.00 ? 25  THR A HA   1 
ATOM   365  H HB   . THR A 1 25  ? 5.994   9.954   -19.797 1.00 0.02 ? 25  THR A HB   1 
ATOM   366  H HG1  . THR A 1 25  ? 4.221   9.097   -18.896 1.00 0.77 ? 25  THR A HG1  1 
ATOM   367  H HG21 . THR A 1 25  ? 4.609   8.306   -21.270 1.00 0.99 ? 25  THR A HG21 1 
ATOM   368  H HG22 . THR A 1 25  ? 6.010   7.246   -21.107 1.00 1.00 ? 25  THR A HG22 1 
ATOM   369  H HG23 . THR A 1 25  ? 6.188   8.837   -21.849 1.00 1.01 ? 25  THR A HG23 1 
ATOM   370  N N    . ASN A 1 26  ? 8.803   10.189  -19.873 1.00 0.00 ? 26  ASN A N    1 
ATOM   371  C CA   . ASN A 1 26  ? 9.834   10.837  -20.742 1.00 0.00 ? 26  ASN A CA   1 
ATOM   372  C C    . ASN A 1 26  ? 11.241  10.554  -20.182 1.00 0.00 ? 26  ASN A C    1 
ATOM   373  O O    . ASN A 1 26  ? 12.162  11.319  -20.391 1.00 0.00 ? 26  ASN A O    1 
ATOM   374  C CB   . ASN A 1 26  ? 9.554   12.362  -20.770 1.00 0.00 ? 26  ASN A CB   1 
ATOM   375  C CG   . ASN A 1 26  ? 9.362   12.875  -22.196 1.00 0.00 ? 26  ASN A CG   1 
ATOM   376  O OD1  . ASN A 1 26  ? 8.585   12.335  -22.954 1.00 0.00 ? 26  ASN A OD1  1 
ATOM   377  N ND2  . ASN A 1 26  ? 10.046  13.914  -22.592 1.00 0.00 ? 26  ASN A ND2  1 
ATOM   378  H H    . ASN A 1 26  ? 8.366   10.721  -19.178 1.00 0.00 ? 26  ASN A H    1 
ATOM   379  H HA   . ASN A 1 26  ? 9.738   10.389  -21.717 1.00 0.00 ? 26  ASN A HA   1 
ATOM   380  H HB2  . ASN A 1 26  ? 8.654   12.570  -20.201 1.00 0.00 ? 26  ASN A HB2  1 
ATOM   381  H HB3  . ASN A 1 26  ? 10.376  12.896  -20.317 1.00 0.00 ? 26  ASN A HB3  1 
ATOM   382  H HD21 . ASN A 1 26  ? 10.676  14.354  -21.978 1.00 0.00 ? 26  ASN A HD21 1 
ATOM   383  H HD22 . ASN A 1 26  ? 9.927   14.256  -23.498 1.00 0.00 ? 26  ASN A HD22 1 
ATOM   384  N N    . GLY A 1 27  ? 11.413  9.475   -19.475 1.00 0.00 ? 27  GLY A N    1 
ATOM   385  C CA   . GLY A 1 27  ? 12.760  9.174   -18.909 1.00 0.00 ? 27  GLY A CA   1 
ATOM   386  C C    . GLY A 1 27  ? 13.030  10.115  -17.733 1.00 0.00 ? 27  GLY A C    1 
ATOM   387  O O    . GLY A 1 27  ? 12.404  11.147  -17.605 1.00 0.00 ? 27  GLY A O    1 
ATOM   388  H H    . GLY A 1 27  ? 10.665  8.865   -19.308 1.00 0.00 ? 27  GLY A H    1 
ATOM   389  H HA2  . GLY A 1 27  ? 12.789  8.147   -18.570 1.00 0.00 ? 27  GLY A HA2  1 
ATOM   390  H HA3  . GLY A 1 27  ? 13.513  9.326   -19.667 1.00 0.00 ? 27  GLY A HA3  1 
ATOM   391  N N    . GLY A 1 28  ? 13.890  9.722   -16.829 1.00 0.00 ? 28  GLY A N    1 
ATOM   392  C CA   . GLY A 1 28  ? 14.132  10.554  -15.602 1.00 0.00 ? 28  GLY A CA   1 
ATOM   393  C C    . GLY A 1 28  ? 13.413  9.846   -14.447 1.00 0.00 ? 28  GLY A C    1 
ATOM   394  O O    . GLY A 1 28  ? 12.539  9.038   -14.682 1.00 0.00 ? 28  GLY A O    1 
ATOM   395  H H    . GLY A 1 28  ? 14.284  8.826   -16.896 1.00 0.00 ? 28  GLY A H    1 
ATOM   396  H HA2  . GLY A 1 28  ? 15.189  10.642  -15.397 1.00 0.00 ? 28  GLY A HA2  1 
ATOM   397  H HA3  . GLY A 1 28  ? 13.679  11.532  -15.712 1.00 0.00 ? 28  GLY A HA3  1 
ATOM   398  N N    . TYR A 1 29  ? 13.746  10.137  -13.208 1.00 0.00 ? 29  TYR A N    1 
ATOM   399  C CA   . TYR A 1 29  ? 13.040  9.457   -12.066 1.00 0.00 ? 29  TYR A CA   1 
ATOM   400  C C    . TYR A 1 29  ? 12.276  10.485  -11.229 1.00 0.00 ? 29  TYR A C    1 
ATOM   401  O O    . TYR A 1 29  ? 12.698  11.611  -11.059 1.00 0.00 ? 29  TYR A O    1 
ATOM   402  C CB   . TYR A 1 29  ? 14.065  8.737   -11.174 1.00 0.00 ? 29  TYR A CB   1 
ATOM   403  C CG   . TYR A 1 29  ? 14.459  7.423   -11.817 1.00 0.00 ? 29  TYR A CG   1 
ATOM   404  C CD1  . TYR A 1 29  ? 13.572  6.322   -11.785 1.00 0.00 ? 29  TYR A CD1  1 
ATOM   405  C CD2  . TYR A 1 29  ? 15.711  7.298   -12.451 1.00 0.00 ? 29  TYR A CD2  1 
ATOM   406  C CE1  . TYR A 1 29  ? 13.943  5.104   -12.387 1.00 0.00 ? 29  TYR A CE1  1 
ATOM   407  C CE2  . TYR A 1 29  ? 16.077  6.078   -13.053 1.00 0.00 ? 29  TYR A CE2  1 
ATOM   408  C CZ   . TYR A 1 29  ? 15.195  4.983   -13.020 1.00 0.00 ? 29  TYR A CZ   1 
ATOM   409  O OH   . TYR A 1 29  ? 15.556  3.790   -13.609 1.00 0.00 ? 29  TYR A OH   1 
ATOM   410  H H    . TYR A 1 29  ? 14.452  10.784  -13.002 1.00 0.00 ? 29  TYR A H    1 
ATOM   411  H HA   . TYR A 1 29  ? 12.334  8.730   -12.428 1.00 0.00 ? 29  TYR A HA   1 
ATOM   412  H HB2  . TYR A 1 29  ? 14.942  9.358   -11.059 1.00 0.00 ? 29  TYR A HB2  1 
ATOM   413  H HB3  . TYR A 1 29  ? 13.633  8.543   -10.201 1.00 0.00 ? 29  TYR A HB3  1 
ATOM   414  H HD1  . TYR A 1 29  ? 12.603  6.412   -11.300 1.00 0.00 ? 29  TYR A HD1  1 
ATOM   415  H HD2  . TYR A 1 29  ? 16.389  8.138   -12.476 1.00 0.00 ? 29  TYR A HD2  1 
ATOM   416  H HE1  . TYR A 1 29  ? 13.266  4.262   -12.362 1.00 0.00 ? 29  TYR A HE1  1 
ATOM   417  H HE2  . TYR A 1 29  ? 17.038  5.985   -13.539 1.00 0.00 ? 29  TYR A HE2  1 
ATOM   418  H HH   . TYR A 1 29  ? 15.805  3.970   -14.518 1.00 0.00 ? 29  TYR A HH   1 
ATOM   419  N N    . ASN A 1 30  ? 11.148  10.081  -10.699 1.00 0.00 ? 30  ASN A N    1 
ATOM   420  C CA   . ASN A 1 30  ? 10.309  10.993  -9.859  1.00 0.00 ? 30  ASN A CA   1 
ATOM   421  C C    . ASN A 1 30  ? 10.029  10.307  -8.523  1.00 0.00 ? 30  ASN A C    1 
ATOM   422  O O    . ASN A 1 30  ? 9.927   9.098   -8.452  1.00 0.00 ? 30  ASN A O    1 
ATOM   423  C CB   . ASN A 1 30  ? 8.987   11.274  -10.585 1.00 0.00 ? 30  ASN A CB   1 
ATOM   424  C CG   . ASN A 1 30  ? 8.148   12.259  -9.767  1.00 0.00 ? 30  ASN A CG   1 
ATOM   425  O OD1  . ASN A 1 30  ? 8.678   13.028  -8.988  1.00 0.00 ? 30  ASN A OD1  1 
ATOM   426  N ND2  . ASN A 1 30  ? 6.851   12.271  -9.913  1.00 0.00 ? 30  ASN A ND2  1 
ATOM   427  H H    . ASN A 1 30  ? 10.847  9.160   -10.859 1.00 0.00 ? 30  ASN A H    1 
ATOM   428  H HA   . ASN A 1 30  ? 10.829  11.926  -9.681  1.00 0.00 ? 30  ASN A HA   1 
ATOM   429  H HB2  . ASN A 1 30  ? 9.197   11.698  -11.558 1.00 0.00 ? 30  ASN A HB2  1 
ATOM   430  H HB3  . ASN A 1 30  ? 8.439   10.351  -10.706 1.00 0.00 ? 30  ASN A HB3  1 
ATOM   431  H HD21 . ASN A 1 30  ? 6.423   11.651  -10.542 1.00 0.00 ? 30  ASN A HD21 1 
ATOM   432  H HD22 . ASN A 1 30  ? 6.303   12.898  -9.396  1.00 0.00 ? 30  ASN A HD22 1 
ATOM   433  N N    . THR A 1 31  ? 9.930   11.068  -7.456  1.00 0.00 ? 31  THR A N    1 
ATOM   434  C CA   . THR A 1 31  ? 9.684   10.476  -6.099  1.00 0.00 ? 31  THR A CA   1 
ATOM   435  C C    . THR A 1 31  ? 8.372   11.039  -5.551  1.00 0.00 ? 31  THR A C    1 
ATOM   436  O O    . THR A 1 31  ? 8.157   12.234  -5.566  1.00 0.00 ? 31  THR A O    1 
ATOM   437  C CB   . THR A 1 31  ? 10.862  10.895  -5.218  1.00 0.00 ? 31  THR A CB   1 
ATOM   438  O OG1  . THR A 1 31  ? 12.061  10.395  -5.791  1.00 0.00 ? 31  THR A OG1  1 
ATOM   439  C CG2  . THR A 1 31  ? 10.750  10.372  -3.785  1.00 0.00 ? 31  THR A CG2  1 
ATOM   440  H H    . THR A 1 31  ? 10.033  12.038  -7.545  1.00 0.00 ? 31  THR A H    1 
ATOM   441  H HA   . THR A 1 31  ? 9.649   9.402   -6.189  1.00 0.00 ? 31  THR A HA   1 
ATOM   442  H HB   . THR A 1 31  ? 10.911  11.972  -5.191  1.00 0.00 ? 31  THR A HB   1 
ATOM   443  H HG1  . THR A 1 31  ? 12.739  10.396  -5.110  1.00 0.00 ? 31  THR A HG1  1 
ATOM   444  H HG21 . THR A 1 31  ? 11.595  10.717  -3.208  1.00 0.00 ? 31  THR A HG21 1 
ATOM   445  H HG22 . THR A 1 31  ? 10.738  9.292   -3.794  1.00 0.00 ? 31  THR A HG22 1 
ATOM   446  H HG23 . THR A 1 31  ? 9.836   10.738  -3.339  1.00 0.00 ? 31  THR A HG23 1 
ATOM   447  N N    . SER A 1 32  ? 7.483   10.208  -5.081  1.00 0.00 ? 32  SER A N    1 
ATOM   448  C CA   . SER A 1 32  ? 6.189   10.741  -4.564  1.00 0.00 ? 32  SER A CA   1 
ATOM   449  C C    . SER A 1 32  ? 5.626   9.827   -3.476  1.00 0.00 ? 32  SER A C    1 
ATOM   450  O O    . SER A 1 32  ? 6.076   8.716   -3.269  1.00 0.00 ? 32  SER A O    1 
ATOM   451  C CB   . SER A 1 32  ? 5.185   10.846  -5.711  1.00 0.00 ? 32  SER A CB   1 
ATOM   452  O OG   . SER A 1 32  ? 4.884   9.543   -6.193  1.00 0.00 ? 32  SER A OG   1 
ATOM   453  H H    . SER A 1 32  ? 7.650   9.242   -5.076  1.00 0.00 ? 32  SER A H    1 
ATOM   454  H HA   . SER A 1 32  ? 6.335   11.718  -4.127  1.00 0.00 ? 32  SER A HA   1 
ATOM   455  H HB2  . SER A 1 32  ? 4.278   11.312  -5.359  1.00 0.00 ? 32  SER A HB2  1 
ATOM   456  H HB3  . SER A 1 32  ? 5.610   11.447  -6.505  1.00 0.00 ? 32  SER A HB3  1 
ATOM   457  H HG   . SER A 1 32  ? 5.120   9.509   -7.124  1.00 0.00 ? 32  SER A HG   1 
ATOM   458  N N    . SER A 1 33  ? 4.637   10.312  -2.775  1.00 0.00 ? 33  SER A N    1 
ATOM   459  C CA   . SER A 1 33  ? 4.010   9.524   -1.677  1.00 0.00 ? 33  SER A CA   1 
ATOM   460  C C    . SER A 1 33  ? 2.492   9.694   -1.720  1.00 0.00 ? 33  SER A C    1 
ATOM   461  O O    . SER A 1 33  ? 1.977   10.721  -2.113  1.00 0.00 ? 33  SER A O    1 
ATOM   462  C CB   . SER A 1 33  ? 4.543   10.024  -0.330  1.00 0.00 ? 33  SER A CB   1 
ATOM   463  O OG   . SER A 1 33  ? 5.864   9.530   -0.140  1.00 0.00 ? 33  SER A OG   1 
ATOM   464  H H    . SER A 1 33  ? 4.315   11.215  -2.975  1.00 0.00 ? 33  SER A H    1 
ATOM   465  H HA   . SER A 1 33  ? 4.240   8.475   -1.778  1.00 0.00 ? 33  SER A HA   1 
ATOM   466  H HB2  . SER A 1 33  ? 4.566   11.101  -0.328  1.00 0.00 ? 33  SER A HB2  1 
ATOM   467  H HB3  . SER A 1 33  ? 3.898   9.678   0.470   1.00 0.00 ? 33  SER A HB3  1 
ATOM   468  H HG   . SER A 1 33  ? 6.426   10.271  0.096   1.00 0.00 ? 33  SER A HG   1 
ATOM   469  N N    . ILE A 1 34  ? 1.774   8.682   -1.311  1.00 0.00 ? 34  ILE A N    1 
ATOM   470  C CA   . ILE A 1 34  ? 0.283   8.749   -1.314  1.00 0.00 ? 34  ILE A CA   1 
ATOM   471  C C    . ILE A 1 34  ? -0.253  8.022   -0.080  1.00 0.00 ? 34  ILE A C    1 
ATOM   472  O O    . ILE A 1 34  ? 0.255   6.991   0.313   1.00 0.00 ? 34  ILE A O    1 
ATOM   473  C CB   . ILE A 1 34  ? -0.237  8.077   -2.591  1.00 0.00 ? 34  ILE A CB   1 
ATOM   474  C CG1  . ILE A 1 34  ? -1.742  8.346   -2.740  1.00 0.00 ? 34  ILE A CG1  1 
ATOM   475  C CG2  . ILE A 1 34  ? 0.021   6.565   -2.530  1.00 0.00 ? 34  ILE A CG2  1 
ATOM   476  C CD1  . ILE A 1 34  ? -2.211  7.904   -4.130  1.00 0.00 ? 34  ILE A CD1  1 
ATOM   477  H H    . ILE A 1 34  ? 2.225   7.868   -1.000  1.00 0.00 ? 34  ILE A H    1 
ATOM   478  H HA   . ILE A 1 34  ? -0.040  9.782   -1.292  1.00 0.00 ? 34  ILE A HA   1 
ATOM   479  H HB   . ILE A 1 34  ? 0.288   8.488   -3.442  1.00 0.00 ? 34  ILE A HB   1 
ATOM   480  H HG12 . ILE A 1 34  ? -2.286  7.800   -1.983  1.00 0.00 ? 34  ILE A HG12 1 
ATOM   481  H HG13 . ILE A 1 34  ? -1.930  9.403   -2.621  1.00 0.00 ? 34  ILE A HG13 1 
ATOM   482  H HG21 . ILE A 1 34  ? -0.024  6.153   -3.528  1.00 0.00 ? 34  ILE A HG21 1 
ATOM   483  H HG22 . ILE A 1 34  ? -0.727  6.090   -1.912  1.00 0.00 ? 34  ILE A HG22 1 
ATOM   484  H HG23 . ILE A 1 34  ? 1.001   6.381   -2.112  1.00 0.00 ? 34  ILE A HG23 1 
ATOM   485  H HD11 . ILE A 1 34  ? -2.265  6.827   -4.165  1.00 0.00 ? 34  ILE A HD11 1 
ATOM   486  H HD12 . ILE A 1 34  ? -1.516  8.255   -4.877  1.00 0.00 ? 34  ILE A HD12 1 
ATOM   487  H HD13 . ILE A 1 34  ? -3.189  8.319   -4.327  1.00 0.00 ? 34  ILE A HD13 1 
ATOM   488  N N    . ASP A 1 35  ? -1.271  8.551   0.544   1.00 0.00 ? 35  ASP A N    1 
ATOM   489  C CA   . ASP A 1 35  ? -1.825  7.889   1.761   1.00 0.00 ? 35  ASP A CA   1 
ATOM   490  C C    . ASP A 1 35  ? -2.760  6.751   1.340   1.00 0.00 ? 35  ASP A C    1 
ATOM   491  O O    . ASP A 1 35  ? -3.788  6.979   0.736   1.00 0.00 ? 35  ASP A O    1 
ATOM   492  C CB   . ASP A 1 35  ? -2.609  8.916   2.586   1.00 0.00 ? 35  ASP A CB   1 
ATOM   493  C CG   . ASP A 1 35  ? -2.935  8.323   3.960   1.00 0.00 ? 35  ASP A CG   1 
ATOM   494  O OD1  . ASP A 1 35  ? -2.719  7.135   4.135   1.00 0.00 ? 35  ASP A OD1  1 
ATOM   495  O OD2  . ASP A 1 35  ? -3.400  9.066   4.808   1.00 0.00 ? 35  ASP A OD2  1 
ATOM   496  H H    . ASP A 1 35  ? -1.666  9.387   0.217   1.00 0.00 ? 35  ASP A H    1 
ATOM   497  H HA   . ASP A 1 35  ? -1.011  7.496   2.358   1.00 0.00 ? 35  ASP A HA   1 
ATOM   498  H HB2  . ASP A 1 35  ? -2.012  9.811   2.710   1.00 0.00 ? 35  ASP A HB2  1 
ATOM   499  H HB3  . ASP A 1 35  ? -3.530  9.165   2.074   1.00 0.00 ? 35  ASP A HB3  1 
ATOM   500  N N    . LEU A 1 36  ? -2.430  5.528   1.671   1.00 0.00 ? 36  LEU A N    1 
ATOM   501  C CA   . LEU A 1 36  ? -3.328  4.395   1.294   1.00 0.00 ? 36  LEU A CA   1 
ATOM   502  C C    . LEU A 1 36  ? -4.484  4.328   2.291   1.00 0.00 ? 36  LEU A C    1 
ATOM   503  O O    . LEU A 1 36  ? -5.366  3.500   2.180   1.00 0.00 ? 36  LEU A O    1 
ATOM   504  C CB   . LEU A 1 36  ? -2.579  3.059   1.342   1.00 0.00 ? 36  LEU A CB   1 
ATOM   505  C CG   . LEU A 1 36  ? -1.314  3.089   0.476   1.00 0.00 ? 36  LEU A CG   1 
ATOM   506  C CD1  . LEU A 1 36  ? -0.415  1.910   0.868   1.00 0.00 ? 36  LEU A CD1  1 
ATOM   507  C CD2  . LEU A 1 36  ? -1.688  2.938   -1.003  1.00 0.00 ? 36  LEU A CD2  1 
ATOM   508  H H    . LEU A 1 36  ? -1.613  5.357   2.183   1.00 0.00 ? 36  LEU A H    1 
ATOM   509  H HA   . LEU A 1 36  ? -3.733  4.557   0.309   1.00 0.00 ? 36  LEU A HA   1 
ATOM   510  H HB2  . LEU A 1 36  ? -2.311  2.837   2.364   1.00 0.00 ? 36  LEU A HB2  1 
ATOM   511  H HB3  . LEU A 1 36  ? -3.235  2.283   0.974   1.00 0.00 ? 36  LEU A HB3  1 
ATOM   512  H HG   . LEU A 1 36  ? -0.783  4.020   0.616   1.00 0.00 ? 36  LEU A HG   1 
ATOM   513  H HD11 . LEU A 1 36  ? -1.016  1.014   0.953   1.00 0.00 ? 36  LEU A HD11 1 
ATOM   514  H HD12 . LEU A 1 36  ? 0.058   2.117   1.816   1.00 0.00 ? 36  LEU A HD12 1 
ATOM   515  H HD13 . LEU A 1 36  ? 0.338   1.762   0.112   1.00 0.00 ? 36  LEU A HD13 1 
ATOM   516  H HD21 . LEU A 1 36  ? -2.360  3.728   -1.294  1.00 0.00 ? 36  LEU A HD21 1 
ATOM   517  H HD22 . LEU A 1 36  ? -2.165  1.982   -1.157  1.00 0.00 ? 36  LEU A HD22 1 
ATOM   518  H HD23 . LEU A 1 36  ? -0.792  2.993   -1.604  1.00 0.00 ? 36  LEU A HD23 1 
ATOM   519  N N    . ASN A 1 37  ? -4.481  5.167   3.282   1.00 0.00 ? 37  ASN A N    1 
ATOM   520  C CA   . ASN A 1 37  ? -5.568  5.113   4.293   1.00 0.00 ? 37  ASN A CA   1 
ATOM   521  C C    . ASN A 1 37  ? -6.923  5.338   3.612   1.00 0.00 ? 37  ASN A C    1 
ATOM   522  O O    . ASN A 1 37  ? -7.914  4.739   3.977   1.00 0.00 ? 37  ASN A O    1 
ATOM   523  C CB   . ASN A 1 37  ? -5.333  6.199   5.346   1.00 0.00 ? 37  ASN A CB   1 
ATOM   524  C CG   . ASN A 1 37  ? -6.423  6.117   6.411   1.00 0.00 ? 37  ASN A CG   1 
ATOM   525  O OD1  . ASN A 1 37  ? -7.596  6.215   6.105   1.00 0.00 ? 37  ASN A OD1  1 
ATOM   526  N ND2  . ASN A 1 37  ? -6.081  5.940   7.656   1.00 0.00 ? 37  ASN A ND2  1 
ATOM   527  H H    . ASN A 1 37  ? -3.748  5.808   3.392   1.00 0.00 ? 37  ASN A H    1 
ATOM   528  H HA   . ASN A 1 37  ? -5.556  4.142   4.763   1.00 0.00 ? 37  ASN A HA   1 
ATOM   529  H HB2  . ASN A 1 37  ? -4.365  6.054   5.807   1.00 0.00 ? 37  ASN A HB2  1 
ATOM   530  H HB3  . ASN A 1 37  ? -5.366  7.173   4.875   1.00 0.00 ? 37  ASN A HB3  1 
ATOM   531  H HD21 . ASN A 1 37  ? -5.136  5.864   7.898   1.00 0.00 ? 37  ASN A HD21 1 
ATOM   532  H HD22 . ASN A 1 37  ? -6.772  5.871   8.349   1.00 0.00 ? 37  ASN A HD22 1 
ATOM   533  N N    . SER A 1 38  ? -6.979  6.216   2.653   1.00 0.00 ? 38  SER A N    1 
ATOM   534  C CA   . SER A 1 38  ? -8.275  6.507   1.968   1.00 0.00 ? 38  SER A CA   1 
ATOM   535  C C    . SER A 1 38  ? -8.717  5.359   1.044   1.00 0.00 ? 38  SER A C    1 
ATOM   536  O O    . SER A 1 38  ? -9.695  5.497   0.338   1.00 0.00 ? 38  SER A O    1 
ATOM   537  C CB   . SER A 1 38  ? -8.118  7.779   1.136   1.00 0.00 ? 38  SER A CB   1 
ATOM   538  O OG   . SER A 1 38  ? -7.211  7.534   0.071   1.00 0.00 ? 38  SER A OG   1 
ATOM   539  H H    . SER A 1 38  ? -6.181  6.710   2.375   1.00 0.00 ? 38  SER A H    1 
ATOM   540  H HA   . SER A 1 38  ? -9.038  6.675   2.713   1.00 0.00 ? 38  SER A HA   1 
ATOM   541  H HB2  . SER A 1 38  ? -9.073  8.065   0.730   1.00 0.00 ? 38  SER A HB2  1 
ATOM   542  H HB3  . SER A 1 38  ? -7.743  8.574   1.766   1.00 0.00 ? 38  SER A HB3  1 
ATOM   543  H HG   . SER A 1 38  ? -6.923  6.620   0.130   1.00 0.00 ? 38  SER A HG   1 
ATOM   544  N N    . VAL A 1 39  ? -8.010  4.248   0.991   1.00 0.00 ? 39  VAL A N    1 
ATOM   545  C CA   . VAL A 1 39  ? -8.440  3.139   0.061   1.00 0.00 ? 39  VAL A CA   1 
ATOM   546  C C    . VAL A 1 39  ? -8.369  1.750   0.732   1.00 0.00 ? 39  VAL A C    1 
ATOM   547  O O    . VAL A 1 39  ? -8.784  0.773   0.141   1.00 0.00 ? 39  VAL A O    1 
ATOM   548  C CB   . VAL A 1 39  ? -7.577  3.148   -1.232  1.00 0.00 ? 39  VAL A CB   1 
ATOM   549  C CG1  . VAL A 1 39  ? -8.052  4.273   -2.169  1.00 0.00 ? 39  VAL A CG1  1 
ATOM   550  C CG2  . VAL A 1 39  ? -6.076  3.351   -0.906  1.00 0.00 ? 39  VAL A CG2  1 
ATOM   551  H H    . VAL A 1 39  ? -7.203  4.149   1.538   1.00 0.00 ? 39  VAL A H    1 
ATOM   552  H HA   . VAL A 1 39  ? -9.471  3.299   -0.219  1.00 0.00 ? 39  VAL A HA   1 
ATOM   553  H HB   . VAL A 1 39  ? -7.706  2.201   -1.743  1.00 0.00 ? 39  VAL A HB   1 
ATOM   554  H HG11 . VAL A 1 39  ? -7.611  4.133   -3.146  1.00 0.00 ? 39  VAL A HG11 1 
ATOM   555  H HG12 . VAL A 1 39  ? -7.747  5.228   -1.771  1.00 0.00 ? 39  VAL A HG12 1 
ATOM   556  H HG13 . VAL A 1 39  ? -9.129  4.248   -2.260  1.00 0.00 ? 39  VAL A HG13 1 
ATOM   557  H HG21 . VAL A 1 39  ? -5.592  3.885   -1.714  1.00 0.00 ? 39  VAL A HG21 1 
ATOM   558  H HG22 . VAL A 1 39  ? -5.600  2.389   -0.784  1.00 0.00 ? 39  VAL A HG22 1 
ATOM   559  H HG23 . VAL A 1 39  ? -5.966  3.918   -0.001  1.00 0.00 ? 39  VAL A HG23 1 
ATOM   560  N N    . ILE A 1 40  ? -7.871  1.642   1.946   1.00 0.00 ? 40  ILE A N    1 
ATOM   561  C CA   . ILE A 1 40  ? -7.799  0.284   2.619   1.00 0.00 ? 40  ILE A CA   1 
ATOM   562  C C    . ILE A 1 40  ? -8.729  0.220   3.850   1.00 0.00 ? 40  ILE A C    1 
ATOM   563  O O    . ILE A 1 40  ? -8.745  1.098   4.688   1.00 0.00 ? 40  ILE A O    1 
ATOM   564  C CB   . ILE A 1 40  ? -6.354  -0.013  3.063   1.00 0.00 ? 40  ILE A CB   1 
ATOM   565  C CG1  . ILE A 1 40  ? -5.438  0.001   1.827   1.00 0.00 ? 40  ILE A CG1  1 
ATOM   566  C CG2  . ILE A 1 40  ? -6.272  -1.409  3.760   1.00 0.00 ? 40  ILE A CG2  1 
ATOM   567  C CD1  . ILE A 1 40  ? -3.973  -0.007  2.280   1.00 0.00 ? 40  ILE A CD1  1 
ATOM   568  H H    . ILE A 1 40  ? -7.540  2.444   2.407   1.00 0.00 ? 40  ILE A H    1 
ATOM   569  H HA   . ILE A 1 40  ? -8.111  -0.484  1.935   1.00 0.00 ? 40  ILE A HA   1 
ATOM   570  H HB   . ILE A 1 40  ? -6.030  0.754   3.750   1.00 0.00 ? 40  ILE A HB   1 
ATOM   571  H HG12 . ILE A 1 40  ? -5.637  -0.866  1.213   1.00 0.00 ? 40  ILE A HG12 1 
ATOM   572  H HG13 . ILE A 1 40  ? -5.628  0.894   1.253   1.00 0.00 ? 40  ILE A HG13 1 
ATOM   573  H HG21 . ILE A 1 40  ? -5.793  -1.305  4.724   1.00 0.00 ? 40  ILE A HG21 1 
ATOM   574  H HG22 . ILE A 1 40  ? -5.697  -2.093  3.155   1.00 0.00 ? 40  ILE A HG22 1 
ATOM   575  H HG23 . ILE A 1 40  ? -7.260  -1.825  3.899   1.00 0.00 ? 40  ILE A HG23 1 
ATOM   576  H HD11 . ILE A 1 40  ? -3.332  -0.157  1.423   1.00 0.00 ? 40  ILE A HD11 1 
ATOM   577  H HD12 . ILE A 1 40  ? -3.815  -0.805  2.988   1.00 0.00 ? 40  ILE A HD12 1 
ATOM   578  H HD13 . ILE A 1 40  ? -3.737  0.934   2.751   1.00 0.00 ? 40  ILE A HD13 1 
ATOM   579  N N    . GLU A 1 41  ? -9.493  -0.857  3.952   1.00 0.00 ? 41  GLU A N    1 
ATOM   580  C CA   . GLU A 1 41  ? -10.431 -1.065  5.117   1.00 0.00 ? 41  GLU A CA   1 
ATOM   581  C C    . GLU A 1 41  ? -10.077 -2.383  5.816   1.00 0.00 ? 41  GLU A C    1 
ATOM   582  O O    . GLU A 1 41  ? -9.552  -3.287  5.205   1.00 0.00 ? 41  GLU A O    1 
ATOM   583  C CB   . GLU A 1 41  ? -11.878 -1.163  4.610   1.00 0.00 ? 41  GLU A CB   1 
ATOM   584  C CG   . GLU A 1 41  ? -12.806 -1.592  5.757   1.00 0.00 ? 41  GLU A CG   1 
ATOM   585  C CD   . GLU A 1 41  ? -14.256 -1.566  5.274   1.00 0.03 ? 41  GLU A CD   1 
ATOM   586  O OE1  . GLU A 1 41  ? -14.474 -1.158  4.147   1.00 1.05 ? 41  GLU A OE1  1 
ATOM   587  O OE2  . GLU A 1 41  ? -15.123 -1.952  6.040   1.00 1.06 ? 41  GLU A OE2  1 
ATOM   588  H H    . GLU A 1 41  ? -9.435  -1.540  3.252   1.00 0.00 ? 41  GLU A H    1 
ATOM   589  H HA   . GLU A 1 41  ? -10.350 -0.228  5.800   1.00 0.00 ? 41  GLU A HA   1 
ATOM   590  H HB2  . GLU A 1 41  ? -12.198 -0.204  4.236   1.00 0.00 ? 41  GLU A HB2  1 
ATOM   591  H HB3  . GLU A 1 41  ? -11.932 -1.893  3.817   1.00 0.00 ? 41  GLU A HB3  1 
ATOM   592  H HG2  . GLU A 1 41  ? -12.557 -2.597  6.068   1.00 0.02 ? 41  GLU A HG2  1 
ATOM   593  H HG3  . GLU A 1 41  ? -12.694 -0.921  6.592   1.00 0.02 ? 41  GLU A HG3  1 
ATOM   594  N N    . ASN A 1 42  ? -10.413 -2.524  7.081   1.00 0.00 ? 42  ASN A N    1 
ATOM   595  C CA   . ASN A 1 42  ? -10.157 -3.801  7.817   1.00 0.00 ? 42  ASN A CA   1 
ATOM   596  C C    . ASN A 1 42  ? -11.490 -4.552  7.900   1.00 0.00 ? 42  ASN A C    1 
ATOM   597  O O    . ASN A 1 42  ? -12.436 -4.066  8.486   1.00 0.00 ? 42  ASN A O    1 
ATOM   598  C CB   . ASN A 1 42  ? -9.667  -3.487  9.232   1.00 0.00 ? 42  ASN A CB   1 
ATOM   599  C CG   . ASN A 1 42  ? -9.356  -4.796  9.959   1.00 0.14 ? 42  ASN A CG   1 
ATOM   600  O OD1  . ASN A 1 42  ? -9.930  -5.084  10.990  1.00 1.02 ? 42  ASN A OD1  1 
ATOM   601  N ND2  . ASN A 1 42  ? -8.473  -5.613  9.452   1.00 0.85 ? 42  ASN A ND2  1 
ATOM   602  H H    . ASN A 1 42  ? -10.875 -1.803  7.538   1.00 0.00 ? 42  ASN A H    1 
ATOM   603  H HA   . ASN A 1 42  ? -9.423  -4.409  7.307   1.00 0.00 ? 42  ASN A HA   1 
ATOM   604  H HB2  . ASN A 1 42  ? -8.775  -2.881  9.179   1.00 0.10 ? 42  ASN A HB2  1 
ATOM   605  H HB3  . ASN A 1 42  ? -10.436 -2.953  9.770   1.00 0.10 ? 42  ASN A HB3  1 
ATOM   606  H HD21 . ASN A 1 42  ? -8.018  -5.385  8.616   1.00 1.58 ? 42  ASN A HD21 1 
ATOM   607  H HD22 . ASN A 1 42  ? -8.266  -6.455  9.909   1.00 0.81 ? 42  ASN A HD22 1 
ATOM   608  N N    . VAL A 1 43  ? -11.582 -5.728  7.319   1.00 0.00 ? 43  VAL A N    1 
ATOM   609  C CA   . VAL A 1 43  ? -12.873 -6.499  7.367   1.00 0.00 ? 43  VAL A CA   1 
ATOM   610  C C    . VAL A 1 43  ? -12.716 -7.751  8.233   1.00 0.00 ? 43  VAL A C    1 
ATOM   611  O O    . VAL A 1 43  ? -12.256 -8.786  7.797   1.00 0.00 ? 43  VAL A O    1 
ATOM   612  C CB   . VAL A 1 43  ? -13.270 -6.915  5.949   1.00 0.00 ? 43  VAL A CB   1 
ATOM   613  C CG1  . VAL A 1 43  ? -14.518 -7.798  6.004   1.00 0.00 ? 43  VAL A CG1  1 
ATOM   614  C CG2  . VAL A 1 43  ? -13.575 -5.662  5.125   1.00 0.00 ? 43  VAL A CG2  1 
ATOM   615  H H    . VAL A 1 43  ? -10.805 -6.106  6.855   1.00 0.00 ? 43  VAL A H    1 
ATOM   616  H HA   . VAL A 1 43  ? -13.663 -5.885  7.781   1.00 0.00 ? 43  VAL A HA   1 
ATOM   617  H HB   . VAL A 1 43  ? -12.460 -7.465  5.496   1.00 0.00 ? 43  VAL A HB   1 
ATOM   618  H HG11 . VAL A 1 43  ? -15.245 -7.357  6.670   1.00 0.00 ? 43  VAL A HG11 1 
ATOM   619  H HG12 . VAL A 1 43  ? -14.249 -8.780  6.366   1.00 0.00 ? 43  VAL A HG12 1 
ATOM   620  H HG13 . VAL A 1 43  ? -14.942 -7.884  5.015   1.00 0.00 ? 43  VAL A HG13 1 
ATOM   621  H HG21 . VAL A 1 43  ? -13.906 -5.951  4.139   1.00 0.00 ? 43  VAL A HG21 1 
ATOM   622  H HG22 . VAL A 1 43  ? -12.682 -5.059  5.044   1.00 0.00 ? 43  VAL A HG22 1 
ATOM   623  H HG23 . VAL A 1 43  ? -14.351 -5.091  5.613   1.00 0.00 ? 43  VAL A HG23 1 
ATOM   624  N N    . ASP A 1 44  ? -13.145 -7.648  9.455   1.00 0.00 ? 44  ASP A N    1 
ATOM   625  C CA   . ASP A 1 44  ? -13.102 -8.800  10.397  1.00 0.00 ? 44  ASP A CA   1 
ATOM   626  C C    . ASP A 1 44  ? -11.730 -9.484  10.404  1.00 0.00 ? 44  ASP A C    1 
ATOM   627  O O    . ASP A 1 44  ? -11.650 -10.693 10.493  1.00 0.00 ? 44  ASP A O    1 
ATOM   628  C CB   . ASP A 1 44  ? -14.174 -9.818  10.009  1.00 0.00 ? 44  ASP A CB   1 
ATOM   629  C CG   . ASP A 1 44  ? -15.558 -9.192  10.185  1.00 0.01 ? 44  ASP A CG   1 
ATOM   630  O OD1  . ASP A 1 44  ? -15.630 -8.119  10.760  1.00 0.02 ? 44  ASP A OD1  1 
ATOM   631  O OD2  . ASP A 1 44  ? -16.522 -9.796  9.742   1.00 0.02 ? 44  ASP A OD2  1 
ATOM   632  H H    . ASP A 1 44  ? -13.533 -6.802  9.756   1.00 0.00 ? 44  ASP A H    1 
ATOM   633  H HA   . ASP A 1 44  ? -13.312 -8.423  11.389  1.00 0.00 ? 44  ASP A HA   1 
ATOM   634  H HB2  . ASP A 1 44  ? -14.038 -10.109 8.977   1.00 0.01 ? 44  ASP A HB2  1 
ATOM   635  H HB3  . ASP A 1 44  ? -14.093 -10.689 10.642  1.00 0.01 ? 44  ASP A HB3  1 
ATOM   636  N N    . GLY A 1 45  ? -10.652 -8.731  10.345  1.00 0.00 ? 45  GLY A N    1 
ATOM   637  C CA   . GLY A 1 45  ? -9.285  -9.362  10.395  1.00 0.00 ? 45  GLY A CA   1 
ATOM   638  C C    . GLY A 1 45  ? -8.484  -9.175  9.097   1.00 0.00 ? 45  GLY A C    1 
ATOM   639  O O    . GLY A 1 45  ? -7.292  -9.406  9.101   1.00 0.00 ? 45  GLY A O    1 
ATOM   640  H H    . GLY A 1 45  ? -10.756 -7.759  10.296  1.00 0.00 ? 45  GLY A H    1 
ATOM   641  H HA2  . GLY A 1 45  ? -8.728  -8.945  11.214  1.00 0.00 ? 45  GLY A HA2  1 
ATOM   642  H HA3  . GLY A 1 45  ? -9.389  -10.430 10.543  1.00 0.00 ? 45  GLY A HA3  1 
ATOM   643  N N    . SER A 1 46  ? -9.088  -8.822  7.980   1.00 0.00 ? 46  SER A N    1 
ATOM   644  C CA   . SER A 1 46  ? -8.307  -8.709  6.696   1.00 0.00 ? 46  SER A CA   1 
ATOM   645  C C    . SER A 1 46  ? -8.395  -7.310  6.084   1.00 0.00 ? 46  SER A C    1 
ATOM   646  O O    . SER A 1 46  ? -9.426  -6.667  6.102   1.00 0.00 ? 46  SER A O    1 
ATOM   647  C CB   . SER A 1 46  ? -8.873  -9.719  5.695   1.00 0.00 ? 46  SER A CB   1 
ATOM   648  O OG   . SER A 1 46  ? -7.949  -9.887  4.628   1.00 0.00 ? 46  SER A OG   1 
ATOM   649  H H    . SER A 1 46  ? -10.057 -8.678  7.975   1.00 0.00 ? 46  SER A H    1 
ATOM   650  H HA   . SER A 1 46  ? -7.269  -8.954  6.873   1.00 0.00 ? 46  SER A HA   1 
ATOM   651  H HB2  . SER A 1 46  ? -9.025  -10.665 6.185   1.00 0.00 ? 46  SER A HB2  1 
ATOM   652  H HB3  . SER A 1 46  ? -9.819  -9.357  5.312   1.00 0.00 ? 46  SER A HB3  1 
ATOM   653  H HG   . SER A 1 46  ? -8.440  -10.173 3.853   1.00 0.00 ? 46  SER A HG   1 
ATOM   654  N N    . LEU A 1 47  ? -7.316  -6.861  5.496   1.00 0.00 ? 47  LEU A N    1 
ATOM   655  C CA   . LEU A 1 47  ? -7.295  -5.531  4.825   1.00 0.00 ? 47  LEU A CA   1 
ATOM   656  C C    . LEU A 1 47  ? -7.950  -5.649  3.439   1.00 0.00 ? 47  LEU A C    1 
ATOM   657  O O    . LEU A 1 47  ? -7.625  -6.529  2.665   1.00 0.00 ? 47  LEU A O    1 
ATOM   658  C CB   . LEU A 1 47  ? -5.843  -5.068  4.658   1.00 0.00 ? 47  LEU A CB   1 
ATOM   659  C CG   . LEU A 1 47  ? -5.161  -4.952  6.031   1.00 0.00 ? 47  LEU A CG   1 
ATOM   660  C CD1  . LEU A 1 47  ? -3.701  -4.488  5.848   1.00 0.00 ? 47  LEU A CD1  1 
ATOM   661  C CD2  . LEU A 1 47  ? -5.926  -3.946  6.915   1.00 0.00 ? 47  LEU A CD2  1 
ATOM   662  H H    . LEU A 1 47  ? -6.514  -7.422  5.471   1.00 0.00 ? 47  LEU A H    1 
ATOM   663  H HA   . LEU A 1 47  ? -7.841  -4.801  5.391   1.00 0.00 ? 47  LEU A HA   1 
ATOM   664  H HB2  . LEU A 1 47  ? -5.304  -5.783  4.051   1.00 0.00 ? 47  LEU A HB2  1 
ATOM   665  H HB3  . LEU A 1 47  ? -5.825  -4.109  4.174   1.00 0.00 ? 47  LEU A HB3  1 
ATOM   666  H HG   . LEU A 1 47  ? -5.164  -5.926  6.507   1.00 0.00 ? 47  LEU A HG   1 
ATOM   667  H HD11 . LEU A 1 47  ? -3.104  -4.845  6.674   1.00 0.00 ? 47  LEU A HD11 1 
ATOM   668  H HD12 . LEU A 1 47  ? -3.662  -3.408  5.821   1.00 0.00 ? 47  LEU A HD12 1 
ATOM   669  H HD13 . LEU A 1 47  ? -3.303  -4.883  4.923   1.00 0.00 ? 47  LEU A HD13 1 
ATOM   670  H HD21 . LEU A 1 47  ? -6.742  -4.450  7.412   1.00 0.00 ? 47  LEU A HD21 1 
ATOM   671  H HD22 . LEU A 1 47  ? -6.319  -3.145  6.303   1.00 0.00 ? 47  LEU A HD22 1 
ATOM   672  H HD23 . LEU A 1 47  ? -5.260  -3.533  7.658   1.00 0.00 ? 47  LEU A HD23 1 
ATOM   673  N N    . LYS A 1 48  ? -8.882  -4.769  3.134   1.00 0.00 ? 48  LYS A N    1 
ATOM   674  C CA   . LYS A 1 48  ? -9.588  -4.812  1.803   1.00 0.00 ? 48  LYS A CA   1 
ATOM   675  C C    . LYS A 1 48  ? -9.473  -3.460  1.100   1.00 0.00 ? 48  LYS A C    1 
ATOM   676  O O    . LYS A 1 48  ? -9.185  -2.460  1.713   1.00 0.00 ? 48  LYS A O    1 
ATOM   677  C CB   . LYS A 1 48  ? -11.067 -5.140  2.024   1.00 0.00 ? 48  LYS A CB   1 
ATOM   678  C CG   . LYS A 1 48  ? -11.220 -6.586  2.571   1.00 0.00 ? 48  LYS A CG   1 
ATOM   679  C CD   . LYS A 1 48  ? -12.018 -7.458  1.600   1.00 0.00 ? 48  LYS A CD   1 
ATOM   680  C CE   . LYS A 1 48  ? -12.301 -8.812  2.252   1.00 0.00 ? 48  LYS A CE   1 
ATOM   681  N NZ   . LYS A 1 48  ? -12.740 -9.784  1.212   1.00 0.00 ? 48  LYS A NZ   1 
ATOM   682  H H    . LYS A 1 48  ? -9.126  -4.085  3.793   1.00 0.00 ? 48  LYS A H    1 
ATOM   683  H HA   . LYS A 1 48  ? -9.145  -5.578  1.182   1.00 0.00 ? 48  LYS A HA   1 
ATOM   684  H HB2  . LYS A 1 48  ? -11.481 -4.434  2.735   1.00 0.00 ? 48  LYS A HB2  1 
ATOM   685  H HB3  . LYS A 1 48  ? -11.595 -5.042  1.083   1.00 0.00 ? 48  LYS A HB3  1 
ATOM   686  H HG2  . LYS A 1 48  ? -10.248 -7.033  2.715   1.00 0.00 ? 48  LYS A HG2  1 
ATOM   687  H HG3  . LYS A 1 48  ? -11.734 -6.557  3.516   1.00 0.00 ? 48  LYS A HG3  1 
ATOM   688  H HD2  . LYS A 1 48  ? -12.952 -6.971  1.362   1.00 0.00 ? 48  LYS A HD2  1 
ATOM   689  H HD3  . LYS A 1 48  ? -11.448 -7.609  0.697   1.00 0.00 ? 48  LYS A HD3  1 
ATOM   690  H HE2  . LYS A 1 48  ? -11.403 -9.180  2.729   1.00 0.00 ? 48  LYS A HE2  1 
ATOM   691  H HE3  . LYS A 1 48  ? -13.080 -8.699  2.991   1.00 0.00 ? 48  LYS A HE3  1 
ATOM   692  H HZ1  . LYS A 1 48  ? -11.910 -10.128 0.691   1.00 0.00 ? 48  LYS A HZ1  1 
ATOM   693  H HZ2  . LYS A 1 48  ? -13.393 -9.316  0.550   1.00 0.00 ? 48  LYS A HZ2  1 
ATOM   694  H HZ3  . LYS A 1 48  ? -13.220 -10.583 1.670   1.00 0.00 ? 48  LYS A HZ3  1 
ATOM   695  N N    . TRP A 1 49  ? -9.697  -3.428  -0.189  1.00 0.00 ? 49  TRP A N    1 
ATOM   696  C CA   . TRP A 1 49  ? -9.585  -2.139  -0.949  1.00 0.00 ? 49  TRP A CA   1 
ATOM   697  C C    . TRP A 1 49  ? -10.810 -1.238  -0.706  1.00 0.00 ? 49  TRP A C    1 
ATOM   698  O O    . TRP A 1 49  ? -11.716 -1.193  -1.514  1.00 0.00 ? 49  TRP A O    1 
ATOM   699  C CB   . TRP A 1 49  ? -9.488  -2.447  -2.455  1.00 0.00 ? 49  TRP A CB   1 
ATOM   700  C CG   . TRP A 1 49  ? -8.112  -2.921  -2.780  1.00 0.00 ? 49  TRP A CG   1 
ATOM   701  C CD1  . TRP A 1 49  ? -7.781  -4.182  -3.151  1.00 0.00 ? 49  TRP A CD1  1 
ATOM   702  C CD2  . TRP A 1 49  ? -6.873  -2.161  -2.755  1.00 0.00 ? 49  TRP A CD2  1 
ATOM   703  N NE1  . TRP A 1 49  ? -6.413  -4.243  -3.356  1.00 0.00 ? 49  TRP A NE1  1 
ATOM   704  C CE2  . TRP A 1 49  ? -5.809  -3.023  -3.127  1.00 0.00 ? 49  TRP A CE2  1 
ATOM   705  C CE3  . TRP A 1 49  ? -6.570  -0.813  -2.447  1.00 0.00 ? 49  TRP A CE3  1 
ATOM   706  C CZ2  . TRP A 1 49  ? -4.490  -2.564  -3.196  1.00 0.00 ? 49  TRP A CZ2  1 
ATOM   707  C CZ3  . TRP A 1 49  ? -5.239  -0.350  -2.511  1.00 0.00 ? 49  TRP A CZ3  1 
ATOM   708  C CH2  . TRP A 1 49  ? -4.202  -1.225  -2.888  1.00 0.00 ? 49  TRP A CH2  1 
ATOM   709  H H    . TRP A 1 49  ? -9.934  -4.257  -0.658  1.00 0.00 ? 49  TRP A H    1 
ATOM   710  H HA   . TRP A 1 49  ? -8.686  -1.620  -0.632  1.00 0.00 ? 49  TRP A HA   1 
ATOM   711  H HB2  . TRP A 1 49  ? -10.202 -3.215  -2.713  1.00 0.00 ? 49  TRP A HB2  1 
ATOM   712  H HB3  . TRP A 1 49  ? -9.703  -1.553  -3.025  1.00 0.00 ? 49  TRP A HB3  1 
ATOM   713  H HD1  . TRP A 1 49  ? -8.470  -5.003  -3.264  1.00 0.00 ? 49  TRP A HD1  1 
ATOM   714  H HE1  . TRP A 1 49  ? -5.917  -5.039  -3.635  1.00 0.00 ? 49  TRP A HE1  1 
ATOM   715  H HE3  . TRP A 1 49  ? -7.360  -0.137  -2.158  1.00 0.00 ? 49  TRP A HE3  1 
ATOM   716  H HZ2  . TRP A 1 49  ? -3.705  -3.224  -3.505  1.00 0.00 ? 49  TRP A HZ2  1 
ATOM   717  H HZ3  . TRP A 1 49  ? -5.015  0.681   -2.277  1.00 0.00 ? 49  TRP A HZ3  1 
ATOM   718  H HH2  . TRP A 1 49  ? -3.186  -0.870  -2.930  1.00 0.00 ? 49  TRP A HH2  1 
ATOM   719  N N    . GLN A 1 50  ? -10.849 -0.522  0.391   1.00 0.00 ? 50  GLN A N    1 
ATOM   720  C CA   . GLN A 1 50  ? -12.020 0.372   0.665   1.00 0.00 ? 50  GLN A CA   1 
ATOM   721  C C    . GLN A 1 50  ? -11.636 1.341   1.810   1.00 0.00 ? 50  GLN A C    1 
ATOM   722  O O    . GLN A 1 50  ? -10.990 0.938   2.748   1.00 0.00 ? 50  GLN A O    1 
ATOM   723  C CB   . GLN A 1 50  ? -13.214 -0.504  1.087   1.00 0.00 ? 50  GLN A CB   1 
ATOM   724  C CG   . GLN A 1 50  ? -14.527 0.275   0.974   1.00 0.00 ? 50  GLN A CG   1 
ATOM   725  C CD   . GLN A 1 50  ? -15.705 -0.666  1.242   1.00 0.00 ? 50  GLN A CD   1 
ATOM   726  O OE1  . GLN A 1 50  ? -16.746 -0.540  0.629   1.00 0.00 ? 50  GLN A OE1  1 
ATOM   727  N NE2  . GLN A 1 50  ? -15.587 -1.604  2.139   1.00 0.00 ? 50  GLN A NE2  1 
ATOM   728  H H    . GLN A 1 50  ? -10.126 -0.580  1.049   1.00 0.00 ? 50  GLN A H    1 
ATOM   729  H HA   . GLN A 1 50  ? -12.265 0.921   -0.229  1.00 0.00 ? 50  GLN A HA   1 
ATOM   730  H HB2  . GLN A 1 50  ? -13.262 -1.368  0.444   1.00 0.00 ? 50  GLN A HB2  1 
ATOM   731  H HB3  . GLN A 1 50  ? -13.079 -0.824  2.106   1.00 0.00 ? 50  GLN A HB3  1 
ATOM   732  H HG2  . GLN A 1 50  ? -14.537 1.072   1.702   1.00 0.00 ? 50  GLN A HG2  1 
ATOM   733  H HG3  . GLN A 1 50  ? -14.620 0.683   -0.021  1.00 0.00 ? 50  GLN A HG3  1 
ATOM   734  H HE21 . GLN A 1 50  ? -14.748 -1.704  2.636   1.00 0.00 ? 50  GLN A HE21 1 
ATOM   735  H HE22 . GLN A 1 50  ? -16.338 -2.208  2.318   1.00 0.00 ? 50  GLN A HE22 1 
ATOM   736  N N    . PRO A 1 51  ? -12.003 2.612   1.749   1.00 0.00 ? 51  PRO A N    1 
ATOM   737  C CA   . PRO A 1 51  ? -11.648 3.587   2.839   1.00 0.00 ? 51  PRO A CA   1 
ATOM   738  C C    . PRO A 1 51  ? -12.307 3.243   4.190   1.00 0.00 ? 51  PRO A C    1 
ATOM   739  O O    . PRO A 1 51  ? -13.433 2.788   4.242   1.00 0.00 ? 51  PRO A O    1 
ATOM   740  C CB   . PRO A 1 51  ? -12.173 4.943   2.320   1.00 0.00 ? 51  PRO A CB   1 
ATOM   741  C CG   . PRO A 1 51  ? -13.189 4.605   1.273   1.00 0.00 ? 51  PRO A CG   1 
ATOM   742  C CD   . PRO A 1 51  ? -12.756 3.272   0.661   1.00 0.00 ? 51  PRO A CD   1 
ATOM   743  H HA   . PRO A 1 51  ? -10.577 3.635   2.956   1.00 0.00 ? 51  PRO A HA   1 
ATOM   744  H HB2  . PRO A 1 51  ? -12.630 5.513   3.120   1.00 0.00 ? 51  PRO A HB2  1 
ATOM   745  H HB3  . PRO A 1 51  ? -11.371 5.512   1.882   1.00 0.00 ? 51  PRO A HB3  1 
ATOM   746  H HG2  . PRO A 1 51  ? -14.169 4.506   1.726   1.00 0.00 ? 51  PRO A HG2  1 
ATOM   747  H HG3  . PRO A 1 51  ? -13.212 5.367   0.507   1.00 0.00 ? 51  PRO A HG3  1 
ATOM   748  H HD2  . PRO A 1 51  ? -13.621 2.698   0.376   1.00 0.00 ? 51  PRO A HD2  1 
ATOM   749  H HD3  . PRO A 1 51  ? -12.111 3.436   -0.193  1.00 0.00 ? 51  PRO A HD3  1 
ATOM   750  N N    . SER A 1 52  ? -11.613 3.485   5.282   1.00 0.00 ? 52  SER A N    1 
ATOM   751  C CA   . SER A 1 52  ? -12.188 3.206   6.641   1.00 0.00 ? 52  SER A CA   1 
ATOM   752  C C    . SER A 1 52  ? -11.118 3.447   7.716   1.00 0.00 ? 52  SER A C    1 
ATOM   753  O O    . SER A 1 52  ? -11.284 3.066   8.856   1.00 0.00 ? 52  SER A O    1 
ATOM   754  C CB   . SER A 1 52  ? -12.681 1.767   6.707   1.00 0.00 ? 52  SER A CB   1 
ATOM   755  O OG   . SER A 1 52  ? -12.558 1.285   8.038   1.00 0.67 ? 52  SER A OG   1 
ATOM   756  H H    . SER A 1 52  ? -10.713 3.866   5.206   1.00 0.00 ? 52  SER A H    1 
ATOM   757  H HA   . SER A 1 52  ? -13.015 3.882   6.813   1.00 0.00 ? 52  SER A HA   1 
ATOM   758  H HB2  . SER A 1 52  ? -13.716 1.724   6.409   1.00 0.50 ? 52  SER A HB2  1 
ATOM   759  H HB3  . SER A 1 52  ? -12.093 1.165   6.036   1.00 0.51 ? 52  SER A HB3  1 
ATOM   760  H HG   . SER A 1 52  ? -13.353 1.529   8.518   1.00 1.04 ? 52  SER A HG   1 
ATOM   761  N N    . ASN A 1 53  ? -10.023 4.062   7.365   1.00 0.00 ? 53  ASN A N    1 
ATOM   762  C CA   . ASN A 1 53  ? -8.956  4.311   8.377   1.00 0.00 ? 53  ASN A CA   1 
ATOM   763  C C    . ASN A 1 53  ? -8.494  2.977   8.970   1.00 0.00 ? 53  ASN A C    1 
ATOM   764  O O    . ASN A 1 53  ? -8.603  2.737   10.155  1.00 0.00 ? 53  ASN A O    1 
ATOM   765  C CB   . ASN A 1 53  ? -9.497  5.205   9.497   1.00 0.00 ? 53  ASN A CB   1 
ATOM   766  C CG   . ASN A 1 53  ? -10.151 6.448   8.895   1.00 0.06 ? 53  ASN A CG   1 
ATOM   767  O OD1  . ASN A 1 53  ? -9.597  7.076   8.015   1.00 0.09 ? 53  ASN A OD1  1 
ATOM   768  N ND2  . ASN A 1 53  ? -11.320 6.831   9.334   1.00 0.15 ? 53  ASN A ND2  1 
ATOM   769  H H    . ASN A 1 53  ? -9.899  4.356   6.439   1.00 0.00 ? 53  ASN A H    1 
ATOM   770  H HA   . ASN A 1 53  ? -8.127  4.793   7.899   1.00 0.00 ? 53  ASN A HA   1 
ATOM   771  H HB2  . ASN A 1 53  ? -10.226 4.659   10.077  1.00 0.04 ? 53  ASN A HB2  1 
ATOM   772  H HB3  . ASN A 1 53  ? -8.683  5.506   10.140  1.00 0.04 ? 53  ASN A HB3  1 
ATOM   773  H HD21 . ASN A 1 53  ? -11.768 6.322   10.043  1.00 0.21 ? 53  ASN A HD21 1 
ATOM   774  H HD22 . ASN A 1 53  ? -11.749 7.626   8.956   1.00 0.18 ? 53  ASN A HD22 1 
ATOM   775  N N    . PHE A 1 54  ? -7.998  2.099   8.142   1.00 0.00 ? 54  PHE A N    1 
ATOM   776  C CA   . PHE A 1 54  ? -7.547  0.761   8.634   1.00 0.00 ? 54  PHE A CA   1 
ATOM   777  C C    . PHE A 1 54  ? -6.429  0.899   9.679   1.00 0.00 ? 54  PHE A C    1 
ATOM   778  O O    . PHE A 1 54  ? -6.380  0.170   10.652  1.00 0.00 ? 54  PHE A O    1 
ATOM   779  C CB   . PHE A 1 54  ? -7.040  -0.072  7.444   1.00 0.00 ? 54  PHE A CB   1 
ATOM   780  C CG   . PHE A 1 54  ? -5.624  0.327   7.069   1.00 0.00 ? 54  PHE A CG   1 
ATOM   781  C CD1  . PHE A 1 54  ? -5.393  1.394   6.176   1.00 0.00 ? 54  PHE A CD1  1 
ATOM   782  C CD2  . PHE A 1 54  ? -4.534  -0.379  7.615   1.00 0.00 ? 54  PHE A CD2  1 
ATOM   783  C CE1  . PHE A 1 54  ? -4.072  1.750   5.829   1.00 0.00 ? 54  PHE A CE1  1 
ATOM   784  C CE2  . PHE A 1 54  ? -3.216  -0.022  7.269   1.00 0.00 ? 54  PHE A CE2  1 
ATOM   785  C CZ   . PHE A 1 54  ? -2.985  1.041   6.376   1.00 0.00 ? 54  PHE A CZ   1 
ATOM   786  H H    . PHE A 1 54  ? -7.933  2.319   7.189   1.00 0.00 ? 54  PHE A H    1 
ATOM   787  H HA   . PHE A 1 54  ? -8.388  0.252   9.083   1.00 0.00 ? 54  PHE A HA   1 
ATOM   788  H HB2  . PHE A 1 54  ? -7.053  -1.119  7.712   1.00 0.00 ? 54  PHE A HB2  1 
ATOM   789  H HB3  . PHE A 1 54  ? -7.690  0.086   6.596   1.00 0.00 ? 54  PHE A HB3  1 
ATOM   790  H HD1  . PHE A 1 54  ? -6.228  1.937   5.758   1.00 0.00 ? 54  PHE A HD1  1 
ATOM   791  H HD2  . PHE A 1 54  ? -4.708  -1.195  8.299   1.00 0.00 ? 54  PHE A HD2  1 
ATOM   792  H HE1  . PHE A 1 54  ? -3.892  2.564   5.141   1.00 0.00 ? 54  PHE A HE1  1 
ATOM   793  H HE2  . PHE A 1 54  ? -2.383  -0.564  7.689   1.00 0.00 ? 54  PHE A HE2  1 
ATOM   794  H HZ   . PHE A 1 54  ? -1.974  1.314   6.110   1.00 0.00 ? 54  PHE A HZ   1 
ATOM   795  N N    . ILE A 1 55  ? -5.518  1.807   9.474   1.00 0.00 ? 55  ILE A N    1 
ATOM   796  C CA   . ILE A 1 55  ? -4.394  1.957   10.439  1.00 0.00 ? 55  ILE A CA   1 
ATOM   797  C C    . ILE A 1 55  ? -4.937  2.240   11.844  1.00 0.00 ? 55  ILE A C    1 
ATOM   798  O O    . ILE A 1 55  ? -4.273  2.006   12.833  1.00 0.00 ? 55  ILE A O    1 
ATOM   799  C CB   . ILE A 1 55  ? -3.446  3.066   9.950   1.00 0.00 ? 55  ILE A CB   1 
ATOM   800  C CG1  . ILE A 1 55  ? -2.385  3.390   11.014  1.00 0.00 ? 55  ILE A CG1  1 
ATOM   801  C CG2  . ILE A 1 55  ? -4.212  4.335   9.581   1.00 0.00 ? 55  ILE A CG2  1 
ATOM   802  C CD1  . ILE A 1 55  ? -1.573  2.134   11.333  1.00 0.00 ? 55  ILE A CD1  1 
ATOM   803  H H    . ILE A 1 55  ? -5.558  2.372   8.674   1.00 0.00 ? 55  ILE A H    1 
ATOM   804  H HA   . ILE A 1 55  ? -3.844  1.029   10.458  1.00 0.00 ? 55  ILE A HA   1 
ATOM   805  H HB   . ILE A 1 55  ? -2.943  2.707   9.062   1.00 0.00 ? 55  ILE A HB   1 
ATOM   806  H HG12 . ILE A 1 55  ? -1.722  4.155   10.633  1.00 0.00 ? 55  ILE A HG12 1 
ATOM   807  H HG13 . ILE A 1 55  ? -2.862  3.749   11.912  1.00 0.00 ? 55  ILE A HG13 1 
ATOM   808  H HG21 . ILE A 1 55  ? -4.930  4.560   10.357  1.00 0.00 ? 55  ILE A HG21 1 
ATOM   809  H HG22 . ILE A 1 55  ? -4.731  4.182   8.646   1.00 0.00 ? 55  ILE A HG22 1 
ATOM   810  H HG23 . ILE A 1 55  ? -3.522  5.160   9.479   1.00 0.00 ? 55  ILE A HG23 1 
ATOM   811  H HD11 . ILE A 1 55  ? -1.330  1.617   10.416  1.00 0.00 ? 55  ILE A HD11 1 
ATOM   812  H HD12 . ILE A 1 55  ? -2.151  1.487   11.969  1.00 0.00 ? 55  ILE A HD12 1 
ATOM   813  H HD13 . ILE A 1 55  ? -0.663  2.414   11.840  1.00 0.00 ? 55  ILE A HD13 1 
ATOM   814  N N    . GLU A 1 56  ? -6.141  2.723   11.944  1.00 0.00 ? 56  GLU A N    1 
ATOM   815  C CA   . GLU A 1 56  ? -6.716  2.991   13.295  1.00 0.00 ? 56  GLU A CA   1 
ATOM   816  C C    . GLU A 1 56  ? -6.840  1.666   14.059  1.00 0.00 ? 56  GLU A C    1 
ATOM   817  O O    . GLU A 1 56  ? -6.738  1.642   15.270  1.00 0.00 ? 56  GLU A O    1 
ATOM   818  C CB   . GLU A 1 56  ? -8.098  3.635   13.153  1.00 0.00 ? 56  GLU A CB   1 
ATOM   819  C CG   . GLU A 1 56  ? -8.620  4.035   14.535  1.00 0.00 ? 56  GLU A CG   1 
ATOM   820  C CD   . GLU A 1 56  ? -10.041 4.586   14.404  1.00 0.00 ? 56  GLU A CD   1 
ATOM   821  O OE1  . GLU A 1 56  ? -10.548 4.607   13.296  1.00 0.02 ? 56  GLU A OE1  1 
ATOM   822  O OE2  . GLU A 1 56  ? -10.598 4.976   15.417  1.00 0.02 ? 56  GLU A OE2  1 
ATOM   823  H H    . GLU A 1 56  ? -6.672  2.896   11.136  1.00 0.00 ? 56  GLU A H    1 
ATOM   824  H HA   . GLU A 1 56  ? -6.058  3.653   13.839  1.00 0.00 ? 56  GLU A HA   1 
ATOM   825  H HB2  . GLU A 1 56  ? -8.023  4.513   12.528  1.00 0.00 ? 56  GLU A HB2  1 
ATOM   826  H HB3  . GLU A 1 56  ? -8.780  2.929   12.704  1.00 0.00 ? 56  GLU A HB3  1 
ATOM   827  H HG2  . GLU A 1 56  ? -8.625  3.170   15.181  1.00 0.01 ? 56  GLU A HG2  1 
ATOM   828  H HG3  . GLU A 1 56  ? -7.979  4.795   14.956  1.00 0.01 ? 56  GLU A HG3  1 
ATOM   829  N N    . THR A 1 57  ? -7.070  0.574   13.367  1.00 0.00 ? 57  THR A N    1 
ATOM   830  C CA   . THR A 1 57  ? -7.215  -0.752  14.081  1.00 0.00 ? 57  THR A CA   1 
ATOM   831  C C    . THR A 1 57  ? -6.115  -1.719  13.643  1.00 0.00 ? 57  THR A C    1 
ATOM   832  O O    . THR A 1 57  ? -6.226  -2.913  13.835  1.00 0.00 ? 57  THR A O    1 
ATOM   833  C CB   . THR A 1 57  ? -8.588  -1.357  13.778  1.00 0.00 ? 57  THR A CB   1 
ATOM   834  O OG1  . THR A 1 57  ? -8.675  -1.659  12.393  1.00 0.08 ? 57  THR A OG1  1 
ATOM   835  C CG2  . THR A 1 57  ? -9.682  -0.356  14.154  1.00 0.08 ? 57  THR A CG2  1 
ATOM   836  H H    . THR A 1 57  ? -7.156  0.627   12.382  1.00 0.00 ? 57  THR A H    1 
ATOM   837  H HA   . THR A 1 57  ? -7.119  -0.587  15.144  1.00 0.00 ? 57  THR A HA   1 
ATOM   838  H HB   . THR A 1 57  ? -8.719  -2.260  14.354  1.00 0.06 ? 57  THR A HB   1 
ATOM   839  H HG1  . THR A 1 57  ? -8.971  -2.568  12.306  1.00 0.90 ? 57  THR A HG1  1 
ATOM   840  H HG21 . THR A 1 57  ? -9.474  0.597   13.690  1.00 0.99 ? 57  THR A HG21 1 
ATOM   841  H HG22 . THR A 1 57  ? -9.707  -0.235  15.228  1.00 1.00 ? 57  THR A HG22 1 
ATOM   842  H HG23 . THR A 1 57  ? -10.639 -0.722  13.812  1.00 0.98 ? 57  THR A HG23 1 
ATOM   843  N N    . CYS A 1 58  ? -5.050  -1.225  13.065  1.00 0.00 ? 58  CYS A N    1 
ATOM   844  C CA   . CYS A 1 58  ? -3.938  -2.126  12.627  1.00 0.00 ? 58  CYS A CA   1 
ATOM   845  C C    . CYS A 1 58  ? -2.598  -1.534  13.061  1.00 0.00 ? 58  CYS A C    1 
ATOM   846  O O    . CYS A 1 58  ? -2.483  -0.352  13.308  1.00 0.00 ? 58  CYS A O    1 
ATOM   847  C CB   . CYS A 1 58  ? -3.976  -2.272  11.106  1.00 0.00 ? 58  CYS A CB   1 
ATOM   848  S SG   . CYS A 1 58  ? -5.540  -3.050  10.628  1.00 0.00 ? 58  CYS A SG   1 
ATOM   849  H H    . CYS A 1 58  ? -4.974  -0.260  12.911  1.00 0.00 ? 58  CYS A H    1 
ATOM   850  H HA   . CYS A 1 58  ? -4.043  -3.103  13.077  1.00 0.00 ? 58  CYS A HA   1 
ATOM   851  H HB2  . CYS A 1 58  ? -3.901  -1.299  10.647  1.00 0.00 ? 58  CYS A HB2  1 
ATOM   852  H HB3  . CYS A 1 58  ? -3.153  -2.890  10.781  1.00 0.00 ? 58  CYS A HB3  1 
ATOM   853  N N    . ARG A 1 59  ? -1.599  -2.362  13.211  1.00 0.00 ? 59  ARG A N    1 
ATOM   854  C CA   . ARG A 1 59  ? -0.268  -1.863  13.679  1.00 0.00 ? 59  ARG A CA   1 
ATOM   855  C C    . ARG A 1 59  ? 0.857   -2.586  12.936  1.00 0.00 ? 59  ARG A C    1 
ATOM   856  O O    . ARG A 1 59  ? 0.626   -3.474  12.138  1.00 0.00 ? 59  ARG A O    1 
ATOM   857  C CB   . ARG A 1 59  ? -0.133  -2.136  15.176  1.00 0.00 ? 59  ARG A CB   1 
ATOM   858  C CG   . ARG A 1 59  ? -0.225  -3.642  15.432  1.00 0.00 ? 59  ARG A CG   1 
ATOM   859  C CD   . ARG A 1 59  ? -0.333  -3.897  16.936  1.00 0.00 ? 59  ARG A CD   1 
ATOM   860  N NE   . ARG A 1 59  ? -0.377  -5.365  17.189  1.00 0.00 ? 59  ARG A NE   1 
ATOM   861  C CZ   . ARG A 1 59  ? -0.170  -5.825  18.392  1.00 0.00 ? 59  ARG A CZ   1 
ATOM   862  N NH1  . ARG A 1 59  ? 0.067   -5.000  19.375  1.00 0.00 ? 59  ARG A NH1  1 
ATOM   863  N NH2  . ARG A 1 59  ? -0.200  -7.111  18.614  1.00 0.00 ? 59  ARG A NH2  1 
ATOM   864  H H    . ARG A 1 59  ? -1.739  -3.323  13.062  1.00 0.00 ? 59  ARG A H    1 
ATOM   865  H HA   . ARG A 1 59  ? -0.188  -0.801  13.506  1.00 0.00 ? 59  ARG A HA   1 
ATOM   866  H HB2  . ARG A 1 59  ? 0.823   -1.770  15.525  1.00 0.00 ? 59  ARG A HB2  1 
ATOM   867  H HB3  . ARG A 1 59  ? -0.926  -1.631  15.709  1.00 0.00 ? 59  ARG A HB3  1 
ATOM   868  H HG2  . ARG A 1 59  ? -1.097  -4.040  14.931  1.00 0.00 ? 59  ARG A HG2  1 
ATOM   869  H HG3  . ARG A 1 59  ? 0.662   -4.122  15.049  1.00 0.00 ? 59  ARG A HG3  1 
ATOM   870  H HD2  . ARG A 1 59  ? 0.523   -3.472  17.438  1.00 0.00 ? 59  ARG A HD2  1 
ATOM   871  H HD3  . ARG A 1 59  ? -1.234  -3.439  17.312  1.00 0.00 ? 59  ARG A HD3  1 
ATOM   872  H HE   . ARG A 1 59  ? -0.560  -5.984  16.452  1.00 0.00 ? 59  ARG A HE   1 
ATOM   873  H HH11 . ARG A 1 59  ? 0.091   -4.014  19.205  1.00 0.00 ? 59  ARG A HH11 1 
ATOM   874  H HH12 . ARG A 1 59  ? 0.226   -5.352  20.298  1.00 0.00 ? 59  ARG A HH12 1 
ATOM   875  H HH21 . ARG A 1 59  ? -0.383  -7.744  17.862  1.00 0.00 ? 59  ARG A HH21 1 
ATOM   876  H HH22 . ARG A 1 59  ? -0.041  -7.462  19.537  1.00 0.00 ? 59  ARG A HH22 1 
ATOM   877  N N    . ASN A 1 60  ? 2.076   -2.226  13.225  1.00 0.00 ? 60  ASN A N    1 
ATOM   878  C CA   . ASN A 1 60  ? 3.243   -2.895  12.582  1.00 0.00 ? 60  ASN A CA   1 
ATOM   879  C C    . ASN A 1 60  ? 3.056   -2.997  11.063  1.00 0.00 ? 60  ASN A C    1 
ATOM   880  O O    . ASN A 1 60  ? 3.262   -4.044  10.482  1.00 0.00 ? 60  ASN A O    1 
ATOM   881  C CB   . ASN A 1 60  ? 3.414   -4.294  13.180  1.00 0.00 ? 60  ASN A CB   1 
ATOM   882  C CG   . ASN A 1 60  ? 4.740   -4.900  12.720  1.00 0.00 ? 60  ASN A CG   1 
ATOM   883  O OD1  . ASN A 1 60  ? 5.541   -4.237  12.092  1.00 0.00 ? 60  ASN A OD1  1 
ATOM   884  N ND2  . ASN A 1 60  ? 5.003   -6.147  13.005  1.00 0.00 ? 60  ASN A ND2  1 
ATOM   885  H H    . ASN A 1 60  ? 2.224   -1.536  13.903  1.00 0.00 ? 60  ASN A H    1 
ATOM   886  H HA   . ASN A 1 60  ? 4.132   -2.309  12.767  1.00 0.00 ? 60  ASN A HA   1 
ATOM   887  H HB2  . ASN A 1 60  ? 3.405   -4.226  14.259  1.00 0.00 ? 60  ASN A HB2  1 
ATOM   888  H HB3  . ASN A 1 60  ? 2.601   -4.923  12.853  1.00 0.00 ? 60  ASN A HB3  1 
ATOM   889  H HD21 . ASN A 1 60  ? 4.353   -6.684  13.506  1.00 0.00 ? 60  ASN A HD21 1 
ATOM   890  H HD22 . ASN A 1 60  ? 5.850   -6.548  12.716  1.00 0.00 ? 60  ASN A HD22 1 
ATOM   891  N N    . THR A 1 61  ? 2.717   -1.919  10.402  1.00 0.00 ? 61  THR A N    1 
ATOM   892  C CA   . THR A 1 61  ? 2.589   -1.986  8.917   1.00 0.00 ? 61  THR A CA   1 
ATOM   893  C C    . THR A 1 61  ? 3.999   -2.018  8.330   1.00 0.00 ? 61  THR A C    1 
ATOM   894  O O    . THR A 1 61  ? 4.852   -1.248  8.728   1.00 0.00 ? 61  THR A O    1 
ATOM   895  C CB   . THR A 1 61  ? 1.864   -0.746  8.382   1.00 0.00 ? 61  THR A CB   1 
ATOM   896  O OG1  . THR A 1 61  ? 2.529   0.422   8.839   1.00 0.00 ? 61  THR A OG1  1 
ATOM   897  C CG2  . THR A 1 61  ? 0.402   -0.716  8.844   1.00 0.00 ? 61  THR A CG2  1 
ATOM   898  H H    . THR A 1 61  ? 2.593   -1.069  10.870  1.00 0.00 ? 61  THR A H    1 
ATOM   899  H HA   . THR A 1 61  ? 2.056   -2.880  8.633   1.00 0.00 ? 61  THR A HA   1 
ATOM   900  H HB   . THR A 1 61  ? 1.886   -0.771  7.302   1.00 0.00 ? 61  THR A HB   1 
ATOM   901  H HG1  . THR A 1 61  ? 2.168   0.651   9.699   1.00 0.00 ? 61  THR A HG1  1 
ATOM   902  H HG21 . THR A 1 61  ? 0.056   0.305   8.872   1.00 0.00 ? 61  THR A HG21 1 
ATOM   903  H HG22 . THR A 1 61  ? 0.322   -1.149  9.833   1.00 0.00 ? 61  THR A HG22 1 
ATOM   904  H HG23 . THR A 1 61  ? -0.207  -1.284  8.155   1.00 0.00 ? 61  THR A HG23 1 
ATOM   905  N N    . GLN A 1 62  ? 4.278   -2.913  7.415   1.00 0.00 ? 62  GLN A N    1 
ATOM   906  C CA   . GLN A 1 62  ? 5.667   -2.980  6.852   1.00 0.00 ? 62  GLN A CA   1 
ATOM   907  C C    . GLN A 1 62  ? 5.634   -3.463  5.397   1.00 0.00 ? 62  GLN A C    1 
ATOM   908  O O    . GLN A 1 62  ? 4.655   -4.019  4.937   1.00 0.00 ? 62  GLN A O    1 
ATOM   909  C CB   . GLN A 1 62  ? 6.482   -3.957  7.727   1.00 0.00 ? 62  GLN A CB   1 
ATOM   910  C CG   . GLN A 1 62  ? 7.979   -3.600  7.742   1.00 0.00 ? 62  GLN A CG   1 
ATOM   911  C CD   . GLN A 1 62  ? 8.625   -4.135  9.026   1.00 0.00 ? 62  GLN A CD   1 
ATOM   912  O OE1  . GLN A 1 62  ? 8.622   -3.467  10.043  1.00 0.00 ? 62  GLN A OE1  1 
ATOM   913  N NE2  . GLN A 1 62  ? 9.184   -5.313  9.027   1.00 0.00 ? 62  GLN A NE2  1 
ATOM   914  H H    . GLN A 1 62  ? 3.593   -3.553  7.128   1.00 0.00 ? 62  GLN A H    1 
ATOM   915  H HA   . GLN A 1 62  ? 6.110   -1.991  6.899   1.00 0.00 ? 62  GLN A HA   1 
ATOM   916  H HB2  . GLN A 1 62  ? 6.102   -3.919  8.733   1.00 0.00 ? 62  GLN A HB2  1 
ATOM   917  H HB3  . GLN A 1 62  ? 6.363   -4.961  7.347   1.00 0.00 ? 62  GLN A HB3  1 
ATOM   918  H HG2  . GLN A 1 62  ? 8.461   -4.050  6.888   1.00 0.00 ? 62  GLN A HG2  1 
ATOM   919  H HG3  . GLN A 1 62  ? 8.107   -2.532  7.705   1.00 0.00 ? 62  GLN A HG3  1 
ATOM   920  H HE21 . GLN A 1 62  ? 9.193   -5.854  8.210   1.00 0.00 ? 62  GLN A HE21 1 
ATOM   921  H HE22 . GLN A 1 62  ? 9.595   -5.656  9.847   1.00 0.00 ? 62  GLN A HE22 1 
ATOM   922  N N    . LEU A 1 63  ? 6.698   -3.244  4.666   1.00 0.00 ? 63  LEU A N    1 
ATOM   923  C CA   . LEU A 1 63  ? 6.737   -3.680  3.240   1.00 0.00 ? 63  LEU A CA   1 
ATOM   924  C C    . LEU A 1 63  ? 7.191   -5.140  3.182   1.00 0.00 ? 63  LEU A C    1 
ATOM   925  O O    . LEU A 1 63  ? 8.206   -5.510  3.734   1.00 0.00 ? 63  LEU A O    1 
ATOM   926  C CB   . LEU A 1 63  ? 7.714   -2.768  2.460   1.00 0.00 ? 63  LEU A CB   1 
ATOM   927  C CG   . LEU A 1 63  ? 7.867   -3.207  0.983   1.00 0.00 ? 63  LEU A CG   1 
ATOM   928  C CD1  . LEU A 1 63  ? 6.649   -2.758  0.145   1.00 0.00 ? 63  LEU A CD1  1 
ATOM   929  C CD2  . LEU A 1 63  ? 9.142   -2.574  0.403   1.00 0.00 ? 63  LEU A CD2  1 
ATOM   930  H H    . LEU A 1 63  ? 7.473   -2.789  5.057   1.00 0.00 ? 63  LEU A H    1 
ATOM   931  H HA   . LEU A 1 63  ? 5.748   -3.603  2.823   1.00 0.00 ? 63  LEU A HA   1 
ATOM   932  H HB2  . LEU A 1 63  ? 7.343   -1.753  2.486   1.00 0.00 ? 63  LEU A HB2  1 
ATOM   933  H HB3  . LEU A 1 63  ? 8.680   -2.801  2.942   1.00 0.00 ? 63  LEU A HB3  1 
ATOM   934  H HG   . LEU A 1 63  ? 7.957   -4.281  0.930   1.00 0.00 ? 63  LEU A HG   1 
ATOM   935  H HD11 . LEU A 1 63  ? 6.524   -3.430  -0.692  1.00 0.00 ? 63  LEU A HD11 1 
ATOM   936  H HD12 . LEU A 1 63  ? 6.804   -1.755  -0.225  1.00 0.00 ? 63  LEU A HD12 1 
ATOM   937  H HD13 . LEU A 1 63  ? 5.759   -2.775  0.748   1.00 0.00 ? 63  LEU A HD13 1 
ATOM   938  H HD21 . LEU A 1 63  ? 9.040   -1.497  0.392   1.00 0.00 ? 63  LEU A HD21 1 
ATOM   939  H HD22 . LEU A 1 63  ? 9.293   -2.929  -0.605  1.00 0.00 ? 63  LEU A HD22 1 
ATOM   940  H HD23 . LEU A 1 63  ? 9.991   -2.847  1.011   1.00 0.00 ? 63  LEU A HD23 1 
ATOM   941  N N    . ALA A 1 64  ? 6.430   -5.968  2.509   1.00 0.00 ? 64  ALA A N    1 
ATOM   942  C CA   . ALA A 1 64  ? 6.779   -7.419  2.391   1.00 0.00 ? 64  ALA A CA   1 
ATOM   943  C C    . ALA A 1 64  ? 6.965   -7.776  0.914   1.00 0.00 ? 64  ALA A C    1 
ATOM   944  O O    . ALA A 1 64  ? 6.125   -7.489  0.086   1.00 0.00 ? 64  ALA A O    1 
ATOM   945  C CB   . ALA A 1 64  ? 5.627   -8.256  2.959   1.00 0.00 ? 64  ALA A CB   1 
ATOM   946  H H    . ALA A 1 64  ? 5.619   -5.631  2.077   1.00 0.00 ? 64  ALA A H    1 
ATOM   947  H HA   . ALA A 1 64  ? 7.692   -7.637  2.927   1.00 0.00 ? 64  ALA A HA   1 
ATOM   948  H HB1  . ALA A 1 64  ? 5.268   -7.798  3.867   1.00 0.00 ? 64  ALA A HB1  1 
ATOM   949  H HB2  . ALA A 1 64  ? 5.981   -9.252  3.176   1.00 0.00 ? 64  ALA A HB2  1 
ATOM   950  H HB3  . ALA A 1 64  ? 4.821   -8.308  2.240   1.00 0.00 ? 64  ALA A HB3  1 
ATOM   951  N N    . GLY A 1 65  ? 8.049   -8.416  0.580   1.00 0.00 ? 65  GLY A N    1 
ATOM   952  C CA   . GLY A 1 65  ? 8.272   -8.816  -0.839  1.00 0.00 ? 65  GLY A CA   1 
ATOM   953  C C    . GLY A 1 65  ? 8.453   -7.582  -1.727  1.00 0.00 ? 65  GLY A C    1 
ATOM   954  O O    . GLY A 1 65  ? 8.945   -6.557  -1.300  1.00 0.00 ? 65  GLY A O    1 
ATOM   955  H H    . GLY A 1 65  ? 8.715   -8.647  1.261   1.00 0.00 ? 65  GLY A H    1 
ATOM   956  H HA2  . GLY A 1 65  ? 9.161   -9.431  -0.900  1.00 0.00 ? 65  GLY A HA2  1 
ATOM   957  H HA3  . GLY A 1 65  ? 7.421   -9.385  -1.187  1.00 0.00 ? 65  GLY A HA3  1 
ATOM   958  N N    . SER A 1 66  ? 8.072   -7.694  -2.969  1.00 0.00 ? 66  SER A N    1 
ATOM   959  C CA   . SER A 1 66  ? 8.228   -6.558  -3.922  1.00 0.00 ? 66  SER A CA   1 
ATOM   960  C C    . SER A 1 66  ? 6.981   -5.661  -3.914  1.00 0.00 ? 66  SER A C    1 
ATOM   961  O O    . SER A 1 66  ? 7.085   -4.456  -4.031  1.00 0.00 ? 66  SER A O    1 
ATOM   962  C CB   . SER A 1 66  ? 8.434   -7.135  -5.338  1.00 0.00 ? 66  SER A CB   1 
ATOM   963  O OG   . SER A 1 66  ? 9.002   -8.433  -5.235  1.00 0.00 ? 66  SER A OG   1 
ATOM   964  H H    . SER A 1 66  ? 7.692   -8.540  -3.282  1.00 0.00 ? 66  SER A H    1 
ATOM   965  H HA   . SER A 1 66  ? 9.091   -5.961  -3.659  1.00 0.00 ? 66  SER A HA   1 
ATOM   966  H HB2  . SER A 1 66  ? 7.488   -7.209  -5.853  1.00 0.00 ? 66  SER A HB2  1 
ATOM   967  H HB3  . SER A 1 66  ? 9.096   -6.488  -5.902  1.00 0.00 ? 66  SER A HB3  1 
ATOM   968  H HG   . SER A 1 66  ? 9.919   -8.335  -4.979  1.00 0.00 ? 66  SER A HG   1 
ATOM   969  N N    . SER A 1 67  ? 5.804   -6.239  -3.827  1.00 0.00 ? 67  SER A N    1 
ATOM   970  C CA   . SER A 1 67  ? 4.554   -5.406  -3.874  1.00 0.00 ? 67  SER A CA   1 
ATOM   971  C C    . SER A 1 67  ? 3.552   -5.789  -2.782  1.00 0.00 ? 67  SER A C    1 
ATOM   972  O O    . SER A 1 67  ? 2.422   -5.343  -2.812  1.00 0.00 ? 67  SER A O    1 
ATOM   973  C CB   . SER A 1 67  ? 3.883   -5.642  -5.224  1.00 0.00 ? 67  SER A CB   1 
ATOM   974  O OG   . SER A 1 67  ? 3.490   -7.005  -5.323  1.00 0.00 ? 67  SER A OG   1 
ATOM   975  H H    . SER A 1 67  ? 5.742   -7.215  -3.781  1.00 0.00 ? 67  SER A H    1 
ATOM   976  H HA   . SER A 1 67  ? 4.801   -4.356  -3.808  1.00 0.00 ? 67  SER A HA   1 
ATOM   977  H HB2  . SER A 1 67  ? 3.011   -5.016  -5.305  1.00 0.00 ? 67  SER A HB2  1 
ATOM   978  H HB3  . SER A 1 67  ? 4.576   -5.397  -6.018  1.00 0.00 ? 67  SER A HB3  1 
ATOM   979  H HG   . SER A 1 67  ? 2.677   -7.116  -4.825  1.00 0.00 ? 67  SER A HG   1 
ATOM   980  N N    . GLU A 1 68  ? 3.911   -6.625  -1.835  1.00 0.00 ? 68  GLU A N    1 
ATOM   981  C CA   . GLU A 1 68  ? 2.915   -7.029  -0.789  1.00 0.00 ? 68  GLU A CA   1 
ATOM   982  C C    . GLU A 1 68  ? 3.107   -6.228  0.500   1.00 0.00 ? 68  GLU A C    1 
ATOM   983  O O    . GLU A 1 68  ? 4.210   -5.981  0.945   1.00 0.00 ? 68  GLU A O    1 
ATOM   984  C CB   . GLU A 1 68  ? 3.078   -8.520  -0.490  1.00 0.00 ? 68  GLU A CB   1 
ATOM   985  C CG   . GLU A 1 68  ? 2.649   -9.326  -1.718  1.00 0.00 ? 68  GLU A CG   1 
ATOM   986  C CD   . GLU A 1 68  ? 2.786   -10.822 -1.426  1.00 0.00 ? 68  GLU A CD   1 
ATOM   987  O OE1  . GLU A 1 68  ? 3.237   -11.156 -0.342  1.00 0.00 ? 68  GLU A OE1  1 
ATOM   988  O OE2  . GLU A 1 68  ? 2.435   -11.608 -2.290  1.00 0.00 ? 68  GLU A OE2  1 
ATOM   989  H H    . GLU A 1 68  ? 4.810   -7.007  -1.814  1.00 0.00 ? 68  GLU A H    1 
ATOM   990  H HA   . GLU A 1 68  ? 1.911   -6.863  -1.155  1.00 0.00 ? 68  GLU A HA   1 
ATOM   991  H HB2  . GLU A 1 68  ? 4.113   -8.731  -0.262  1.00 0.00 ? 68  GLU A HB2  1 
ATOM   992  H HB3  . GLU A 1 68  ? 2.459   -8.791  0.351   1.00 0.00 ? 68  GLU A HB3  1 
ATOM   993  H HG2  . GLU A 1 68  ? 1.621   -9.097  -1.959  1.00 0.00 ? 68  GLU A HG2  1 
ATOM   994  H HG3  . GLU A 1 68  ? 3.281   -9.067  -2.557  1.00 0.00 ? 68  GLU A HG3  1 
ATOM   995  N N    . LEU A 1 69  ? 2.012   -5.846  1.111   1.00 0.00 ? 69  LEU A N    1 
ATOM   996  C CA   . LEU A 1 69  ? 2.054   -5.079  2.395   1.00 0.00 ? 69  LEU A CA   1 
ATOM   997  C C    . LEU A 1 69  ? 1.566   -6.003  3.516   1.00 0.00 ? 69  LEU A C    1 
ATOM   998  O O    . LEU A 1 69  ? 0.458   -6.504  3.484   1.00 0.00 ? 69  LEU A O    1 
ATOM   999  C CB   . LEU A 1 69  ? 1.149   -3.836  2.253   1.00 0.00 ? 69  LEU A CB   1 
ATOM   1000 C CG   . LEU A 1 69  ? 0.703   -3.294  3.623   1.00 0.00 ? 69  LEU A CG   1 
ATOM   1001 C CD1  . LEU A 1 69  ? 1.908   -3.117  4.571   1.00 0.00 ? 69  LEU A CD1  1 
ATOM   1002 C CD2  . LEU A 1 69  ? 0.012   -1.941  3.406   1.00 0.00 ? 69  LEU A CD2  1 
ATOM   1003 H H    . LEU A 1 69  ? 1.144   -6.082  0.725   1.00 0.00 ? 69  LEU A H    1 
ATOM   1004 H HA   . LEU A 1 69  ? 3.068   -4.767  2.610   1.00 0.00 ? 69  LEU A HA   1 
ATOM   1005 H HB2  . LEU A 1 69  ? 1.692   -3.062  1.729   1.00 0.00 ? 69  LEU A HB2  1 
ATOM   1006 H HB3  . LEU A 1 69  ? 0.274   -4.099  1.678   1.00 0.00 ? 69  LEU A HB3  1 
ATOM   1007 H HG   . LEU A 1 69  ? -0.012  -3.988  4.039   1.00 0.00 ? 69  LEU A HG   1 
ATOM   1008 H HD11 . LEU A 1 69  ? 2.058   -4.019  5.138   1.00 0.00 ? 69  LEU A HD11 1 
ATOM   1009 H HD12 . LEU A 1 69  ? 1.723   -2.301  5.256   1.00 0.00 ? 69  LEU A HD12 1 
ATOM   1010 H HD13 . LEU A 1 69  ? 2.798   -2.905  3.996   1.00 0.00 ? 69  LEU A HD13 1 
ATOM   1011 H HD21 . LEU A 1 69  ? -0.854  -2.079  2.775   1.00 0.00 ? 69  LEU A HD21 1 
ATOM   1012 H HD22 . LEU A 1 69  ? 0.698   -1.258  2.930   1.00 0.00 ? 69  LEU A HD22 1 
ATOM   1013 H HD23 . LEU A 1 69  ? -0.299  -1.539  4.358   1.00 0.00 ? 69  LEU A HD23 1 
ATOM   1014 N N    . ALA A 1 70  ? 2.404   -6.244  4.496   1.00 0.00 ? 70  ALA A N    1 
ATOM   1015 C CA   . ALA A 1 70  ? 2.022   -7.150  5.624   1.00 0.00 ? 70  ALA A CA   1 
ATOM   1016 C C    . ALA A 1 70  ? 1.735   -6.304  6.863   1.00 0.00 ? 70  ALA A C    1 
ATOM   1017 O O    . ALA A 1 70  ? 2.411   -5.335  7.144   1.00 0.00 ? 70  ALA A O    1 
ATOM   1018 C CB   . ALA A 1 70  ? 3.193   -8.097  5.896   1.00 0.00 ? 70  ALA A CB   1 
ATOM   1019 H H    . ALA A 1 70  ? 3.296   -5.838  4.483   1.00 0.00 ? 70  ALA A H    1 
ATOM   1020 H HA   . ALA A 1 70  ? 1.143   -7.715  5.350   1.00 0.00 ? 70  ALA A HA   1 
ATOM   1021 H HB1  . ALA A 1 70  ? 4.117   -7.539  5.881   1.00 0.00 ? 70  ALA A HB1  1 
ATOM   1022 H HB2  . ALA A 1 70  ? 3.221   -8.863  5.135   1.00 0.00 ? 70  ALA A HB2  1 
ATOM   1023 H HB3  . ALA A 1 70  ? 3.067   -8.556  6.866   1.00 0.00 ? 70  ALA A HB3  1 
ATOM   1024 N N    . ALA A 1 71  ? 0.734   -6.669  7.606   1.00 0.00 ? 71  ALA A N    1 
ATOM   1025 C CA   . ALA A 1 71  ? 0.380   -5.905  8.832   1.00 0.00 ? 71  ALA A CA   1 
ATOM   1026 C C    . ALA A 1 71  ? -0.375  -6.827  9.789   1.00 0.00 ? 71  ALA A C    1 
ATOM   1027 O O    . ALA A 1 71  ? -0.721  -7.942  9.447   1.00 0.00 ? 71  ALA A O    1 
ATOM   1028 C CB   . ALA A 1 71  ? -0.561  -4.734  8.484   1.00 0.00 ? 71  ALA A CB   1 
ATOM   1029 H H    . ALA A 1 71  ? 0.204   -7.456  7.353   1.00 0.00 ? 71  ALA A H    1 
ATOM   1030 H HA   . ALA A 1 71  ? 1.273   -5.522  9.304   1.00 0.00 ? 71  ALA A HA   1 
ATOM   1031 H HB1  . ALA A 1 71  ? -0.445  -3.948  9.217   1.00 0.00 ? 71  ALA A HB1  1 
ATOM   1032 H HB2  . ALA A 1 71  ? -1.591  -5.068  8.473   1.00 0.00 ? 71  ALA A HB2  1 
ATOM   1033 H HB3  . ALA A 1 71  ? -0.304  -4.350  7.509   1.00 0.00 ? 71  ALA A HB3  1 
ATOM   1034 N N    . GLU A 1 72  ? -0.675  -6.342  10.970  1.00 0.00 ? 72  GLU A N    1 
ATOM   1035 C CA   . GLU A 1 72  ? -1.467  -7.136  11.957  1.00 0.00 ? 72  GLU A CA   1 
ATOM   1036 C C    . GLU A 1 72  ? -2.749  -6.339  12.200  1.00 0.00 ? 72  GLU A C    1 
ATOM   1037 O O    . GLU A 1 72  ? -2.691  -5.141  12.392  1.00 0.00 ? 72  GLU A O    1 
ATOM   1038 C CB   . GLU A 1 72  ? -0.674  -7.273  13.262  1.00 0.00 ? 72  GLU A CB   1 
ATOM   1039 C CG   . GLU A 1 72  ? 0.621   -8.045  12.999  1.00 0.00 ? 72  GLU A CG   1 
ATOM   1040 C CD   . GLU A 1 72  ? 1.471   -8.068  14.271  1.00 0.00 ? 72  GLU A CD   1 
ATOM   1041 O OE1  . GLU A 1 72  ? 0.999   -7.576  15.284  1.00 0.00 ? 72  GLU A OE1  1 
ATOM   1042 O OE2  . GLU A 1 72  ? 2.584   -8.564  14.209  1.00 0.00 ? 72  GLU A OE2  1 
ATOM   1043 H H    . GLU A 1 72  ? -0.413  -5.433  11.196  1.00 0.00 ? 72  GLU A H    1 
ATOM   1044 H HA   . GLU A 1 72  ? -1.707  -8.108  11.549  1.00 0.00 ? 72  GLU A HA   1 
ATOM   1045 H HB2  . GLU A 1 72  ? -0.437  -6.291  13.647  1.00 0.00 ? 72  GLU A HB2  1 
ATOM   1046 H HB3  . GLU A 1 72  ? -1.267  -7.808  13.988  1.00 0.00 ? 72  GLU A HB3  1 
ATOM   1047 H HG2  . GLU A 1 72  ? 0.384   -9.057  12.707  1.00 0.00 ? 72  GLU A HG2  1 
ATOM   1048 H HG3  . GLU A 1 72  ? 1.174   -7.562  12.209  1.00 0.00 ? 72  GLU A HG3  1 
ATOM   1049 N N    . CYS A 1 73  ? -3.907  -6.960  12.165  1.00 0.00 ? 73  CYS A N    1 
ATOM   1050 C CA   . CYS A 1 73  ? -5.180  -6.180  12.361  1.00 0.00 ? 73  CYS A CA   1 
ATOM   1051 C C    . CYS A 1 73  ? -6.110  -6.858  13.363  1.00 0.00 ? 73  CYS A C    1 
ATOM   1052 O O    . CYS A 1 73  ? -6.138  -8.065  13.505  1.00 0.00 ? 73  CYS A O    1 
ATOM   1053 C CB   . CYS A 1 73  ? -5.897  -6.046  11.016  1.00 0.00 ? 73  CYS A CB   1 
ATOM   1054 S SG   . CYS A 1 73  ? -4.993  -4.877  9.967   1.00 0.00 ? 73  CYS A SG   1 
ATOM   1055 H H    . CYS A 1 73  ? -3.945  -7.924  11.990  1.00 0.00 ? 73  CYS A H    1 
ATOM   1056 H HA   . CYS A 1 73  ? -4.950  -5.189  12.719  1.00 0.00 ? 73  CYS A HA   1 
ATOM   1057 H HB2  . CYS A 1 73  ? -5.937  -7.010  10.532  1.00 0.00 ? 73  CYS A HB2  1 
ATOM   1058 H HB3  . CYS A 1 73  ? -6.902  -5.681  11.177  1.00 0.00 ? 73  CYS A HB3  1 
ATOM   1059 N N    . LYS A 1 74  ? -6.856  -6.062  14.072  1.00 0.00 ? 74  LYS A N    1 
ATOM   1060 C CA   . LYS A 1 74  ? -7.786  -6.615  15.090  1.00 0.00 ? 74  LYS A CA   1 
ATOM   1061 C C    . LYS A 1 74  ? -8.998  -7.278  14.446  1.00 0.00 ? 74  LYS A C    1 
ATOM   1062 O O    . LYS A 1 74  ? -9.658  -6.725  13.590  1.00 0.00 ? 74  LYS A O    1 
ATOM   1063 C CB   . LYS A 1 74  ? -8.265  -5.486  16.006  1.00 0.00 ? 74  LYS A CB   1 
ATOM   1064 C CG   . LYS A 1 74  ? -7.077  -4.921  16.788  1.00 0.15 ? 74  LYS A CG   1 
ATOM   1065 C CD   . LYS A 1 74  ? -7.562  -3.824  17.742  1.00 0.22 ? 74  LYS A CD   1 
ATOM   1066 C CE   . LYS A 1 74  ? -8.249  -4.453  18.959  1.00 0.62 ? 74  LYS A CE   1 
ATOM   1067 N NZ   . LYS A 1 74  ? -8.357  -3.439  20.047  1.00 1.19 ? 74  LYS A NZ   1 
ATOM   1068 H H    . LYS A 1 74  ? -6.793  -5.091  13.945  1.00 0.00 ? 74  LYS A H    1 
ATOM   1069 H HA   . LYS A 1 74  ? -7.273  -7.349  15.688  1.00 0.00 ? 74  LYS A HA   1 
ATOM   1070 H HB2  . LYS A 1 74  ? -8.710  -4.703  15.409  1.00 0.11 ? 74  LYS A HB2  1 
ATOM   1071 H HB3  . LYS A 1 74  ? -8.998  -5.872  16.698  1.00 0.11 ? 74  LYS A HB3  1 
ATOM   1072 H HG2  . LYS A 1 74  ? -6.608  -5.713  17.354  1.00 0.21 ? 74  LYS A HG2  1 
ATOM   1073 H HG3  . LYS A 1 74  ? -6.361  -4.502  16.098  1.00 0.21 ? 74  LYS A HG3  1 
ATOM   1074 H HD2  . LYS A 1 74  ? -6.718  -3.235  18.071  1.00 0.47 ? 74  LYS A HD2  1 
ATOM   1075 H HD3  . LYS A 1 74  ? -8.265  -3.186  17.227  1.00 0.70 ? 74  LYS A HD3  1 
ATOM   1076 H HE2  . LYS A 1 74  ? -9.237  -4.788  18.684  1.00 1.41 ? 74  LYS A HE2  1 
ATOM   1077 H HE3  . LYS A 1 74  ? -7.667  -5.294  19.310  1.00 1.37 ? 74  LYS A HE3  1 
ATOM   1078 H HZ1  . LYS A 1 74  ? -8.409  -3.921  20.967  1.00 1.76 ? 74  LYS A HZ1  1 
ATOM   1079 H HZ2  . LYS A 1 74  ? -9.215  -2.870  19.907  1.00 1.65 ? 74  LYS A HZ2  1 
ATOM   1080 H HZ3  . LYS A 1 74  ? -7.522  -2.819  20.027  1.00 1.74 ? 74  LYS A HZ3  1 
ATOM   1081 N N    . THR A 1 75  ? -9.313  -8.449  14.917  1.00 0.00 ? 75  THR A N    1 
ATOM   1082 C CA   . THR A 1 75  ? -10.508 -9.176  14.413  1.00 0.00 ? 75  THR A CA   1 
ATOM   1083 C C    . THR A 1 75  ? -11.670 -8.791  15.315  1.00 0.00 ? 75  THR A C    1 
ATOM   1084 O O    . THR A 1 75  ? -11.490 -8.121  16.312  1.00 0.00 ? 75  THR A O    1 
ATOM   1085 C CB   . THR A 1 75  ? -10.300 -10.693 14.491  1.00 0.00 ? 75  THR A CB   1 
ATOM   1086 O OG1  . THR A 1 75  ? -10.358 -11.106 15.849  1.00 0.00 ? 75  THR A OG1  1 
ATOM   1087 C CG2  . THR A 1 75  ? -8.941  -11.081 13.904  1.00 0.00 ? 75  THR A CG2  1 
ATOM   1088 H H    . THR A 1 75  ? -8.758  -8.835  15.624  1.00 0.00 ? 75  THR A H    1 
ATOM   1089 H HA   . THR A 1 75  ? -10.736 -8.888  13.396  1.00 0.00 ? 75  THR A HA   1 
ATOM   1090 H HB   . THR A 1 75  ? -11.080 -11.187 13.934  1.00 0.00 ? 75  THR A HB   1 
ATOM   1091 H HG1  . THR A 1 75  ? -10.116 -10.356 16.396  1.00 0.00 ? 75  THR A HG1  1 
ATOM   1092 H HG21 . THR A 1 75  ? -8.990  -11.034 12.826  1.00 0.00 ? 75  THR A HG21 1 
ATOM   1093 H HG22 . THR A 1 75  ? -8.696  -12.086 14.209  1.00 0.00 ? 75  THR A HG22 1 
ATOM   1094 H HG23 . THR A 1 75  ? -8.185  -10.402 14.261  1.00 0.00 ? 75  THR A HG23 1 
ATOM   1095 N N    . ARG A 1 76  ? -12.857 -9.195  14.996  1.00 0.00 ? 76  ARG A N    1 
ATOM   1096 C CA   . ARG A 1 76  ? -13.993 -8.823  15.871  1.00 0.00 ? 76  ARG A CA   1 
ATOM   1097 C C    . ARG A 1 76  ? -13.733 -9.352  17.277  1.00 0.00 ? 76  ARG A C    1 
ATOM   1098 O O    . ARG A 1 76  ? -14.309 -8.865  18.229  1.00 0.00 ? 76  ARG A O    1 
ATOM   1099 C CB   . ARG A 1 76  ? -15.304 -9.397  15.328  1.00 0.00 ? 76  ARG A CB   1 
ATOM   1100 C CG   . ARG A 1 76  ? -15.713 -8.632  14.067  1.00 0.01 ? 76  ARG A CG   1 
ATOM   1101 C CD   . ARG A 1 76  ? -17.120 -9.064  13.650  1.00 0.03 ? 76  ARG A CD   1 
ATOM   1102 N NE   . ARG A 1 76  ? -17.488 -8.422  12.345  1.00 0.03 ? 76  ARG A NE   1 
ATOM   1103 C CZ   . ARG A 1 76  ? -17.481 -7.124  12.193  1.00 0.02 ? 76  ARG A CZ   1 
ATOM   1104 N NH1  . ARG A 1 76  ? -17.314 -6.337  13.220  1.00 0.04 ? 76  ARG A NH1  1 
ATOM   1105 N NH2  . ARG A 1 76  ? -17.694 -6.609  11.014  1.00 0.02 ? 76  ARG A NH2  1 
ATOM   1106 H H    . ARG A 1 76  ? -12.998 -9.729  14.186  1.00 0.00 ? 76  ARG A H    1 
ATOM   1107 H HA   . ARG A 1 76  ? -14.066 -7.745  15.925  1.00 0.00 ? 76  ARG A HA   1 
ATOM   1108 H HB2  . ARG A 1 76  ? -15.167 -10.441 15.089  1.00 0.01 ? 76  ARG A HB2  1 
ATOM   1109 H HB3  . ARG A 1 76  ? -16.077 -9.294  16.074  1.00 0.01 ? 76  ARG A HB3  1 
ATOM   1110 H HG2  . ARG A 1 76  ? -15.695 -7.576  14.273  1.00 0.03 ? 76  ARG A HG2  1 
ATOM   1111 H HG3  . ARG A 1 76  ? -15.019 -8.855  13.270  1.00 0.03 ? 76  ARG A HG3  1 
ATOM   1112 H HD2  . ARG A 1 76  ? -17.137 -10.125 13.502  1.00 0.04 ? 76  ARG A HD2  1 
ATOM   1113 H HD3  . ARG A 1 76  ? -17.823 -8.805  14.441  1.00 0.04 ? 76  ARG A HD3  1 
ATOM   1114 H HE   . ARG A 1 76  ? -17.695 -8.992  11.575  1.00 0.04 ? 76  ARG A HE   1 
ATOM   1115 H HH11 . ARG A 1 76  ? -17.192 -6.725  14.133  1.00 0.04 ? 76  ARG A HH11 1 
ATOM   1116 H HH12 . ARG A 1 76  ? -17.308 -5.345  13.095  1.00 0.05 ? 76  ARG A HH12 1 
ATOM   1117 H HH21 . ARG A 1 76  ? -17.861 -7.208  10.229  1.00 0.02 ? 76  ARG A HH21 1 
ATOM   1118 H HH22 . ARG A 1 76  ? -17.691 -5.616  10.892  1.00 0.03 ? 76  ARG A HH22 1 
ATOM   1119 N N    . ALA A 1 77  ? -12.904 -10.360 17.441  1.00 0.00 ? 77  ALA A N    1 
ATOM   1120 C CA   . ALA A 1 77  ? -12.686 -10.892 18.822  1.00 0.00 ? 77  ALA A CA   1 
ATOM   1121 C C    . ALA A 1 77  ? -11.625 -10.051 19.554  1.00 0.00 ? 77  ALA A C    1 
ATOM   1122 O O    . ALA A 1 77  ? -11.168 -10.432 20.611  1.00 0.00 ? 77  ALA A O    1 
ATOM   1123 C CB   . ALA A 1 77  ? -12.273 -12.380 18.759  1.00 0.00 ? 77  ALA A CB   1 
ATOM   1124 H H    . ALA A 1 77  ? -12.457 -10.778 16.675  1.00 0.00 ? 77  ALA A H    1 
ATOM   1125 H HA   . ALA A 1 77  ? -13.629 -10.790 19.343  1.00 0.00 ? 77  ALA A HA   1 
ATOM   1126 H HB1  . ALA A 1 77  ? -12.061 -12.647 17.734  1.00 0.00 ? 77  ALA A HB1  1 
ATOM   1127 H HB2  . ALA A 1 77  ? -13.081 -12.999 19.127  1.00 0.00 ? 77  ALA A HB2  1 
ATOM   1128 H HB3  . ALA A 1 77  ? -11.392 -12.553 19.362  1.00 0.00 ? 77  ALA A HB3  1 
ATOM   1129 N N    . GLN A 1 78  ? -11.220 -8.922  19.005  1.00 0.00 ? 78  GLN A N    1 
ATOM   1130 C CA   . GLN A 1 78  ? -10.183 -8.047  19.651  1.00 0.00 ? 78  GLN A CA   1 
ATOM   1131 C C    . GLN A 1 78  ? -8.821  -8.743  19.722  1.00 0.00 ? 78  GLN A C    1 
ATOM   1132 O O    . GLN A 1 78  ? -8.073  -8.548  20.658  1.00 0.00 ? 78  GLN A O    1 
ATOM   1133 C CB   . GLN A 1 78  ? -10.635 -7.648  21.059  1.00 0.00 ? 78  GLN A CB   1 
ATOM   1134 C CG   . GLN A 1 78  ? -12.042 -7.051  20.997  1.00 0.07 ? 78  GLN A CG   1 
ATOM   1135 C CD   . GLN A 1 78  ? -12.039 -5.832  20.073  1.00 0.15 ? 78  GLN A CD   1 
ATOM   1136 O OE1  . GLN A 1 78  ? -11.194 -4.968  20.191  1.00 0.35 ? 78  GLN A OE1  1 
ATOM   1137 N NE2  . GLN A 1 78  ? -12.957 -5.725  19.151  1.00 0.49 ? 78  GLN A NE2  1 
ATOM   1138 H H    . GLN A 1 78  ? -11.551 -8.633  18.129  1.00 0.00 ? 78  GLN A H    1 
ATOM   1139 H HA   . GLN A 1 78  ? -10.073 -7.159  19.050  1.00 0.00 ? 78  GLN A HA   1 
ATOM   1140 H HB2  . GLN A 1 78  ? -10.639 -8.518  21.699  1.00 0.05 ? 78  GLN A HB2  1 
ATOM   1141 H HB3  . GLN A 1 78  ? -9.953  -6.913  21.459  1.00 0.05 ? 78  GLN A HB3  1 
ATOM   1142 H HG2  . GLN A 1 78  ? -12.730 -7.792  20.615  1.00 0.13 ? 78  GLN A HG2  1 
ATOM   1143 H HG3  . GLN A 1 78  ? -12.349 -6.749  21.987  1.00 0.06 ? 78  GLN A HG3  1 
ATOM   1144 H HE21 . GLN A 1 78  ? -13.640 -6.422  19.057  1.00 0.75 ? 78  GLN A HE21 1 
ATOM   1145 H HE22 . GLN A 1 78  ? -12.964 -4.947  18.555  1.00 0.54 ? 78  GLN A HE22 1 
ATOM   1146 N N    . GLN A 1 79  ? -8.483  -9.531  18.728  1.00 0.00 ? 79  GLN A N    1 
ATOM   1147 C CA   . GLN A 1 79  ? -7.152  -10.233 18.711  1.00 0.00 ? 79  GLN A CA   1 
ATOM   1148 C C    . GLN A 1 79  ? -6.367  -9.794  17.460  1.00 0.00 ? 79  GLN A C    1 
ATOM   1149 O O    . GLN A 1 79  ? -6.928  -9.635  16.396  1.00 0.00 ? 79  GLN A O    1 
ATOM   1150 C CB   . GLN A 1 79  ? -7.406  -11.763 18.676  1.00 0.00 ? 79  GLN A CB   1 
ATOM   1151 C CG   . GLN A 1 79  ? -6.698  -12.453 19.846  1.00 0.00 ? 79  GLN A CG   1 
ATOM   1152 C CD   . GLN A 1 79  ? -7.113  -13.922 19.906  1.00 0.00 ? 79  GLN A CD   1 
ATOM   1153 O OE1  . GLN A 1 79  ? -8.210  -14.271 19.519  1.00 0.00 ? 79  GLN A OE1  1 
ATOM   1154 N NE2  . GLN A 1 79  ? -6.275  -14.802 20.376  1.00 0.00 ? 79  GLN A NE2  1 
ATOM   1155 H H    . GLN A 1 79  ? -9.103  -9.653  17.979  1.00 0.00 ? 79  GLN A H    1 
ATOM   1156 H HA   . GLN A 1 79  ? -6.581  -9.969  19.592  1.00 0.00 ? 79  GLN A HA   1 
ATOM   1157 H HB2  . GLN A 1 79  ? -8.467  -11.945 18.753  1.00 0.00 ? 79  GLN A HB2  1 
ATOM   1158 H HB3  . GLN A 1 79  ? -7.044  -12.182 17.748  1.00 0.00 ? 79  GLN A HB3  1 
ATOM   1159 H HG2  . GLN A 1 79  ? -5.630  -12.387 19.707  1.00 0.00 ? 79  GLN A HG2  1 
ATOM   1160 H HG3  . GLN A 1 79  ? -6.974  -11.967 20.769  1.00 0.00 ? 79  GLN A HG3  1 
ATOM   1161 H HE21 . GLN A 1 79  ? -5.389  -14.521 20.689  1.00 0.00 ? 79  GLN A HE21 1 
ATOM   1162 H HE22 . GLN A 1 79  ? -6.532  -15.746 20.419  1.00 0.00 ? 79  GLN A HE22 1 
ATOM   1163 N N    . PHE A 1 80  ? -5.066  -9.606  17.571  1.00 0.00 ? 80  PHE A N    1 
ATOM   1164 C CA   . PHE A 1 80  ? -4.271  -9.182  16.366  1.00 0.00 ? 80  PHE A CA   1 
ATOM   1165 C C    . PHE A 1 80  ? -3.834  -10.432 15.583  1.00 0.00 ? 80  PHE A C    1 
ATOM   1166 O O    . PHE A 1 80  ? -3.187  -11.303 16.131  1.00 0.00 ? 80  PHE A O    1 
ATOM   1167 C CB   . PHE A 1 80  ? -2.996  -8.433  16.804  1.00 0.00 ? 80  PHE A CB   1 
ATOM   1168 C CG   . PHE A 1 80  ? -3.287  -6.994  17.166  1.00 0.00 ? 80  PHE A CG   1 
ATOM   1169 C CD1  . PHE A 1 80  ? -3.531  -6.052  16.149  1.00 0.00 ? 80  PHE A CD1  1 
ATOM   1170 C CD2  . PHE A 1 80  ? -3.278  -6.587  18.515  1.00 0.00 ? 80  PHE A CD2  1 
ATOM   1171 C CE1  . PHE A 1 80  ? -3.771  -4.706  16.479  1.00 0.00 ? 80  PHE A CE1  1 
ATOM   1172 C CE2  . PHE A 1 80  ? -3.513  -5.238  18.846  1.00 0.00 ? 80  PHE A CE2  1 
ATOM   1173 C CZ   . PHE A 1 80  ? -3.760  -4.298  17.828  1.00 0.00 ? 80  PHE A CZ   1 
ATOM   1174 H H    . PHE A 1 80  ? -4.620  -9.747  18.432  1.00 0.00 ? 80  PHE A H    1 
ATOM   1175 H HA   . PHE A 1 80  ? -4.897  -8.542  15.757  1.00 0.00 ? 80  PHE A HA   1 
ATOM   1176 H HB2  . PHE A 1 80  ? -2.568  -8.931  17.660  1.00 0.00 ? 80  PHE A HB2  1 
ATOM   1177 H HB3  . PHE A 1 80  ? -2.274  -8.448  15.996  1.00 0.00 ? 80  PHE A HB3  1 
ATOM   1178 H HD1  . PHE A 1 80  ? -3.539  -6.363  15.116  1.00 0.00 ? 80  PHE A HD1  1 
ATOM   1179 H HD2  . PHE A 1 80  ? -3.090  -7.309  19.296  1.00 0.00 ? 80  PHE A HD2  1 
ATOM   1180 H HE1  . PHE A 1 80  ? -3.960  -3.984  15.697  1.00 0.00 ? 80  PHE A HE1  1 
ATOM   1181 H HE2  . PHE A 1 80  ? -3.507  -4.926  19.879  1.00 0.00 ? 80  PHE A HE2  1 
ATOM   1182 H HZ   . PHE A 1 80  ? -3.941  -3.263  18.081  1.00 0.00 ? 80  PHE A HZ   1 
ATOM   1183 N N    . VAL A 1 81  ? -4.157  -10.522 14.309  1.00 0.00 ? 81  VAL A N    1 
ATOM   1184 C CA   . VAL A 1 81  ? -3.733  -11.718 13.494  1.00 0.00 ? 81  VAL A CA   1 
ATOM   1185 C C    . VAL A 1 81  ? -2.980  -11.236 12.258  1.00 0.00 ? 81  VAL A C    1 
ATOM   1186 O O    . VAL A 1 81  ? -3.054  -10.080 11.888  1.00 0.00 ? 81  VAL A O    1 
ATOM   1187 C CB   . VAL A 1 81  ? -4.961  -12.551 13.101  1.00 0.00 ? 81  VAL A CB   1 
ATOM   1188 C CG1  . VAL A 1 81  ? -5.896  -12.635 14.305  1.00 0.00 ? 81  VAL A CG1  1 
ATOM   1189 C CG2  . VAL A 1 81  ? -5.780  -11.894 11.984  1.00 0.00 ? 81  VAL A CG2  1 
ATOM   1190 H H    . VAL A 1 81  ? -4.678  -9.803  13.893  1.00 0.00 ? 81  VAL A H    1 
ATOM   1191 H HA   . VAL A 1 81  ? -3.081  -12.341 14.093  1.00 0.00 ? 81  VAL A HA   1 
ATOM   1192 H HB   . VAL A 1 81  ? -4.655  -13.543 12.803  1.00 0.00 ? 81  VAL A HB   1 
ATOM   1193 H HG11 . VAL A 1 81  ? -6.715  -13.298 14.074  1.00 0.00 ? 81  VAL A HG11 1 
ATOM   1194 H HG12 . VAL A 1 81  ? -6.278  -11.653 14.532  1.00 0.00 ? 81  VAL A HG12 1 
ATOM   1195 H HG13 . VAL A 1 81  ? -5.351  -13.018 15.155  1.00 0.00 ? 81  VAL A HG13 1 
ATOM   1196 H HG21 . VAL A 1 81  ? -5.204  -11.888 11.070  1.00 0.00 ? 81  VAL A HG21 1 
ATOM   1197 H HG22 . VAL A 1 81  ? -6.025  -10.881 12.265  1.00 0.00 ? 81  VAL A HG22 1 
ATOM   1198 H HG23 . VAL A 1 81  ? -6.691  -12.455 11.829  1.00 0.00 ? 81  VAL A HG23 1 
ATOM   1199 N N    . SER A 1 82  ? -2.226  -12.093 11.627  1.00 0.00 ? 82  SER A N    1 
ATOM   1200 C CA   . SER A 1 82  ? -1.444  -11.658 10.436  1.00 0.00 ? 82  SER A CA   1 
ATOM   1201 C C    . SER A 1 82  ? -2.359  -11.417 9.233   1.00 0.00 ? 82  SER A C    1 
ATOM   1202 O O    . SER A 1 82  ? -3.166  -12.252 8.875   1.00 0.00 ? 82  SER A O    1 
ATOM   1203 C CB   . SER A 1 82  ? -0.416  -12.732 10.082  1.00 0.00 ? 82  SER A CB   1 
ATOM   1204 O OG   . SER A 1 82  ? 0.462   -12.228 9.083   1.00 0.00 ? 82  SER A OG   1 
ATOM   1205 H H    . SER A 1 82  ? -2.148  -13.018 11.941  1.00 0.00 ? 82  SER A H    1 
ATOM   1206 H HA   . SER A 1 82  ? -0.926  -10.740 10.672  1.00 0.00 ? 82  SER A HA   1 
ATOM   1207 H HB2  . SER A 1 82  ? 0.156   -12.991 10.958  1.00 0.00 ? 82  SER A HB2  1 
ATOM   1208 H HB3  . SER A 1 82  ? -0.928  -13.614 9.714   1.00 0.00 ? 82  SER A HB3  1 
ATOM   1209 H HG   . SER A 1 82  ? 0.458   -12.843 8.346   1.00 0.00 ? 82  SER A HG   1 
ATOM   1210 N N    . THR A 1 83  ? -2.220  -10.283 8.592   1.00 0.00 ? 83  THR A N    1 
ATOM   1211 C CA   . THR A 1 83  ? -3.060  -9.967  7.393   1.00 0.00 ? 83  THR A CA   1 
ATOM   1212 C C    . THR A 1 83  ? -2.160  -9.382  6.303   1.00 0.00 ? 83  THR A C    1 
ATOM   1213 O O    . THR A 1 83  ? -1.092  -8.867  6.569   1.00 0.00 ? 83  THR A O    1 
ATOM   1214 C CB   . THR A 1 83  ? -4.154  -8.965  7.776   1.00 0.00 ? 83  THR A CB   1 
ATOM   1215 O OG1  . THR A 1 83  ? -4.923  -8.645  6.625   1.00 0.00 ? 83  THR A OG1  1 
ATOM   1216 C CG2  . THR A 1 83  ? -3.530  -7.692  8.348   1.00 0.00 ? 83  THR A CG2  1 
ATOM   1217 H H    . THR A 1 83  ? -1.551  -9.636  8.898   1.00 0.00 ? 83  THR A H    1 
ATOM   1218 H HA   . THR A 1 83  ? -3.518  -10.871 7.012   1.00 0.00 ? 83  THR A HA   1 
ATOM   1219 H HB   . THR A 1 83  ? -4.795  -9.408  8.521   1.00 0.00 ? 83  THR A HB   1 
ATOM   1220 H HG1  . THR A 1 83  ? -4.344  -8.685  5.861   1.00 0.00 ? 83  THR A HG1  1 
ATOM   1221 H HG21 . THR A 1 83  ? -2.801  -7.294  7.659   1.00 0.00 ? 83  THR A HG21 1 
ATOM   1222 H HG22 . THR A 1 83  ? -3.054  -7.917  9.290   1.00 0.00 ? 83  THR A HG22 1 
ATOM   1223 H HG23 . THR A 1 83  ? -4.304  -6.964  8.504   1.00 0.00 ? 83  THR A HG23 1 
ATOM   1224 N N    . LYS A 1 84  ? -2.589  -9.464  5.072   1.00 0.00 ? 84  LYS A N    1 
ATOM   1225 C CA   . LYS A 1 84  ? -1.760  -8.923  3.961   1.00 0.00 ? 84  LYS A CA   1 
ATOM   1226 C C    . LYS A 1 84  ? -2.652  -8.578  2.765   1.00 0.00 ? 84  LYS A C    1 
ATOM   1227 O O    . LYS A 1 84  ? -3.770  -9.036  2.641   1.00 0.00 ? 84  LYS A O    1 
ATOM   1228 C CB   . LYS A 1 84  ? -0.725  -9.968  3.553   1.00 0.00 ? 84  LYS A CB   1 
ATOM   1229 C CG   . LYS A 1 84  ? -1.432  -11.229 3.056   1.00 0.00 ? 84  LYS A CG   1 
ATOM   1230 C CD   . LYS A 1 84  ? -0.414  -12.367 2.913   1.00 0.00 ? 84  LYS A CD   1 
ATOM   1231 C CE   . LYS A 1 84  ? -0.933  -13.427 1.940   1.00 0.00 ? 84  LYS A CE   1 
ATOM   1232 N NZ   . LYS A 1 84  ? 0.146   -14.421 1.681   1.00 0.00 ? 84  LYS A NZ   1 
ATOM   1233 H H    . LYS A 1 84  ? -3.453  -9.878  4.872   1.00 0.00 ? 84  LYS A H    1 
ATOM   1234 H HA   . LYS A 1 84  ? -1.249  -8.024  4.271   1.00 0.00 ? 84  LYS A HA   1 
ATOM   1235 H HB2  . LYS A 1 84  ? -0.104  -9.571  2.764   1.00 0.00 ? 84  LYS A HB2  1 
ATOM   1236 H HB3  . LYS A 1 84  ? -0.111  -10.215 4.406   1.00 0.00 ? 84  LYS A HB3  1 
ATOM   1237 H HG2  . LYS A 1 84  ? -2.196  -11.513 3.766   1.00 0.00 ? 84  LYS A HG2  1 
ATOM   1238 H HG3  . LYS A 1 84  ? -1.886  -11.025 2.100   1.00 0.00 ? 84  LYS A HG3  1 
ATOM   1239 H HD2  . LYS A 1 84  ? 0.523   -11.975 2.547   1.00 0.00 ? 84  LYS A HD2  1 
ATOM   1240 H HD3  . LYS A 1 84  ? -0.258  -12.823 3.879   1.00 0.00 ? 84  LYS A HD3  1 
ATOM   1241 H HE2  . LYS A 1 84  ? -1.788  -13.924 2.369   1.00 0.00 ? 84  LYS A HE2  1 
ATOM   1242 H HE3  . LYS A 1 84  ? -1.219  -12.961 1.006   1.00 0.00 ? 84  LYS A HE3  1 
ATOM   1243 H HZ1  . LYS A 1 84  ? 1.029   -13.921 1.457   1.00 0.00 ? 84  LYS A HZ1  1 
ATOM   1244 H HZ2  . LYS A 1 84  ? -0.124  -15.016 0.876   1.00 0.00 ? 84  LYS A HZ2  1 
ATOM   1245 H HZ3  . LYS A 1 84  ? 0.287   -15.018 2.524   1.00 0.00 ? 84  LYS A HZ3  1 
ATOM   1246 N N    . ILE A 1 85  ? -2.145  -7.744  1.896   1.00 0.00 ? 85  ILE A N    1 
ATOM   1247 C CA   . ILE A 1 85  ? -2.908  -7.304  0.695   1.00 0.00 ? 85  ILE A CA   1 
ATOM   1248 C C    . ILE A 1 85  ? -1.926  -7.030  -0.454  1.00 0.00 ? 85  ILE A C    1 
ATOM   1249 O O    . ILE A 1 85  ? -0.800  -6.624  -0.244  1.00 0.00 ? 85  ILE A O    1 
ATOM   1250 C CB   . ILE A 1 85  ? -3.686  -6.034  1.050   1.00 0.00 ? 85  ILE A CB   1 
ATOM   1251 C CG1  . ILE A 1 85  ? -4.638  -5.666  -0.099  1.00 0.00 ? 85  ILE A CG1  1 
ATOM   1252 C CG2  . ILE A 1 85  ? -2.714  -4.879  1.316   1.00 0.00 ? 85  ILE A CG2  1 
ATOM   1253 C CD1  . ILE A 1 85  ? -5.542  -4.496  0.327   1.00 0.00 ? 85  ILE A CD1  1 
ATOM   1254 H H    . ILE A 1 85  ? -1.243  -7.390  2.046   1.00 0.00 ? 85  ILE A H    1 
ATOM   1255 H HA   . ILE A 1 85  ? -3.600  -8.064  0.358   1.00 0.00 ? 85  ILE A HA   1 
ATOM   1256 H HB   . ILE A 1 85  ? -4.261  -6.219  1.946   1.00 0.00 ? 85  ILE A HB   1 
ATOM   1257 H HG12 . ILE A 1 85  ? -4.062  -5.378  -0.966  1.00 0.00 ? 85  ILE A HG12 1 
ATOM   1258 H HG13 . ILE A 1 85  ? -5.250  -6.521  -0.342  1.00 0.00 ? 85  ILE A HG13 1 
ATOM   1259 H HG21 . ILE A 1 85  ? -3.215  -4.116  1.894   1.00 0.00 ? 85  ILE A HG21 1 
ATOM   1260 H HG22 . ILE A 1 85  ? -2.383  -4.461  0.379   1.00 0.00 ? 85  ILE A HG22 1 
ATOM   1261 H HG23 . ILE A 1 85  ? -1.860  -5.244  1.869   1.00 0.00 ? 85  ILE A HG23 1 
ATOM   1262 H HD11 . ILE A 1 85  ? -5.020  -3.564  0.166   1.00 0.00 ? 85  ILE A HD11 1 
ATOM   1263 H HD12 . ILE A 1 85  ? -5.801  -4.588  1.371   1.00 0.00 ? 85  ILE A HD12 1 
ATOM   1264 H HD13 . ILE A 1 85  ? -6.444  -4.508  -0.267  1.00 0.00 ? 85  ILE A HD13 1 
ATOM   1265 N N    . ASN A 1 86  ? -2.353  -7.262  -1.667  1.00 0.00 ? 86  ASN A N    1 
ATOM   1266 C CA   . ASN A 1 86  ? -1.457  -7.031  -2.845  1.00 0.00 ? 86  ASN A CA   1 
ATOM   1267 C C    . ASN A 1 86  ? -1.574  -5.575  -3.314  1.00 0.00 ? 86  ASN A C    1 
ATOM   1268 O O    . ASN A 1 86  ? -2.592  -5.175  -3.827  1.00 0.00 ? 86  ASN A O    1 
ATOM   1269 C CB   . ASN A 1 86  ? -1.885  -7.961  -3.986  1.00 0.00 ? 86  ASN A CB   1 
ATOM   1270 C CG   . ASN A 1 86  ? -0.789  -8.005  -5.054  1.00 0.00 ? 86  ASN A CG   1 
ATOM   1271 O OD1  . ASN A 1 86  ? 0.059   -7.135  -5.110  1.00 0.00 ? 86  ASN A OD1  1 
ATOM   1272 N ND2  . ASN A 1 86  ? -0.773  -8.988  -5.913  1.00 0.00 ? 86  ASN A ND2  1 
ATOM   1273 H H    . ASN A 1 86  ? -3.273  -7.583  -1.813  1.00 0.00 ? 86  ASN A H    1 
ATOM   1274 H HA   . ASN A 1 86  ? -0.432  -7.250  -2.576  1.00 0.00 ? 86  ASN A HA   1 
ATOM   1275 H HB2  . ASN A 1 86  ? -2.047  -8.956  -3.595  1.00 0.00 ? 86  ASN A HB2  1 
ATOM   1276 H HB3  . ASN A 1 86  ? -2.800  -7.595  -4.425  1.00 0.00 ? 86  ASN A HB3  1 
ATOM   1277 H HD21 . ASN A 1 86  ? -1.459  -9.689  -5.868  1.00 0.00 ? 86  ASN A HD21 1 
ATOM   1278 H HD22 . ASN A 1 86  ? -0.077  -9.027  -6.603  1.00 0.00 ? 86  ASN A HD22 1 
ATOM   1279 N N    . LEU A 1 87  ? -0.534  -4.793  -3.173  1.00 0.00 ? 87  LEU A N    1 
ATOM   1280 C CA   . LEU A 1 87  ? -0.585  -3.367  -3.640  1.00 0.00 ? 87  LEU A CA   1 
ATOM   1281 C C    . LEU A 1 87  ? -0.674  -3.319  -5.167  1.00 0.00 ? 87  LEU A C    1 
ATOM   1282 O O    . LEU A 1 87  ? -1.071  -2.323  -5.736  1.00 0.00 ? 87  LEU A O    1 
ATOM   1283 C CB   . LEU A 1 87  ? 0.688   -2.624  -3.217  1.00 0.00 ? 87  LEU A CB   1 
ATOM   1284 C CG   . LEU A 1 87  ? 0.928   -2.788  -1.713  1.00 0.00 ? 87  LEU A CG   1 
ATOM   1285 C CD1  . LEU A 1 87  ? 2.136   -1.932  -1.301  1.00 0.00 ? 87  LEU A CD1  1 
ATOM   1286 C CD2  . LEU A 1 87  ? -0.325  -2.352  -0.940  1.00 0.00 ? 87  LEU A CD2  1 
ATOM   1287 H H    . LEU A 1 87  ? 0.296   -5.142  -2.788  1.00 0.00 ? 87  LEU A H    1 
ATOM   1288 H HA   . LEU A 1 87  ? -1.447  -2.846  -3.258  1.00 0.00 ? 87  LEU A HA   1 
ATOM   1289 H HB2  . LEU A 1 87  ? 1.534   -3.024  -3.758  1.00 0.00 ? 87  LEU A HB2  1 
ATOM   1290 H HB3  . LEU A 1 87  ? 0.582   -1.574  -3.448  1.00 0.00 ? 87  LEU A HB3  1 
ATOM   1291 H HG   . LEU A 1 87  ? 1.149   -3.825  -1.515  1.00 0.00 ? 87  LEU A HG   1 
ATOM   1292 H HD11 . LEU A 1 87  ? 2.065   -0.957  -1.759  1.00 0.00 ? 87  LEU A HD11 1 
ATOM   1293 H HD12 . LEU A 1 87  ? 3.044   -2.416  -1.631  1.00 0.00 ? 87  LEU A HD12 1 
ATOM   1294 H HD13 . LEU A 1 87  ? 2.161   -1.825  -0.226  1.00 0.00 ? 87  LEU A HD13 1 
ATOM   1295 H HD21 . LEU A 1 87  ? -1.062  -3.135  -0.987  1.00 0.00 ? 87  LEU A HD21 1 
ATOM   1296 H HD22 . LEU A 1 87  ? -0.730  -1.452  -1.383  1.00 0.00 ? 87  LEU A HD22 1 
ATOM   1297 H HD23 . LEU A 1 87  ? -0.074  -2.162  0.092   1.00 0.00 ? 87  LEU A HD23 1 
ATOM   1298 N N    . ASP A 1 88  ? -0.275  -4.357  -5.840  1.00 0.00 ? 88  ASP A N    1 
ATOM   1299 C CA   . ASP A 1 88  ? -0.306  -4.321  -7.332  1.00 0.00 ? 88  ASP A CA   1 
ATOM   1300 C C    . ASP A 1 88  ? -1.744  -4.297  -7.875  1.00 0.00 ? 88  ASP A C    1 
ATOM   1301 O O    . ASP A 1 88  ? -1.953  -4.064  -9.047  1.00 0.00 ? 88  ASP A O    1 
ATOM   1302 C CB   . ASP A 1 88  ? 0.411   -5.556  -7.885  1.00 0.00 ? 88  ASP A CB   1 
ATOM   1303 C CG   . ASP A 1 88  ? 1.916   -5.435  -7.631  1.00 0.00 ? 88  ASP A CG   1 
ATOM   1304 O OD1  . ASP A 1 88  ? 2.380   -4.320  -7.451  1.00 0.00 ? 88  ASP A OD1  1 
ATOM   1305 O OD2  . ASP A 1 88  ? 2.577   -6.459  -7.619  1.00 0.00 ? 88  ASP A OD2  1 
ATOM   1306 H H    . ASP A 1 88  ? 0.077   -5.142  -5.377  1.00 0.00 ? 88  ASP A H    1 
ATOM   1307 H HA   . ASP A 1 88  ? 0.214   -3.434  -7.659  1.00 0.00 ? 88  ASP A HA   1 
ATOM   1308 H HB2  . ASP A 1 88  ? 0.030   -6.442  -7.394  1.00 0.00 ? 88  ASP A HB2  1 
ATOM   1309 H HB3  . ASP A 1 88  ? 0.232   -5.633  -8.949  1.00 0.00 ? 88  ASP A HB3  1 
ATOM   1310 N N    . ASP A 1 89  ? -2.738  -4.579  -7.072  1.00 0.00 ? 89  ASP A N    1 
ATOM   1311 C CA   . ASP A 1 89  ? -4.142  -4.608  -7.591  1.00 0.00 ? 89  ASP A CA   1 
ATOM   1312 C C    . ASP A 1 89  ? -4.616  -3.248  -8.115  1.00 0.00 ? 89  ASP A C    1 
ATOM   1313 O O    . ASP A 1 89  ? -5.358  -3.188  -9.075  1.00 0.00 ? 89  ASP A O    1 
ATOM   1314 C CB   . ASP A 1 89  ? -5.091  -5.017  -6.461  1.00 0.00 ? 89  ASP A CB   1 
ATOM   1315 C CG   . ASP A 1 89  ? -4.857  -6.486  -6.097  1.00 0.00 ? 89  ASP A CG   1 
ATOM   1316 O OD1  . ASP A 1 89  ? -4.300  -7.197  -6.918  1.00 0.00 ? 89  ASP A OD1  1 
ATOM   1317 O OD2  . ASP A 1 89  ? -5.241  -6.875  -5.006  1.00 0.00 ? 89  ASP A OD2  1 
ATOM   1318 H H    . ASP A 1 89  ? -2.585  -4.811  -6.133  1.00 0.00 ? 89  ASP A H    1 
ATOM   1319 H HA   . ASP A 1 89  ? -4.214  -5.340  -8.383  1.00 0.00 ? 89  ASP A HA   1 
ATOM   1320 H HB2  . ASP A 1 89  ? -4.916  -4.387  -5.600  1.00 0.00 ? 89  ASP A HB2  1 
ATOM   1321 H HB3  . ASP A 1 89  ? -6.114  -4.890  -6.790  1.00 0.00 ? 89  ASP A HB3  1 
ATOM   1322 N N    . HIS A 1 90  ? -4.281  -2.159  -7.454  1.00 0.00 ? 90  HIS A N    1 
ATOM   1323 C CA   . HIS A 1 90  ? -4.813  -0.823  -7.906  1.00 0.00 ? 90  HIS A CA   1 
ATOM   1324 C C    . HIS A 1 90  ? -3.746  0.282   -7.841  1.00 0.00 ? 90  HIS A C    1 
ATOM   1325 O O    . HIS A 1 90  ? -3.950  1.367   -8.350  1.00 0.00 ? 90  HIS A O    1 
ATOM   1326 C CB   . HIS A 1 90  ? -5.997  -0.468  -7.002  1.00 0.00 ? 90  HIS A CB   1 
ATOM   1327 C CG   . HIS A 1 90  ? -7.053  -1.529  -7.168  1.00 0.00 ? 90  HIS A CG   1 
ATOM   1328 N ND1  . HIS A 1 90  ? -7.848  -1.600  -8.304  1.00 0.00 ? 90  HIS A ND1  1 
ATOM   1329 C CD2  . HIS A 1 90  ? -7.438  -2.587  -6.375  1.00 0.00 ? 90  HIS A CD2  1 
ATOM   1330 C CE1  . HIS A 1 90  ? -8.659  -2.664  -8.170  1.00 0.00 ? 90  HIS A CE1  1 
ATOM   1331 N NE2  . HIS A 1 90  ? -8.452  -3.299  -7.013  1.00 0.00 ? 90  HIS A NE2  1 
ATOM   1332 H H    . HIS A 1 90  ? -3.732  -2.221  -6.646  1.00 0.00 ? 90  HIS A H    1 
ATOM   1333 H HA   . HIS A 1 90  ? -5.170  -0.894  -8.925  1.00 0.00 ? 90  HIS A HA   1 
ATOM   1334 H HB2  . HIS A 1 90  ? -5.671  -0.439  -5.971  1.00 0.00 ? 90  HIS A HB2  1 
ATOM   1335 H HB3  . HIS A 1 90  ? -6.401  0.494   -7.284  1.00 0.00 ? 90  HIS A HB3  1 
ATOM   1336 H HD2  . HIS A 1 90  ? -7.011  -2.842  -5.414  1.00 0.00 ? 90  HIS A HD2  1 
ATOM   1337 H HE1  . HIS A 1 90  ? -9.373  -2.977  -8.918  1.00 0.00 ? 90  HIS A HE1  1 
ATOM   1338 H HE2  . HIS A 1 90  ? -8.916  -4.095  -6.681  1.00 0.00 ? 90  HIS A HE2  1 
ATOM   1339 N N    . ILE A 1 91  ? -2.613  0.030   -7.245  1.00 0.00 ? 91  ILE A N    1 
ATOM   1340 C CA   . ILE A 1 91  ? -1.560  1.091   -7.188  1.00 0.00 ? 91  ILE A CA   1 
ATOM   1341 C C    . ILE A 1 91  ? -0.743  1.053   -8.474  1.00 0.00 ? 91  ILE A C    1 
ATOM   1342 O O    . ILE A 1 91  ? 0.008   0.128   -8.715  1.00 0.00 ? 91  ILE A O    1 
ATOM   1343 C CB   . ILE A 1 91  ? -0.639  0.840   -5.989  1.00 0.00 ? 91  ILE A CB   1 
ATOM   1344 C CG1  . ILE A 1 91  ? -1.432  0.959   -4.661  1.00 0.00 ? 91  ILE A CG1  1 
ATOM   1345 C CG2  . ILE A 1 91  ? 0.537   1.831   -6.029  1.00 0.00 ? 91  ILE A CG2  1 
ATOM   1346 C CD1  . ILE A 1 91  ? -1.996  2.382   -4.471  1.00 0.00 ? 91  ILE A CD1  1 
ATOM   1347 H H    . ILE A 1 91  ? -2.450  -0.850  -6.848  1.00 0.00 ? 91  ILE A H    1 
ATOM   1348 H HA   . ILE A 1 91  ? -2.017  2.057   -7.105  1.00 0.00 ? 91  ILE A HA   1 
ATOM   1349 H HB   . ILE A 1 91  ? -0.229  -0.157  -6.080  1.00 0.00 ? 91  ILE A HB   1 
ATOM   1350 H HG12 . ILE A 1 91  ? -2.246  0.255   -4.680  1.00 0.00 ? 91  ILE A HG12 1 
ATOM   1351 H HG13 . ILE A 1 91  ? -0.778  0.723   -3.834  1.00 0.00 ? 91  ILE A HG13 1 
ATOM   1352 H HG21 . ILE A 1 91  ? 0.185   2.821   -6.260  1.00 0.00 ? 91  ILE A HG21 1 
ATOM   1353 H HG22 . ILE A 1 91  ? 1.227   1.524   -6.799  1.00 0.00 ? 91  ILE A HG22 1 
ATOM   1354 H HG23 . ILE A 1 91  ? 1.042   1.834   -5.074  1.00 0.00 ? 91  ILE A HG23 1 
ATOM   1355 H HD11 . ILE A 1 91  ? -1.243  3.121   -4.662  1.00 0.00 ? 91  ILE A HD11 1 
ATOM   1356 H HD12 . ILE A 1 91  ? -2.335  2.484   -3.454  1.00 0.00 ? 91  ILE A HD12 1 
ATOM   1357 H HD13 . ILE A 1 91  ? -2.835  2.537   -5.126  1.00 0.00 ? 91  ILE A HD13 1 
ATOM   1358 N N    . ALA A 1 92  ? -0.894  2.062   -9.301  1.00 0.00 ? 92  ALA A N    1 
ATOM   1359 C CA   . ALA A 1 92  ? -0.127  2.096   -10.595 1.00 0.00 ? 92  ALA A CA   1 
ATOM   1360 C C    . ALA A 1 92  ? 0.793   3.320   -10.650 1.00 0.00 ? 92  ALA A C    1 
ATOM   1361 O O    . ALA A 1 92  ? 0.690   4.236   -9.860  1.00 0.00 ? 92  ALA A O    1 
ATOM   1362 C CB   . ALA A 1 92  ? -1.083  2.164   -11.803 1.00 0.00 ? 92  ALA A CB   1 
ATOM   1363 H H    . ALA A 1 92  ? -1.508  2.797   -9.064  1.00 0.00 ? 92  ALA A H    1 
ATOM   1364 H HA   . ALA A 1 92  ? 0.486   1.209   -10.687 1.00 0.00 ? 92  ALA A HA   1 
ATOM   1365 H HB1  . ALA A 1 92  ? -1.297  3.195   -12.057 1.00 0.00 ? 92  ALA A HB1  1 
ATOM   1366 H HB2  . ALA A 1 92  ? -2.006  1.663   -11.552 1.00 0.00 ? 92  ALA A HB2  1 
ATOM   1367 H HB3  . ALA A 1 92  ? -0.631  1.673   -12.653 1.00 0.00 ? 92  ALA A HB3  1 
ATOM   1368 N N    . ASN A 1 93  ? 1.676   3.334   -11.617 1.00 0.00 ? 93  ASN A N    1 
ATOM   1369 C CA   . ASN A 1 93  ? 2.610   4.485   -11.807 1.00 0.00 ? 93  ASN A CA   1 
ATOM   1370 C C    . ASN A 1 93  ? 2.213   5.197   -13.100 1.00 0.00 ? 93  ASN A C    1 
ATOM   1371 O O    . ASN A 1 93  ? 2.394   4.666   -14.177 1.00 0.00 ? 93  ASN A O    1 
ATOM   1372 C CB   . ASN A 1 93  ? 4.041   3.965   -11.937 1.00 0.00 ? 93  ASN A CB   1 
ATOM   1373 C CG   . ASN A 1 93  ? 5.007   5.149   -11.946 1.00 0.50 ? 93  ASN A CG   1 
ATOM   1374 O OD1  . ASN A 1 93  ? 5.068   5.905   -10.996 1.00 0.93 ? 93  ASN A OD1  1 
ATOM   1375 N ND2  . ASN A 1 93  ? 5.771   5.345   -12.986 1.00 0.46 ? 93  ASN A ND2  1 
ATOM   1376 H H    . ASN A 1 93  ? 1.708   2.586   -12.250 1.00 0.00 ? 93  ASN A H    1 
ATOM   1377 H HA   . ASN A 1 93  ? 2.544   5.172   -10.973 1.00 0.00 ? 93  ASN A HA   1 
ATOM   1378 H HB2  . ASN A 1 93  ? 4.268   3.319   -11.102 1.00 0.35 ? 93  ASN A HB2  1 
ATOM   1379 H HB3  . ASN A 1 93  ? 4.142   3.414   -12.860 1.00 0.35 ? 93  ASN A HB3  1 
ATOM   1380 H HD21 . ASN A 1 93  ? 5.721   4.737   -13.752 1.00 0.15 ? 93  ASN A HD21 1 
ATOM   1381 H HD22 . ASN A 1 93  ? 6.393   6.102   -13.001 1.00 0.78 ? 93  ASN A HD22 1 
ATOM   1382 N N    . ILE A 1 94  ? 1.688   6.396   -13.009 1.00 0.00 ? 94  ILE A N    1 
ATOM   1383 C CA   . ILE A 1 94  ? 1.294   7.153   -14.245 1.00 0.00 ? 94  ILE A CA   1 
ATOM   1384 C C    . ILE A 1 94  ? 2.220   8.365   -14.348 1.00 0.00 ? 94  ILE A C    1 
ATOM   1385 O O    . ILE A 1 94  ? 2.103   9.330   -13.621 1.00 0.00 ? 94  ILE A O    1 
ATOM   1386 C CB   . ILE A 1 94  ? -0.159  7.622   -14.124 1.00 0.00 ? 94  ILE A CB   1 
ATOM   1387 C CG1  . ILE A 1 94  ? -1.060  6.427   -13.798 1.00 0.00 ? 94  ILE A CG1  1 
ATOM   1388 C CG2  . ILE A 1 94  ? -0.605  8.247   -15.446 1.00 0.00 ? 94  ILE A CG2  1 
ATOM   1389 C CD1  . ILE A 1 94  ? -0.776  5.284   -14.774 1.00 0.00 ? 94  ILE A CD1  1 
ATOM   1390 H H    . ILE A 1 94  ? 1.572   6.822   -12.134 1.00 0.00 ? 94  ILE A H    1 
ATOM   1391 H HA   . ILE A 1 94  ? 1.410   6.528   -15.123 1.00 0.00 ? 94  ILE A HA   1 
ATOM   1392 H HB   . ILE A 1 94  ? -0.233  8.358   -13.335 1.00 0.00 ? 94  ILE A HB   1 
ATOM   1393 H HG12 . ILE A 1 94  ? -0.866  6.095   -12.788 1.00 0.00 ? 94  ILE A HG12 1 
ATOM   1394 H HG13 . ILE A 1 94  ? -2.095  6.724   -13.885 1.00 0.00 ? 94  ILE A HG13 1 
ATOM   1395 H HG21 . ILE A 1 94  ? 0.022   9.097   -15.673 1.00 0.90 ? 94  ILE A HG21 1 
ATOM   1396 H HG22 . ILE A 1 94  ? -1.632  8.569   -15.364 1.00 0.90 ? 94  ILE A HG22 1 
ATOM   1397 H HG23 . ILE A 1 94  ? -0.519  7.516   -16.237 1.00 0.90 ? 94  ILE A HG23 1 
ATOM   1398 H HD11 . ILE A 1 94  ? -1.618  4.607   -14.791 1.00 0.96 ? 94  ILE A HD11 1 
ATOM   1399 H HD12 . ILE A 1 94  ? 0.108   4.750   -14.458 1.00 0.96 ? 94  ILE A HD12 1 
ATOM   1400 H HD13 . ILE A 1 94  ? -0.619  5.686   -15.764 1.00 0.96 ? 94  ILE A HD13 1 
ATOM   1401 N N    . ASP A 1 95  ? 3.129   8.302   -15.276 1.00 0.00 ? 95  ASP A N    1 
ATOM   1402 C CA   . ASP A 1 95  ? 4.080   9.424   -15.510 1.00 0.00 ? 95  ASP A CA   1 
ATOM   1403 C C    . ASP A 1 95  ? 5.029   9.639   -14.323 1.00 0.00 ? 95  ASP A C    1 
ATOM   1404 O O    . ASP A 1 95  ? 5.434   10.752  -14.051 1.00 0.00 ? 95  ASP A O    1 
ATOM   1405 C CB   . ASP A 1 95  ? 3.288   10.711  -15.777 1.00 0.00 ? 95  ASP A CB   1 
ATOM   1406 C CG   . ASP A 1 95  ? 4.185   11.726  -16.495 1.00 0.00 ? 95  ASP A CG   1 
ATOM   1407 O OD1  . ASP A 1 95  ? 5.385   11.506  -16.527 1.00 0.00 ? 95  ASP A OD1  1 
ATOM   1408 O OD2  . ASP A 1 95  ? 3.653   12.701  -17.000 1.00 0.00 ? 95  ASP A OD2  1 
ATOM   1409 H H    . ASP A 1 95  ? 3.172   7.513   -15.858 1.00 0.00 ? 95  ASP A H    1 
ATOM   1410 H HA   . ASP A 1 95  ? 4.673   9.194   -16.388 1.00 0.00 ? 95  ASP A HA   1 
ATOM   1411 H HB2  . ASP A 1 95  ? 2.432   10.480  -16.398 1.00 0.00 ? 95  ASP A HB2  1 
ATOM   1412 H HB3  . ASP A 1 95  ? 2.950   11.132  -14.842 1.00 0.00 ? 95  ASP A HB3  1 
ATOM   1413 N N    . GLY A 1 96  ? 5.412   8.603   -13.620 1.00 0.00 ? 96  GLY A N    1 
ATOM   1414 C CA   . GLY A 1 96  ? 6.358   8.792   -12.473 1.00 0.00 ? 96  GLY A CA   1 
ATOM   1415 C C    . GLY A 1 96  ? 5.597   9.181   -11.201 1.00 0.00 ? 96  GLY A C    1 
ATOM   1416 O O    . GLY A 1 96  ? 6.190   9.390   -10.161 1.00 0.00 ? 96  GLY A O    1 
ATOM   1417 H H    . GLY A 1 96  ? 5.085   7.699   -13.819 1.00 0.00 ? 96  GLY A H    1 
ATOM   1418 H HA2  . GLY A 1 96  ? 6.894   7.870   -12.299 1.00 0.00 ? 96  GLY A HA2  1 
ATOM   1419 H HA3  . GLY A 1 96  ? 7.064   9.573   -12.716 1.00 0.00 ? 96  GLY A HA3  1 
ATOM   1420 N N    . THR A 1 97  ? 4.293   9.268   -11.273 1.00 0.00 ? 97  THR A N    1 
ATOM   1421 C CA   . THR A 1 97  ? 3.482   9.637   -10.063 1.00 0.00 ? 97  THR A CA   1 
ATOM   1422 C C    . THR A 1 97  ? 2.529   8.485   -9.727  1.00 0.00 ? 97  THR A C    1 
ATOM   1423 O O    . THR A 1 97  ? 1.930   7.892   -10.603 1.00 0.00 ? 97  THR A O    1 
ATOM   1424 C CB   . THR A 1 97  ? 2.687   10.917  -10.367 1.00 0.00 ? 97  THR A CB   1 
ATOM   1425 O OG1  . THR A 1 97  ? 3.591   12.005  -10.480 1.00 0.00 ? 97  THR A OG1  1 
ATOM   1426 C CG2  . THR A 1 97  ? 1.683   11.206  -9.242  1.00 0.00 ? 97  THR A CG2  1 
ATOM   1427 H H    . THR A 1 97  ? 3.835   9.080   -12.120 1.00 0.00 ? 97  THR A H    1 
ATOM   1428 H HA   . THR A 1 97  ? 4.130   9.817   -9.215  1.00 0.00 ? 97  THR A HA   1 
ATOM   1429 H HB   . THR A 1 97  ? 2.160   10.800  -11.301 1.00 0.00 ? 97  THR A HB   1 
ATOM   1430 H HG1  . THR A 1 97  ? 4.130   12.029  -9.686  1.00 0.00 ? 97  THR A HG1  1 
ATOM   1431 H HG21 . THR A 1 97  ? 0.753   10.702  -9.451  1.00 0.00 ? 97  THR A HG21 1 
ATOM   1432 H HG22 . THR A 1 97  ? 1.507   12.271  -9.186  1.00 0.00 ? 97  THR A HG22 1 
ATOM   1433 H HG23 . THR A 1 97  ? 2.075   10.859  -8.296  1.00 0.00 ? 97  THR A HG23 1 
ATOM   1434 N N    . LEU A 1 98  ? 2.392   8.151   -8.467  1.00 0.00 ? 98  LEU A N    1 
ATOM   1435 C CA   . LEU A 1 98  ? 1.488   7.024   -8.089  1.00 0.00 ? 98  LEU A CA   1 
ATOM   1436 C C    . LEU A 1 98  ? 0.046   7.518   -8.022  1.00 0.00 ? 98  LEU A C    1 
ATOM   1437 O O    . LEU A 1 98  ? -0.231  8.585   -7.509  1.00 0.00 ? 98  LEU A O    1 
ATOM   1438 C CB   . LEU A 1 98  ? 1.865   6.482   -6.708  1.00 0.00 ? 98  LEU A CB   1 
ATOM   1439 C CG   . LEU A 1 98  ? 3.313   5.970   -6.670  1.00 0.00 ? 98  LEU A CG   1 
ATOM   1440 C CD1  . LEU A 1 98  ? 3.549   5.331   -5.295  1.00 0.00 ? 98  LEU A CD1  1 
ATOM   1441 C CD2  . LEU A 1 98  ? 3.539   4.934   -7.787  1.00 0.00 ? 98  LEU A CD2  1 
ATOM   1442 H H    . LEU A 1 98  ? 2.888   8.632   -7.770  1.00 0.00 ? 98  LEU A H    1 
ATOM   1443 H HA   . LEU A 1 98  ? 1.559   6.237   -8.822  1.00 0.00 ? 98  LEU A HA   1 
ATOM   1444 H HB2  . LEU A 1 98  ? 1.751   7.270   -5.976  1.00 0.00 ? 98  LEU A HB2  1 
ATOM   1445 H HB3  . LEU A 1 98  ? 1.195   5.672   -6.456  1.00 0.00 ? 98  LEU A HB3  1 
ATOM   1446 H HG   . LEU A 1 98  ? 3.991   6.803   -6.802  1.00 0.00 ? 98  LEU A HG   1 
ATOM   1447 H HD11 . LEU A 1 98  ? 3.586   6.106   -4.543  1.00 0.00 ? 98  LEU A HD11 1 
ATOM   1448 H HD12 . LEU A 1 98  ? 4.485   4.793   -5.297  1.00 0.00 ? 98  LEU A HD12 1 
ATOM   1449 H HD13 . LEU A 1 98  ? 2.743   4.650   -5.066  1.00 0.00 ? 98  LEU A HD13 1 
ATOM   1450 H HD21 . LEU A 1 98  ? 4.384   4.307   -7.540  1.00 0.00 ? 98  LEU A HD21 1 
ATOM   1451 H HD22 . LEU A 1 98  ? 3.738   5.449   -8.717  1.00 0.00 ? 98  LEU A HD22 1 
ATOM   1452 H HD23 . LEU A 1 98  ? 2.657   4.321   -7.898  1.00 0.00 ? 98  LEU A HD23 1 
ATOM   1453 N N    . LYS A 1 99  ? -0.877  6.734   -8.518  1.00 0.00 ? 99  LYS A N    1 
ATOM   1454 C CA   . LYS A 1 99  ? -2.320  7.122   -8.477  1.00 0.00 ? 99  LYS A CA   1 
ATOM   1455 C C    . LYS A 1 99  ? -3.182  5.858   -8.379  1.00 0.00 ? 99  LYS A C    1 
ATOM   1456 O O    . LYS A 1 99  ? -3.016  4.923   -9.144  1.00 0.00 ? 99  LYS A O    1 
ATOM   1457 C CB   . LYS A 1 99  ? -2.681  7.881   -9.759  1.00 0.00 ? 99  LYS A CB   1 
ATOM   1458 C CG   . LYS A 1 99  ? -2.140  9.310   -9.686  1.00 0.00 ? 99  LYS A CG   1 
ATOM   1459 C CD   . LYS A 1 99  ? -2.497  10.072  -10.968 1.00 0.00 ? 99  LYS A CD   1 
ATOM   1460 C CE   . LYS A 1 99  ? -1.830  11.466  -10.966 1.00 0.00 ? 99  LYS A CE   1 
ATOM   1461 N NZ   . LYS A 1 99  ? -2.815  12.484  -11.428 1.00 0.00 ? 99  LYS A NZ   1 
ATOM   1462 H H    . LYS A 1 99  ? -0.620  5.873   -8.910  1.00 0.00 ? 99  LYS A H    1 
ATOM   1463 H HA   . LYS A 1 99  ? -2.501  7.768   -7.629  1.00 0.00 ? 99  LYS A HA   1 
ATOM   1464 H HB2  . LYS A 1 99  ? -2.234  7.381   -10.595 1.00 0.00 ? 99  LYS A HB2  1 
ATOM   1465 H HB3  . LYS A 1 99  ? -3.754  7.908   -9.880  1.00 0.00 ? 99  LYS A HB3  1 
ATOM   1466 H HG2  . LYS A 1 99  ? -2.572  9.818   -8.835  1.00 0.00 ? 99  LYS A HG2  1 
ATOM   1467 H HG3  . LYS A 1 99  ? -1.076  9.281   -9.579  1.00 0.00 ? 99  LYS A HG3  1 
ATOM   1468 H HD2  . LYS A 1 99  ? -2.160  9.506   -11.826 1.00 0.00 ? 99  LYS A HD2  1 
ATOM   1469 H HD3  . LYS A 1 99  ? -3.568  10.193  -11.021 1.00 0.00 ? 99  LYS A HD3  1 
ATOM   1470 H HE2  . LYS A 1 99  ? -1.498  11.725  -9.967  1.00 0.00 ? 99  LYS A HE2  1 
ATOM   1471 H HE3  . LYS A 1 99  ? -0.979  11.465  -11.633 1.00 0.00 ? 99  LYS A HE3  1 
ATOM   1472 H HZ1  . LYS A 1 99  ? -2.696  13.355  -10.873 1.00 0.00 ? 99  LYS A HZ1  1 
ATOM   1473 H HZ2  . LYS A 1 99  ? -3.779  12.120  -11.296 1.00 0.00 ? 99  LYS A HZ2  1 
ATOM   1474 H HZ3  . LYS A 1 99  ? -2.654  12.689  -12.435 1.00 0.00 ? 99  LYS A HZ3  1 
ATOM   1475 N N    . TYR A 1 100 ? -4.106  5.816   -7.458  1.00 0.00 ? 100 TYR A N    1 
ATOM   1476 C CA   . TYR A 1 100 ? -4.993  4.621   -7.314  1.00 0.00 ? 100 TYR A CA   1 
ATOM   1477 C C    . TYR A 1 100 ? -5.945  4.561   -8.515  1.00 0.00 ? 100 TYR A C    1 
ATOM   1478 O O    . TYR A 1 100 ? -6.464  5.568   -8.956  1.00 0.00 ? 100 TYR A O    1 
ATOM   1479 C CB   . TYR A 1 100 ? -5.823  4.784   -6.036  1.00 0.00 ? 100 TYR A CB   1 
ATOM   1480 C CG   . TYR A 1 100 ? -6.840  3.670   -5.939  1.00 0.00 ? 100 TYR A CG   1 
ATOM   1481 C CD1  . TYR A 1 100 ? -8.072  3.785   -6.611  1.00 0.00 ? 100 TYR A CD1  1 
ATOM   1482 C CD2  . TYR A 1 100 ? -6.559  2.519   -5.174  1.00 0.00 ? 100 TYR A CD2  1 
ATOM   1483 C CE1  . TYR A 1 100 ? -9.024  2.751   -6.521  1.00 0.00 ? 100 TYR A CE1  1 
ATOM   1484 C CE2  . TYR A 1 100 ? -7.513  1.485   -5.084  1.00 0.00 ? 100 TYR A CE2  1 
ATOM   1485 C CZ   . TYR A 1 100 ? -8.745  1.602   -5.758  1.00 0.00 ? 100 TYR A CZ   1 
ATOM   1486 O OH   . TYR A 1 100 ? -9.679  0.590   -5.668  1.00 0.00 ? 100 TYR A OH   1 
ATOM   1487 H H    . TYR A 1 100 ? -4.226  6.583   -6.859  1.00 0.00 ? 100 TYR A H    1 
ATOM   1488 H HA   . TYR A 1 100 ? -4.412  3.711   -7.248  1.00 0.00 ? 100 TYR A HA   1 
ATOM   1489 H HB2  . TYR A 1 100 ? -5.169  4.748   -5.177  1.00 0.00 ? 100 TYR A HB2  1 
ATOM   1490 H HB3  . TYR A 1 100 ? -6.336  5.735   -6.059  1.00 0.00 ? 100 TYR A HB3  1 
ATOM   1491 H HD1  . TYR A 1 100 ? -8.291  4.669   -7.194  1.00 0.00 ? 100 TYR A HD1  1 
ATOM   1492 H HD2  . TYR A 1 100 ? -5.615  2.431   -4.657  1.00 0.00 ? 100 TYR A HD2  1 
ATOM   1493 H HE1  . TYR A 1 100 ? -9.969  2.840   -7.037  1.00 0.00 ? 100 TYR A HE1  1 
ATOM   1494 H HE2  . TYR A 1 100 ? -7.299  0.604   -4.500  1.00 0.00 ? 100 TYR A HE2  1 
ATOM   1495 H HH   . TYR A 1 100 ? -9.232  -0.242  -5.832  1.00 0.00 ? 100 TYR A HH   1 
ATOM   1496 N N    . GLU A 1 101 ? -6.194  3.387   -9.041  1.00 0.00 ? 101 GLU A N    1 
ATOM   1497 C CA   . GLU A 1 101 ? -7.127  3.260   -10.204 1.00 0.00 ? 101 GLU A CA   1 
ATOM   1498 C C    . GLU A 1 101 ? -7.893  1.938   -10.101 1.00 0.00 ? 101 GLU A C    1 
ATOM   1499 O O    . GLU A 1 101 ? -9.024  1.895   -10.557 1.00 0.00 ? 101 GLU A O    1 
ATOM   1500 C CB   . GLU A 1 101 ? -6.329  3.293   -11.514 1.00 0.00 ? 101 GLU A CB   1 
ATOM   1501 C CG   . GLU A 1 101 ? -5.358  2.108   -11.575 1.00 0.00 ? 101 GLU A CG   1 
ATOM   1502 C CD   . GLU A 1 101 ? -4.552  2.179   -12.873 1.00 0.00 ? 101 GLU A CD   1 
ATOM   1503 O OE1  . GLU A 1 101 ? -4.772  3.107   -13.632 1.00 0.00 ? 101 GLU A OE1  1 
ATOM   1504 O OE2  . GLU A 1 101 ? -3.736  1.298   -13.090 1.00 0.00 ? 101 GLU A OE2  1 
ATOM   1505 O OXT  . GLU A 1 101 ? -7.335  0.993   -9.569  1.00 0.00 ? 101 GLU A OXT  1 
ATOM   1506 H H    . GLU A 1 101 ? -5.779  2.585   -8.660  1.00 0.00 ? 101 GLU A H    1 
ATOM   1507 H HA   . GLU A 1 101 ? -7.834  4.079   -10.196 1.00 0.00 ? 101 GLU A HA   1 
ATOM   1508 H HB2  . GLU A 1 101 ? -7.011  3.239   -12.350 1.00 0.00 ? 101 GLU A HB2  1 
ATOM   1509 H HB3  . GLU A 1 101 ? -5.769  4.215   -11.569 1.00 0.00 ? 101 GLU A HB3  1 
ATOM   1510 H HG2  . GLU A 1 101 ? -4.688  2.146   -10.729 1.00 0.00 ? 101 GLU A HG2  1 
ATOM   1511 H HG3  . GLU A 1 101 ? -5.911  1.181   -11.554 1.00 0.00 ? 101 GLU A HG3  1 
HETATM 1512 C C1   . MAN B 2 .   ? -15.283 -1.781  14.382  1.70 0.28 ? 1   MAN B C1   1 
HETATM 1513 C C2   . MAN B 2 .   ? -15.158 -2.796  13.225  1.70 0.25 ? 1   MAN B C2   1 
HETATM 1514 C C3   . MAN B 2 .   ? -14.809 -4.205  13.772  1.70 0.26 ? 1   MAN B C3   1 
HETATM 1515 C C4   . MAN B 2 .   ? -13.554 -4.212  14.683  1.70 0.30 ? 1   MAN B C4   1 
HETATM 1516 C C5   . MAN B 2 .   ? -13.697 -3.168  15.814  1.70 0.34 ? 1   MAN B C5   1 
HETATM 1517 C C6   . MAN B 2 .   ? -12.401 -2.918  16.583  1.70 0.43 ? 1   MAN B C6   1 
HETATM 1518 O O1   . MAN B 2 .   ? -16.494 -2.001  15.104  1.60 0.36 ? 1   MAN B O1   1 
HETATM 1519 O O2   . MAN B 2 .   ? -14.115 -2.382  12.302  1.60 0.23 ? 1   MAN B O2   1 
HETATM 1520 O O3   . MAN B 2 .   ? -14.596 -5.093  12.658  1.60 0.28 ? 1   MAN B O3   1 
HETATM 1521 O O4   . MAN B 2 .   ? -13.384 -5.518  15.260  1.60 0.36 ? 1   MAN B O4   1 
HETATM 1522 O O5   . MAN B 2 .   ? -14.132 -1.894  15.264  1.60 0.31 ? 1   MAN B O5   1 
HETATM 1523 O O6   . MAN B 2 .   ? -11.774 -4.145  16.954  1.60 0.49 ? 1   MAN B O6   1 
HETATM 1524 H H1   . MAN B 2 .   ? -15.307 -0.776  13.988  1.00 0.28 ? 1   MAN B H1   1 
HETATM 1525 H H2   . MAN B 2 .   ? -16.104 -2.856  12.696  1.00 0.29 ? 1   MAN B H2   1 
HETATM 1526 H H3   . MAN B 2 .   ? -15.654 -4.576  14.337  1.00 0.29 ? 1   MAN B H3   1 
HETATM 1527 H H4   . MAN B 2 .   ? -12.679 -3.986  14.084  1.00 0.31 ? 1   MAN B H4   1 
HETATM 1528 H H5   . MAN B 2 .   ? -14.456 -3.501  16.505  1.00 0.38 ? 1   MAN B H5   1 
HETATM 1529 H H61  . MAN B 2 .   ? -12.628 -2.338  17.465  1.00 0.48 ? 1   MAN B H61  1 
HETATM 1530 H H62  . MAN B 2 .   ? -11.736 -2.335  15.964  1.00 0.42 ? 1   MAN B H62  1 
HETATM 1531 H HO1  . MAN B 2 .   ? -16.632 -1.208  15.822  1.00 0.79 ? 1   MAN B HO1  1 
HETATM 1532 H HO3  . MAN B 2 .   ? -14.700 -6.009  12.939  1.00 0.72 ? 1   MAN B HO3  1 
HETATM 1533 H HO4  . MAN B 2 .   ? -13.012 -6.122  14.608  1.00 0.74 ? 1   MAN B HO4  1 
HETATM 1534 H HO6  . MAN B 2 .   ? -10.959 -3.957  17.425  1.00 0.73 ? 1   MAN B HO6  1 
HETATM 1535 C C1   . MAN B 2 .   ? -14.414 -1.416  11.273  1.70 0.27 ? 2   MAN B C1   1 
HETATM 1536 C C2   . MAN B 2 .   ? -13.241 -1.386  10.275  1.70 0.33 ? 2   MAN B C2   1 
HETATM 1537 C C3   . MAN B 2 .   ? -12.007 -0.704  10.911  1.70 0.30 ? 2   MAN B C3   1 
HETATM 1538 C C4   . MAN B 2 .   ? -12.314 0.721   11.430  1.70 0.23 ? 2   MAN B C4   1 
HETATM 1539 C C5   . MAN B 2 .   ? -13.508 0.680   12.417  1.70 0.18 ? 2   MAN B C5   1 
HETATM 1540 C C6   . MAN B 2 .   ? -14.032 2.082   12.727  1.70 0.20 ? 2   MAN B C6   1 
HETATM 1541 O O2   . MAN B 2 .   ? -13.626 -0.674  9.085   1.60 0.41 ? 2   MAN B O2   1 
HETATM 1542 O O3   . MAN B 2 .   ? -10.964 -0.629  9.926   1.60 0.40 ? 2   MAN B O3   1 
HETATM 1543 O O4   . MAN B 2 .   ? -11.160 1.242   12.106  1.60 0.24 ? 2   MAN B O4   1 
HETATM 1544 O O5   . MAN B 2 .   ? -14.604 -0.087  11.841  1.60 0.24 ? 2   MAN B O5   1 
HETATM 1545 O O6   . MAN B 2 .   ? -12.989 2.931   13.208  1.60 0.18 ? 2   MAN B O6   1 
HETATM 1546 H H1   . MAN B 2 .   ? -15.320 -1.706  10.754  1.00 0.33 ? 2   MAN B H1   1 
HETATM 1547 H H2   . MAN B 2 .   ? -12.976 -2.404  10.025  1.00 0.37 ? 2   MAN B H2   1 
HETATM 1548 H H3   . MAN B 2 .   ? -11.680 -1.308  11.748  1.00 0.28 ? 2   MAN B H3   1 
HETATM 1549 H H4   . MAN B 2 .   ? -12.566 1.347   10.580  1.00 0.27 ? 2   MAN B H4   1 
HETATM 1550 H H5   . MAN B 2 .   ? -13.183 0.219   13.337  1.00 0.17 ? 2   MAN B H5   1 
HETATM 1551 H H61  . MAN B 2 .   ? -14.814 2.008   13.466  1.00 0.25 ? 2   MAN B H61  1 
HETATM 1552 H H62  . MAN B 2 .   ? -14.461 2.501   11.829  1.00 0.24 ? 2   MAN B H62  1 
HETATM 1553 H HO2  . MAN B 2 .   ? -14.167 -1.241  8.525   1.00 0.70 ? 2   MAN B HO2  1 
HETATM 1554 H HO3  . MAN B 2 .   ? -10.107 -0.553  10.360  1.00 0.61 ? 2   MAN B HO3  1 
HETATM 1555 H HO4  . MAN B 2 .   ? -10.518 1.561   11.463  1.00 0.66 ? 2   MAN B HO4  1 
HETATM 1556 H HO6  . MAN B 2 .   ? -13.344 3.807   13.376  1.00 0.71 ? 2   MAN B HO6  1 
HETATM 1557 C C1   . MAN C 2 .   ? 4.803   3.061   -20.364 1.70 0.45 ? 1   MAN C C1   1 
HETATM 1558 C C2   . MAN C 2 .   ? 3.290   3.263   -20.134 1.70 0.37 ? 1   MAN C C2   1 
HETATM 1559 C C3   . MAN C 2 .   ? 3.000   4.736   -19.750 1.70 0.39 ? 1   MAN C C3   1 
HETATM 1560 C C4   . MAN C 2 .   ? 3.814   5.204   -18.517 1.70 0.35 ? 1   MAN C C4   1 
HETATM 1561 C C5   . MAN C 2 .   ? 5.326   4.960   -18.741 1.70 0.34 ? 1   MAN C C5   1 
HETATM 1562 C C6   . MAN C 2 .   ? 6.168   5.125   -17.479 1.70 0.29 ? 1   MAN C C6   1 
HETATM 1563 O O1   . MAN C 2 .   ? 5.204   3.683   -21.584 1.60 0.62 ? 1   MAN C O1   1 
HETATM 1564 O O2   . MAN C 2 .   ? 2.820   2.405   -19.061 1.60 0.31 ? 1   MAN C O2   1 
HETATM 1565 O O3   . MAN C 2 .   ? 1.595   4.879   -19.476 1.60 0.44 ? 1   MAN C O3   1 
HETATM 1566 O O4   . MAN C 2 .   ? 3.585   6.606   -18.290 1.60 0.51 ? 1   MAN C O4   1 
HETATM 1567 O O5   . MAN C 2 .   ? 5.547   3.609   -19.241 1.60 0.36 ? 1   MAN C O5   1 
HETATM 1568 O O6   . MAN C 2 .   ? 6.129   6.470   -17.003 1.60 0.40 ? 1   MAN C O6   1 
HETATM 1569 H H1   . MAN C 2 .   ? 5.026   2.009   -20.436 1.00 0.52 ? 1   MAN C H1   1 
HETATM 1570 H H2   . MAN C 2 .   ? 2.750   3.028   -21.047 1.00 0.45 ? 1   MAN C H2   1 
HETATM 1571 H H3   . MAN C 2 .   ? 3.244   5.370   -20.593 1.00 0.52 ? 1   MAN C H3   1 
HETATM 1572 H H4   . MAN C 2 .   ? 3.480   4.657   -17.643 1.00 0.31 ? 1   MAN C H4   1 
HETATM 1573 H H5   . MAN C 2 .   ? 5.685   5.646   -19.494 1.00 0.47 ? 1   MAN C H5   1 
HETATM 1574 H H61  . MAN C 2 .   ? 7.187   4.843   -17.701 1.00 0.34 ? 1   MAN C H61  1 
HETATM 1575 H H62  . MAN C 2 .   ? 5.795   4.454   -16.720 1.00 0.26 ? 1   MAN C H62  1 
HETATM 1576 H HO1  . MAN C 2 .   ? 6.263   3.536   -21.729 1.00 1.04 ? 1   MAN C HO1  1 
HETATM 1577 H HO3  . MAN C 2 .   ? 1.333   5.804   -19.557 1.00 0.86 ? 1   MAN C HO3  1 
HETATM 1578 H HO4  . MAN C 2 .   ? 2.727   6.738   -17.874 1.00 0.66 ? 1   MAN C HO4  1 
HETATM 1579 H HO6  . MAN C 2 .   ? 6.598   6.525   -16.167 1.00 0.71 ? 1   MAN C HO6  1 
HETATM 1580 C C1   . MAN C 2 .   ? 2.486   1.030   -19.338 1.70 0.43 ? 2   MAN C C1   1 
HETATM 1581 C C2   . MAN C 2 .   ? 1.773   0.445   -18.106 1.70 0.52 ? 2   MAN C C2   1 
HETATM 1582 C C3   . MAN C 2 .   ? 2.778   0.250   -16.945 1.70 0.58 ? 2   MAN C C3   1 
HETATM 1583 C C4   . MAN C 2 .   ? 3.987   -0.631  -17.343 1.70 0.66 ? 2   MAN C C4   1 
HETATM 1584 C C5   . MAN C 2 .   ? 4.678   -0.045  -18.600 1.70 0.59 ? 2   MAN C C5   1 
HETATM 1585 C C6   . MAN C 2 .   ? 5.689   -1.019  -19.204 1.70 0.77 ? 2   MAN C C6   1 
HETATM 1586 O O2   . MAN C 2 .   ? 1.170   -0.815  -18.449 1.60 0.66 ? 2   MAN C O2   1 
HETATM 1587 O O3   . MAN C 2 .   ? 2.093   -0.363  -15.841 1.60 0.74 ? 2   MAN C O3   1 
HETATM 1588 O O4   . MAN C 2 .   ? 4.930   -0.666  -16.261 1.60 0.72 ? 2   MAN C O4   1 
HETATM 1589 O O5   . MAN C 2 .   ? 3.681   0.249   -19.622 1.60 0.54 ? 2   MAN C O5   1 
HETATM 1590 O O6   . MAN C 2 .   ? 6.584   -1.524  -18.213 1.60 0.85 ? 2   MAN C O6   1 
HETATM 1591 H H1   . MAN C 2 .   ? 1.825   0.982   -20.194 1.00 0.45 ? 2   MAN C H1   1 
HETATM 1592 H H2   . MAN C 2 .   ? 1.012   1.144   -17.788 1.00 0.49 ? 2   MAN C H2   1 
HETATM 1593 H H3   . MAN C 2 .   ? 3.148   1.225   -16.649 1.00 0.48 ? 2   MAN C H3   1 
HETATM 1594 H H4   . MAN C 2 .   ? 3.627   -1.631  -17.559 1.00 0.78 ? 2   MAN C H4   1 
HETATM 1595 H H5   . MAN C 2 .   ? 5.193   0.862   -18.322 1.00 0.50 ? 2   MAN C H5   1 
HETATM 1596 H H61  . MAN C 2 .   ? 6.246   -0.509  -19.976 1.00 0.77 ? 2   MAN C H61  1 
HETATM 1597 H H62  . MAN C 2 .   ? 5.154   -1.837  -19.665 1.00 0.87 ? 2   MAN C H62  1 
HETATM 1598 H HO2  . MAN C 2 .   ? 0.486   -1.036  -17.809 1.00 1.03 ? 2   MAN C HO2  1 
HETATM 1599 H HO3  . MAN C 2 .   ? 2.563   -0.184  -15.021 1.00 1.03 ? 2   MAN C HO3  1 
HETATM 1600 H HO4  . MAN C 2 .   ? 4.629   -1.281  -15.584 1.00 1.02 ? 2   MAN C HO4  1 
HETATM 1601 H HO6  . MAN C 2 .   ? 7.238   -2.088  -18.632 1.00 1.35 ? 2   MAN C HO6  1 
# 
